data_6OJY
#
_entry.id   6OJY
#
_cell.length_a   115.800
_cell.length_b   119.010
_cell.length_c   178.300
_cell.angle_alpha   90.00
_cell.angle_beta   90.00
_cell.angle_gamma   90.00
#
_symmetry.space_group_name_H-M   'P 21 21 21'
#
loop_
_entity.id
_entity.type
_entity.pdbx_description
1 polymer 'Twitching motility pilus retraction ATPase'
2 polymer 'Twitching motility pilus retraction ATPase'
3 polymer 'Twitching motility pilus retraction ATPase'
4 polymer 'Twitching motility pilus retraction ATPase'
5 polymer 'Twitching motility pilus retraction ATPase'
6 non-polymer 'SULFATE ION'
7 water water
#
loop_
_entity_poly.entity_id
_entity_poly.type
_entity_poly.pdbx_seq_one_letter_code
_entity_poly.pdbx_strand_id
1 'polypeptide(L)'
;MGSSHHHHHHSSGLVPRGSHMANMHQLLTELVNRGGSDLHLTTNSPPQIRIDGKLLPLDMPPLNAVDTKQLCYSILTEQQ
(MLY)HKFEENNELDLSFGIKGLSRFRGNVFVQRGAVAGVFRVIPYKILSFEELGLPPVVRELAEKPRGLVLVTGPTGSG
KSTTLAAIIDKINTDRHEHIVTVEDPIEYLHPHKSCVVNQREVGADTKSFKNALKYILRQDPDVVLVGELRDLETIEAAL
TLAETGHLCFATLHTNSAVQTINRIVDVFPSYQQPQVRAQLSFVLEGVLSQTLLP(MLY)ASGTGRVLAIEVMVPNPAIR
NLIREDKIHQIYSQMQVGQEKFGMMTMNQCLYGLLQKRHITMDVGMGRSPDPDELKQMLTSGVRPQAPRPPMR
;
A
2 'polypeptide(L)'
;MGSSHHHHHHSSGLVPRGSHMANMHQLLTELVNRGGSDLHLTTNSPPQIRIDGKLLPLDMPPLNAVDT(MLY)QLCYSIL
TEQQ(MLY)HKFEENNELDLSFGIKGLSRFRGNVFVQRGAVAGVFRVIPYKILSFEELGLPPVVRELAEKPRGLVLVTGP
TGSGKSTTLAAIIDKINTDRHEHIVTVEDPIEYLHPHKSCVVNQREVGADTKSFKNALKYILRQDPDVVLVGELRDLETI
EAALTLAETGHLCFATLHTNSAVQTINRIVDVFPSYQQPQVRAQLSFVLEGVLSQTLLPKASGTGRVLAIEVMVPNPAIR
NLIREDKIHQIYSQMQVGQEKFGMMTMNQCLYGLLQKRHITMDVGMGRSPDPDELKQMLTSGVRPQAPRPPMR
;
B
3 'polypeptide(L)'
;MGSSHHHHHHSSGLVPRGSHMANMHQLLTELVNRGGSDLHLTTNSPPQIRIDGKLLPLDMPPLNAVDTKQLCYSILTEQQ
(MLY)HKFEENNELDLSFGIKGLSRFRGNVFVQRGAVAGVFRVIPYKILSFEELGLPPVVRELAE(MLY)PRGLVLVTGP
TGSGKSTTLAAIIDKINTDRHEHIVTVEDPIEYLHPHKSCVVNQREVGADTKSFKNALKYILRQDPDVVLVGELRDLETI
EAALTLAETGHLCFATLHTNSAVQTINRIVDVFPSYQQPQVRAQLSFVLEGVLSQTLLPKASGTGRVLAIEVMVPNPAIR
NLIREDKIHQIYSQMQVGQEKFGMMTMNQCLYGLLQKRHITMDVGMGRSPDPDELKQMLTSGVRPQAPRPPMR
;
C
4 'polypeptide(L)'
;MGSSHHHHHHSSGLVPRGSHMANMHQLLTELVNRGGSDLHLTTNSPPQIRIDGKLLPLDMPPLNAVDTKQLCYSILTEQQ
KHKFEENNELDLSFGIKGLSRFRGNVFVQRGAVAGVFRVIPYKILSFEELGLPPVVRELAE(MLY)PRGLVLVTGPTGSG
KSTTLAAIIDKINTDRHEHIVTVEDPIEYLHPH(MLY)SCVVNQREVGADTKSFKNALKYILRQDPDVVLVGELRDLETI
EAALTLAETGHLCFATLHTNSAVQTINRIVDVFPSYQQPQVRAQLSFVLEGVLSQTLLPKASGTGRVLAIEVMVPNPAIR
NLIREDKIHQIYSQMQVGQEKFGMMTMNQCLYGLLQKRHITMDVGMGRSPDPDELKQMLTSGVRPQAPRPPMR
;
D,E
5 'polypeptide(L)'
;MGSSHHHHHHSSGLVPRGSHMANMHQLLTELVNRGGSDLHLTTNSPPQIRIDGKLLPLDMPPLNAVDTKQLCYSILTEQQ
KH(MLY)FEENNELDLSFGIKGLSRFRGNVFVQRGAVAGVFRVIPYKILSFEELGLPPVVRELAEKPRGLVLVTGPTGSG
KSTTLAAIIDKINTDRHEHIVTVEDPIEYLHPHKSCVVNQREVGADTKSFKNALKYILRQDPDVVLVGELRDLETIEAAL
TLAETGHLCFATLHTNSAVQTINRIVDVFPSYQQPQVRAQLSFVLEGVLSQTLLPKASGTGRVLAIEVMVPNPAIRNLIR
EDKIHQIYSQMQVGQEKFGMMTMNQCLYGLLQKRHITMDVGMGRSPDPDELKQMLTSGVRPQAPRPPMR
;
F
#
loop_
_chem_comp.id
_chem_comp.type
_chem_comp.name
_chem_comp.formula
SO4 non-polymer 'SULFATE ION' 'O4 S -2'
#
# COMPACT_ATOMS: atom_id res chain seq x y z
N ALA A 22 -10.53 25.27 48.07
CA ALA A 22 -11.78 24.66 47.63
C ALA A 22 -12.07 25.00 46.17
N ASN A 23 -11.39 26.02 45.63
CA ASN A 23 -11.51 26.35 44.22
C ASN A 23 -10.23 25.95 43.51
N MET A 24 -10.19 26.19 42.19
CA MET A 24 -9.03 25.78 41.40
C MET A 24 -7.77 26.54 41.81
N HIS A 25 -7.91 27.82 42.15
CA HIS A 25 -6.74 28.61 42.56
C HIS A 25 -6.09 28.07 43.82
N GLN A 26 -6.91 27.64 44.79
CA GLN A 26 -6.35 27.15 46.04
C GLN A 26 -5.71 25.78 45.85
N LEU A 27 -6.32 24.93 45.02
CA LEU A 27 -5.73 23.61 44.77
C LEU A 27 -4.38 23.72 44.07
N LEU A 28 -4.26 24.58 43.06
CA LEU A 28 -2.99 24.73 42.37
C LEU A 28 -1.91 25.40 43.22
N THR A 29 -2.28 26.34 44.09
CA THR A 29 -1.29 26.91 45.00
C THR A 29 -0.77 25.87 45.97
N GLU A 30 -1.66 25.02 46.49
CA GLU A 30 -1.24 23.94 47.38
C GLU A 30 -0.38 22.93 46.66
N LEU A 31 -0.69 22.64 45.39
CA LEU A 31 0.17 21.74 44.61
C LEU A 31 1.60 22.26 44.55
N VAL A 32 1.77 23.56 44.27
CA VAL A 32 3.13 24.11 44.22
C VAL A 32 3.75 24.12 45.62
N ASN A 33 2.99 24.63 46.61
CA ASN A 33 3.51 24.80 47.96
C ASN A 33 3.93 23.47 48.59
N ARG A 34 3.25 22.38 48.25
CA ARG A 34 3.54 21.08 48.84
C ARG A 34 4.56 20.28 48.04
N GLY A 35 5.19 20.91 47.05
CA GLY A 35 6.19 20.24 46.26
C GLY A 35 5.63 19.10 45.43
N GLY A 36 4.36 19.17 45.08
CA GLY A 36 3.77 18.15 44.25
C GLY A 36 4.14 18.30 42.79
N SER A 37 4.05 17.20 42.07
CA SER A 37 4.28 17.29 40.64
C SER A 37 2.98 17.36 39.85
N ASP A 38 1.93 16.67 40.31
CA ASP A 38 0.69 16.56 39.55
C ASP A 38 -0.51 16.64 40.49
N LEU A 39 -1.55 17.36 40.05
CA LEU A 39 -2.83 17.37 40.74
C LEU A 39 -3.87 16.61 39.91
N HIS A 40 -4.59 15.70 40.56
CA HIS A 40 -5.60 14.88 39.90
C HIS A 40 -6.99 15.24 40.44
N LEU A 41 -7.94 15.48 39.53
CA LEU A 41 -9.32 15.78 39.89
C LEU A 41 -10.24 14.84 39.13
N THR A 42 -10.96 14.00 39.88
CA THR A 42 -11.91 13.06 39.30
C THR A 42 -12.98 12.77 40.34
N THR A 43 -14.11 12.23 39.86
CA THR A 43 -15.27 12.02 40.73
C THR A 43 -15.01 10.88 41.71
N ASN A 44 -15.66 10.99 42.86
CA ASN A 44 -15.62 10.00 43.95
C ASN A 44 -14.27 9.93 44.62
N SER A 45 -13.39 10.88 44.33
CA SER A 45 -12.12 11.01 45.03
C SER A 45 -11.91 12.47 45.40
N PRO A 46 -11.27 12.71 46.55
CA PRO A 46 -10.80 14.07 46.86
C PRO A 46 -9.72 14.49 45.89
N PRO A 47 -9.40 15.77 45.80
CA PRO A 47 -8.22 16.17 45.03
C PRO A 47 -7.01 15.43 45.55
N GLN A 48 -6.18 14.95 44.62
CA GLN A 48 -4.98 14.19 44.96
C GLN A 48 -3.77 14.83 44.30
N ILE A 49 -2.66 14.82 45.02
CA ILE A 49 -1.40 15.39 44.55
C ILE A 49 -0.34 14.31 44.56
N ARG A 50 0.48 14.28 43.51
CA ARG A 50 1.58 13.34 43.40
C ARG A 50 2.84 13.97 43.97
N ILE A 51 3.36 13.37 45.04
CA ILE A 51 4.59 13.83 45.68
C ILE A 51 5.58 12.69 45.61
N ASP A 52 6.74 12.94 44.98
CA ASP A 52 7.79 11.93 44.81
C ASP A 52 7.25 10.68 44.14
N GLY A 53 6.31 10.86 43.21
CA GLY A 53 5.78 9.80 42.39
C GLY A 53 4.52 9.13 42.90
N LYS A 54 4.13 9.34 44.15
CA LYS A 54 2.99 8.64 44.72
C LYS A 54 1.90 9.64 45.07
N LEU A 55 0.67 9.25 44.79
CA LEU A 55 -0.48 10.11 45.04
C LEU A 55 -0.84 10.08 46.52
N LEU A 56 -1.24 11.25 47.03
CA LEU A 56 -1.70 11.41 48.41
C LEU A 56 -2.95 12.27 48.33
N PRO A 57 -4.06 11.80 48.87
CA PRO A 57 -5.29 12.58 48.85
C PRO A 57 -5.28 13.72 49.84
N LEU A 58 -5.85 14.85 49.43
CA LEU A 58 -6.03 16.00 50.29
C LEU A 58 -7.20 15.78 51.23
N ASP A 59 -7.15 16.47 52.38
CA ASP A 59 -8.16 16.32 53.43
C ASP A 59 -9.41 17.13 53.07
N MET A 60 -10.16 16.60 52.10
CA MET A 60 -11.34 17.25 51.57
C MET A 60 -12.38 16.20 51.23
N PRO A 61 -13.66 16.61 51.15
CA PRO A 61 -14.70 15.66 50.74
C PRO A 61 -14.48 15.22 49.30
N PRO A 62 -14.98 14.04 48.92
CA PRO A 62 -14.87 13.61 47.53
C PRO A 62 -15.67 14.51 46.60
N LEU A 63 -15.16 14.67 45.38
CA LEU A 63 -15.79 15.51 44.36
C LEU A 63 -16.89 14.74 43.65
N ASN A 64 -17.86 15.47 43.12
CA ASN A 64 -18.87 14.91 42.23
C ASN A 64 -18.65 15.44 40.81
N ALA A 65 -19.52 15.02 39.89
CA ALA A 65 -19.34 15.41 38.49
C ALA A 65 -19.51 16.91 38.29
N VAL A 66 -20.40 17.54 39.06
CA VAL A 66 -20.55 18.99 39.01
C VAL A 66 -19.27 19.69 39.46
N ASP A 67 -18.62 19.16 40.51
CA ASP A 67 -17.41 19.78 41.03
C ASP A 67 -16.27 19.71 40.03
N THR A 68 -15.99 18.53 39.48
CA THR A 68 -14.86 18.40 38.58
C THR A 68 -15.06 19.24 37.33
N LYS A 69 -16.32 19.51 36.95
CA LYS A 69 -16.59 20.34 35.79
C LYS A 69 -16.35 21.81 36.08
N GLN A 70 -16.88 22.30 37.21
CA GLN A 70 -16.64 23.70 37.57
C GLN A 70 -15.16 23.96 37.77
N LEU A 71 -14.45 23.04 38.43
CA LEU A 71 -13.03 23.23 38.69
C LEU A 71 -12.22 23.23 37.39
N CYS A 72 -12.45 22.26 36.51
CA CYS A 72 -11.67 22.21 35.29
C CYS A 72 -12.02 23.35 34.34
N TYR A 73 -13.29 23.70 34.24
CA TYR A 73 -13.69 24.80 33.37
C TYR A 73 -13.23 26.15 33.85
N SER A 74 -12.96 26.31 35.16
CA SER A 74 -12.58 27.61 35.69
C SER A 74 -11.25 28.12 35.14
N ILE A 75 -10.45 27.26 34.52
CA ILE A 75 -9.15 27.65 34.00
C ILE A 75 -9.09 27.56 32.47
N LEU A 76 -10.25 27.47 31.81
CA LEU A 76 -10.32 27.39 30.37
C LEU A 76 -10.89 28.68 29.79
N THR A 77 -10.43 29.02 28.59
CA THR A 77 -11.06 30.09 27.83
C THR A 77 -12.33 29.56 27.19
N GLU A 78 -13.15 30.47 26.68
CA GLU A 78 -14.38 30.05 26.05
C GLU A 78 -14.12 29.19 24.83
N GLN A 79 -13.12 29.55 24.01
CA GLN A 79 -12.80 28.75 22.84
C GLN A 79 -12.31 27.36 23.22
N GLN A 80 -11.56 27.27 24.32
CA GLN A 80 -11.02 25.99 24.81
C GLN A 80 -12.12 25.08 25.34
N MLY A 81 -13.17 25.67 25.91
CA MLY A 81 -14.30 24.90 26.41
CB MLY A 81 -15.24 25.77 27.25
CG MLY A 81 -14.62 26.34 28.51
CD MLY A 81 -15.63 27.22 29.23
CE MLY A 81 -14.95 28.23 30.12
NZ MLY A 81 -15.97 29.16 30.68
CH1 MLY A 81 -15.84 29.12 32.14
CH2 MLY A 81 -15.63 30.52 30.21
C MLY A 81 -15.08 24.28 25.25
O MLY A 81 -15.60 23.17 25.39
N HIS A 82 -15.14 24.99 24.14
CA HIS A 82 -15.85 24.47 22.96
C HIS A 82 -15.10 23.31 22.34
N LYS A 83 -13.76 23.43 22.28
CA LYS A 83 -12.96 22.37 21.69
C LYS A 83 -12.93 21.13 22.56
N PHE A 84 -12.99 21.30 23.89
CA PHE A 84 -13.10 20.14 24.76
C PHE A 84 -14.43 19.43 24.62
N GLU A 85 -15.52 20.18 24.48
CA GLU A 85 -16.84 19.59 24.35
C GLU A 85 -17.03 18.91 23.01
N GLU A 86 -16.22 19.25 22.02
CA GLU A 86 -16.30 18.62 20.71
C GLU A 86 -15.60 17.27 20.67
N ASN A 87 -14.56 17.09 21.48
CA ASN A 87 -13.72 15.90 21.41
C ASN A 87 -13.67 15.11 22.71
N ASN A 88 -14.17 15.67 23.81
CA ASN A 88 -14.02 15.10 25.15
C ASN A 88 -12.56 14.93 25.50
N GLU A 89 -11.68 15.66 24.79
CA GLU A 89 -10.25 15.68 25.06
C GLU A 89 -9.74 17.11 24.86
N LEU A 90 -8.74 17.48 25.65
CA LEU A 90 -8.11 18.79 25.50
C LEU A 90 -6.77 18.83 26.22
N ASP A 91 -5.72 19.20 25.49
CA ASP A 91 -4.43 19.58 26.03
C ASP A 91 -4.29 21.10 25.98
N LEU A 92 -3.71 21.67 27.04
CA LEU A 92 -3.52 23.12 27.11
C LEU A 92 -2.46 23.44 28.15
N SER A 93 -1.99 24.68 28.10
CA SER A 93 -1.12 25.25 29.12
C SER A 93 -1.66 26.64 29.46
N PHE A 94 -1.38 27.07 30.68
CA PHE A 94 -1.87 28.34 31.16
C PHE A 94 -0.98 28.81 32.31
N GLY A 95 -1.09 30.10 32.62
CA GLY A 95 -0.33 30.70 33.68
C GLY A 95 -1.24 31.31 34.72
N ILE A 96 -0.78 31.30 35.97
CA ILE A 96 -1.43 32.00 37.07
C ILE A 96 -0.45 33.05 37.55
N LYS A 97 -0.83 34.32 37.41
CA LYS A 97 0.10 35.41 37.69
C LYS A 97 0.59 35.34 39.13
N GLY A 98 1.92 35.47 39.30
CA GLY A 98 2.50 35.40 40.61
C GLY A 98 2.65 34.00 41.19
N LEU A 99 2.30 32.95 40.45
CA LEU A 99 2.38 31.60 40.98
C LEU A 99 3.29 30.67 40.18
N SER A 100 2.84 30.21 39.02
CA SER A 100 3.53 29.18 38.26
C SER A 100 2.86 29.05 36.90
N ARG A 101 3.54 28.35 35.98
CA ARG A 101 2.86 27.89 34.79
C ARG A 101 2.39 26.45 35.02
N PHE A 102 1.43 26.01 34.19
CA PHE A 102 0.85 24.68 34.37
C PHE A 102 0.49 24.04 33.04
N ARG A 103 0.66 22.72 32.97
CA ARG A 103 0.12 21.89 31.91
C ARG A 103 -1.11 21.14 32.35
N GLY A 104 -2.20 21.28 31.60
CA GLY A 104 -3.46 20.66 31.95
C GLY A 104 -3.87 19.65 30.89
N ASN A 105 -4.51 18.58 31.32
CA ASN A 105 -5.24 17.70 30.40
C ASN A 105 -6.62 17.51 30.99
N VAL A 106 -7.65 17.71 30.17
CA VAL A 106 -9.03 17.52 30.60
C VAL A 106 -9.64 16.42 29.72
N PHE A 107 -10.37 15.51 30.36
CA PHE A 107 -11.02 14.42 29.64
C PHE A 107 -12.32 14.07 30.37
N VAL A 108 -12.98 13.02 29.90
CA VAL A 108 -14.24 12.55 30.44
C VAL A 108 -14.12 11.07 30.77
N GLN A 109 -14.63 10.70 31.94
CA GLN A 109 -14.66 9.31 32.38
C GLN A 109 -15.92 9.07 33.20
N ARG A 110 -16.61 7.97 32.88
CA ARG A 110 -17.89 7.60 33.51
C ARG A 110 -18.87 8.77 33.50
N GLY A 111 -18.93 9.48 32.38
CA GLY A 111 -19.91 10.53 32.23
C GLY A 111 -19.62 11.82 32.96
N ALA A 112 -18.40 12.00 33.47
CA ALA A 112 -18.07 13.19 34.25
C ALA A 112 -16.75 13.77 33.79
N VAL A 113 -16.54 15.06 34.08
CA VAL A 113 -15.29 15.70 33.71
C VAL A 113 -14.18 15.21 34.61
N ALA A 114 -12.99 15.05 34.05
CA ALA A 114 -11.80 14.74 34.83
C ALA A 114 -10.65 15.58 34.31
N GLY A 115 -9.65 15.78 35.16
CA GLY A 115 -8.53 16.63 34.81
C GLY A 115 -7.25 16.24 35.52
N VAL A 116 -6.12 16.44 34.85
CA VAL A 116 -4.81 16.27 35.47
C VAL A 116 -3.99 17.51 35.14
N PHE A 117 -3.25 18.03 36.12
CA PHE A 117 -2.56 19.31 35.93
C PHE A 117 -1.16 19.22 36.50
N ARG A 118 -0.17 19.51 35.68
CA ARG A 118 1.24 19.43 36.06
C ARG A 118 1.80 20.84 36.21
N VAL A 119 2.55 21.08 37.28
CA VAL A 119 3.31 22.32 37.40
C VAL A 119 4.54 22.24 36.50
N ILE A 120 4.86 23.32 35.79
CA ILE A 120 6.08 23.39 35.01
C ILE A 120 6.95 24.48 35.65
N PRO A 121 7.91 24.10 36.50
CA PRO A 121 8.68 25.15 37.20
C PRO A 121 9.59 25.96 36.29
N TYR A 122 9.71 27.25 36.60
CA TYR A 122 10.72 28.07 35.91
C TYR A 122 12.12 27.81 36.48
N LYS A 123 12.21 27.54 37.79
CA LYS A 123 13.51 27.35 38.45
C LYS A 123 13.91 25.89 38.67
N ILE A 124 15.07 25.57 38.11
CA ILE A 124 15.74 24.27 38.16
C ILE A 124 16.65 24.13 39.38
N LEU A 125 16.55 23.01 40.10
CA LEU A 125 17.46 22.84 41.23
C LEU A 125 18.82 22.47 40.63
N SER A 126 19.88 22.65 41.40
CA SER A 126 21.23 22.45 40.90
C SER A 126 21.61 20.97 40.84
N PHE A 127 22.79 20.70 40.30
CA PHE A 127 23.26 19.33 40.12
C PHE A 127 23.39 18.61 41.47
N GLU A 128 23.98 19.29 42.46
CA GLU A 128 24.19 18.66 43.74
C GLU A 128 22.87 18.40 44.47
N GLU A 129 21.90 19.29 44.29
CA GLU A 129 20.58 19.08 44.87
C GLU A 129 19.91 17.86 44.26
N LEU A 130 20.15 17.59 42.97
CA LEU A 130 19.54 16.44 42.32
C LEU A 130 20.29 15.14 42.57
N GLY A 131 21.46 15.18 43.20
CA GLY A 131 22.19 13.94 43.40
C GLY A 131 22.94 13.47 42.18
N LEU A 132 23.28 14.39 41.26
CA LEU A 132 24.01 14.10 40.03
C LEU A 132 25.51 14.20 40.25
N PRO A 133 26.29 13.24 39.76
CA PRO A 133 27.73 13.23 40.02
C PRO A 133 28.43 14.38 39.31
N PRO A 134 29.65 14.71 39.73
CA PRO A 134 30.36 15.84 39.11
C PRO A 134 30.59 15.71 37.62
N VAL A 135 30.57 14.50 37.07
CA VAL A 135 30.79 14.33 35.64
C VAL A 135 29.66 14.96 34.84
N VAL A 136 28.46 15.04 35.40
CA VAL A 136 27.36 15.69 34.71
C VAL A 136 27.64 17.18 34.52
N ARG A 137 28.28 17.81 35.51
CA ARG A 137 28.64 19.21 35.33
C ARG A 137 29.65 19.37 34.21
N GLU A 138 30.57 18.41 34.09
CA GLU A 138 31.57 18.48 33.02
C GLU A 138 30.97 18.19 31.66
N LEU A 139 29.91 17.38 31.60
CA LEU A 139 29.26 17.19 30.31
C LEU A 139 28.63 18.48 29.81
N ALA A 140 28.17 19.33 30.74
CA ALA A 140 27.61 20.62 30.38
C ALA A 140 28.64 21.59 29.81
N GLU A 141 29.92 21.28 29.93
CA GLU A 141 30.97 22.12 29.41
C GLU A 141 31.50 21.65 28.06
N LYS A 142 30.93 20.58 27.51
CA LYS A 142 31.42 20.05 26.25
C LYS A 142 31.10 21.00 25.11
N PRO A 143 32.02 21.23 24.20
CA PRO A 143 31.76 22.10 23.04
C PRO A 143 30.93 21.44 21.95
N ARG A 144 31.02 20.12 21.85
CA ARG A 144 30.36 19.43 20.75
C ARG A 144 30.09 17.99 21.12
N GLY A 145 29.20 17.38 20.36
CA GLY A 145 28.92 15.97 20.51
C GLY A 145 27.47 15.67 20.81
N LEU A 146 27.23 14.39 21.05
CA LEU A 146 25.90 13.87 21.35
C LEU A 146 25.93 13.40 22.80
N VAL A 147 25.01 13.92 23.60
CA VAL A 147 24.87 13.51 24.99
C VAL A 147 23.48 12.94 25.16
N LEU A 148 23.39 11.70 25.62
CA LEU A 148 22.11 11.03 25.73
C LEU A 148 21.82 10.82 27.21
N VAL A 149 20.63 11.22 27.64
CA VAL A 149 20.16 11.01 28.99
C VAL A 149 18.95 10.10 28.87
N THR A 150 19.04 8.87 29.36
CA THR A 150 17.98 7.92 29.07
C THR A 150 17.36 7.37 30.33
N GLY A 151 16.20 6.72 30.14
CA GLY A 151 15.47 6.09 31.22
C GLY A 151 13.97 6.09 31.05
N PRO A 152 13.28 5.38 31.94
CA PRO A 152 11.80 5.34 31.90
C PRO A 152 11.20 6.69 32.29
N THR A 153 9.89 6.80 32.14
CA THR A 153 9.19 8.03 32.49
C THR A 153 9.36 8.35 33.98
N GLY A 154 9.67 9.60 34.25
CA GLY A 154 9.83 10.09 35.61
C GLY A 154 11.05 9.59 36.33
N SER A 155 12.12 9.32 35.60
CA SER A 155 13.35 8.81 36.17
C SER A 155 14.35 9.95 36.33
N GLY A 156 13.88 11.18 36.21
CA GLY A 156 14.71 12.36 36.40
C GLY A 156 15.34 12.92 35.16
N LYS A 157 14.90 12.50 33.96
CA LYS A 157 15.62 12.91 32.76
C LYS A 157 15.50 14.41 32.52
N SER A 158 14.28 14.94 32.59
CA SER A 158 14.09 16.37 32.35
C SER A 158 14.81 17.22 33.38
N THR A 159 14.87 16.77 34.64
CA THR A 159 15.57 17.57 35.64
C THR A 159 17.05 17.62 35.35
N THR A 160 17.66 16.49 34.97
CA THR A 160 19.07 16.51 34.57
C THR A 160 19.29 17.39 33.36
N LEU A 161 18.44 17.25 32.34
CA LEU A 161 18.59 18.09 31.15
C LEU A 161 18.41 19.56 31.47
N ALA A 162 17.44 19.89 32.35
CA ALA A 162 17.23 21.29 32.72
C ALA A 162 18.42 21.84 33.49
N ALA A 163 19.05 21.02 34.34
CA ALA A 163 20.22 21.48 35.06
C ALA A 163 21.39 21.73 34.12
N ILE A 164 21.58 20.83 33.13
CA ILE A 164 22.64 20.99 32.15
C ILE A 164 22.41 22.23 31.30
N ILE A 165 21.19 22.37 30.77
CA ILE A 165 20.91 23.51 29.92
C ILE A 165 21.02 24.81 30.70
N ASP A 166 20.65 24.80 31.98
CA ASP A 166 20.76 26.01 32.78
C ASP A 166 22.22 26.40 32.99
N LYS A 167 23.10 25.41 33.15
CA LYS A 167 24.52 25.71 33.26
C LYS A 167 25.06 26.29 31.96
N ILE A 168 24.66 25.70 30.82
CA ILE A 168 25.05 26.23 29.52
C ILE A 168 24.52 27.66 29.37
N ASN A 169 23.24 27.85 29.70
CA ASN A 169 22.64 29.18 29.64
C ASN A 169 23.41 30.16 30.49
N THR A 170 23.93 29.71 31.63
CA THR A 170 24.64 30.59 32.54
C THR A 170 26.02 30.94 32.00
N ASP A 171 26.69 29.98 31.35
CA ASP A 171 28.12 30.11 31.06
C ASP A 171 28.43 30.53 29.64
N ARG A 172 27.54 30.31 28.69
CA ARG A 172 27.85 30.53 27.29
C ARG A 172 27.07 31.70 26.70
N HIS A 173 27.63 32.27 25.64
CA HIS A 173 26.93 33.26 24.83
C HIS A 173 26.60 32.62 23.48
N GLU A 174 25.70 31.66 23.52
CA GLU A 174 25.36 30.84 22.37
C GLU A 174 23.86 30.73 22.25
N HIS A 175 23.41 30.07 21.20
CA HIS A 175 22.00 29.95 20.89
C HIS A 175 21.55 28.54 21.20
N ILE A 176 20.64 28.40 22.16
CA ILE A 176 20.10 27.11 22.54
C ILE A 176 18.69 27.00 21.98
N VAL A 177 18.41 25.94 21.24
CA VAL A 177 17.08 25.65 20.74
C VAL A 177 16.69 24.29 21.28
N THR A 178 15.51 24.21 21.88
CA THR A 178 14.97 22.93 22.31
C THR A 178 13.67 22.65 21.58
N VAL A 179 13.48 21.38 21.26
CA VAL A 179 12.24 20.87 20.69
C VAL A 179 11.75 19.80 21.64
N GLU A 180 10.56 19.99 22.19
CA GLU A 180 10.12 19.19 23.32
C GLU A 180 8.66 18.83 23.10
N ASP A 181 8.28 17.65 23.59
CA ASP A 181 6.91 17.15 23.44
C ASP A 181 6.47 16.50 24.75
N PRO A 182 6.02 17.29 25.74
CA PRO A 182 5.91 18.76 25.77
C PRO A 182 7.11 19.42 26.46
N ILE A 183 7.13 20.75 26.56
CA ILE A 183 8.14 21.44 27.34
C ILE A 183 7.95 21.13 28.83
N GLU A 184 8.98 20.65 29.50
CA GLU A 184 8.78 20.41 30.93
C GLU A 184 9.42 21.44 31.86
N TYR A 185 10.36 22.25 31.38
CA TYR A 185 11.01 23.29 32.18
C TYR A 185 11.20 24.51 31.29
N LEU A 186 10.90 25.70 31.82
CA LEU A 186 11.17 26.95 31.13
C LEU A 186 12.53 27.50 31.52
N HIS A 187 13.24 28.02 30.51
CA HIS A 187 14.59 28.57 30.69
C HIS A 187 14.59 30.04 30.29
N PRO A 188 14.44 30.95 31.25
CA PRO A 188 14.62 32.37 30.96
C PRO A 188 16.00 32.65 30.36
N HIS A 189 16.07 33.63 29.47
CA HIS A 189 17.36 34.01 28.88
C HIS A 189 18.31 34.51 29.96
N LYS A 190 19.53 33.97 29.96
CA LYS A 190 20.62 34.51 30.77
C LYS A 190 21.70 35.04 29.84
N SER A 191 22.81 34.32 29.73
CA SER A 191 23.80 34.70 28.74
C SER A 191 23.54 34.08 27.37
N CYS A 192 22.76 33.00 27.31
CA CYS A 192 22.41 32.40 26.04
C CYS A 192 21.10 33.03 25.50
N VAL A 193 20.85 32.80 24.22
CA VAL A 193 19.52 32.98 23.63
C VAL A 193 18.87 31.60 23.62
N VAL A 194 17.72 31.47 24.29
CA VAL A 194 17.06 30.17 24.42
C VAL A 194 15.70 30.22 23.74
N ASN A 195 15.52 29.39 22.71
CA ASN A 195 14.26 29.24 22.02
C ASN A 195 13.76 27.83 22.24
N GLN A 196 12.52 27.71 22.71
CA GLN A 196 11.93 26.42 23.04
C GLN A 196 10.63 26.22 22.25
N ARG A 197 10.60 25.17 21.45
CA ARG A 197 9.49 24.89 20.58
C ARG A 197 8.77 23.67 21.12
N GLU A 198 7.46 23.81 21.35
CA GLU A 198 6.64 22.73 21.87
C GLU A 198 5.95 22.03 20.71
N VAL A 199 6.12 20.71 20.63
CA VAL A 199 5.48 19.94 19.59
C VAL A 199 3.96 19.98 19.76
N GLY A 200 3.24 20.17 18.66
CA GLY A 200 1.81 20.23 18.70
C GLY A 200 1.22 21.60 18.91
N ALA A 201 2.05 22.60 19.12
CA ALA A 201 1.58 23.97 19.29
C ALA A 201 2.52 24.91 18.54
N ASP A 202 3.78 24.94 18.98
CA ASP A 202 4.78 25.76 18.33
C ASP A 202 5.21 25.15 17.01
N THR A 203 5.28 23.83 16.93
CA THR A 203 5.71 23.20 15.70
C THR A 203 4.87 21.95 15.45
N LYS A 204 4.71 21.58 14.18
CA LYS A 204 3.81 20.49 13.85
C LYS A 204 4.35 19.16 14.37
N SER A 205 5.67 18.99 14.35
CA SER A 205 6.26 17.69 14.66
C SER A 205 7.75 17.90 14.87
N PHE A 206 8.39 16.87 15.42
CA PHE A 206 9.85 16.86 15.48
C PHE A 206 10.45 16.98 14.10
N LYS A 207 9.85 16.31 13.11
CA LYS A 207 10.39 16.34 11.74
C LYS A 207 10.40 17.76 11.20
N ASN A 208 9.33 18.53 11.43
CA ASN A 208 9.30 19.87 10.86
C ASN A 208 10.27 20.80 11.58
N ALA A 209 10.35 20.68 12.91
CA ALA A 209 11.32 21.50 13.63
C ALA A 209 12.74 21.16 13.20
N LEU A 210 13.05 19.86 13.11
CA LEU A 210 14.37 19.42 12.71
C LEU A 210 14.66 19.75 11.24
N LYS A 211 13.62 19.93 10.42
CA LYS A 211 13.84 20.28 9.02
C LYS A 211 14.42 21.67 8.88
N TYR A 212 14.12 22.55 9.83
CA TYR A 212 14.53 23.94 9.79
C TYR A 212 15.57 24.28 10.84
N ILE A 213 15.96 23.33 11.71
CA ILE A 213 16.79 23.69 12.84
C ILE A 213 18.17 24.15 12.40
N LEU A 214 18.67 23.65 11.26
CA LEU A 214 19.96 24.12 10.78
C LEU A 214 19.89 25.54 10.23
N ARG A 215 18.71 26.02 9.90
CA ARG A 215 18.52 27.38 9.40
C ARG A 215 18.29 28.38 10.52
N GLN A 216 18.39 27.96 11.78
CA GLN A 216 18.11 28.80 12.93
C GLN A 216 19.37 29.13 13.72
N ASP A 217 20.56 28.91 13.15
CA ASP A 217 21.84 29.25 13.75
C ASP A 217 21.97 28.74 15.18
N PRO A 218 21.72 27.46 15.43
CA PRO A 218 21.86 26.95 16.79
C PRO A 218 23.30 26.55 17.11
N ASP A 219 23.59 26.51 18.40
CA ASP A 219 24.81 25.94 18.95
C ASP A 219 24.54 24.70 19.79
N VAL A 220 23.46 24.72 20.56
CA VAL A 220 23.08 23.60 21.41
C VAL A 220 21.65 23.26 21.09
N VAL A 221 21.35 21.97 20.93
CA VAL A 221 20.01 21.55 20.53
C VAL A 221 19.60 20.38 21.41
N LEU A 222 18.40 20.46 21.96
CA LEU A 222 17.72 19.38 22.67
C LEU A 222 16.61 18.86 21.78
N VAL A 223 16.65 17.57 21.45
CA VAL A 223 15.71 17.04 20.48
C VAL A 223 14.70 16.08 21.10
N GLY A 224 14.76 15.83 22.41
CA GLY A 224 13.77 14.94 22.99
C GLY A 224 14.10 13.48 22.72
N GLU A 225 13.04 12.67 22.66
CA GLU A 225 13.24 11.23 22.50
C GLU A 225 13.65 10.93 21.07
N LEU A 226 14.57 9.99 20.91
CA LEU A 226 14.96 9.44 19.61
C LEU A 226 13.94 8.41 19.14
N ARG A 227 12.81 8.92 18.65
CA ARG A 227 11.65 8.06 18.41
C ARG A 227 11.73 7.30 17.11
N ASP A 228 12.42 7.83 16.10
CA ASP A 228 12.46 7.17 14.80
C ASP A 228 13.81 7.39 14.14
N LEU A 229 13.99 6.78 12.97
CA LEU A 229 15.25 6.88 12.24
C LEU A 229 15.54 8.33 11.87
N GLU A 230 14.52 9.05 11.39
CA GLU A 230 14.71 10.44 11.00
C GLU A 230 15.30 11.25 12.15
N THR A 231 14.79 11.05 13.37
CA THR A 231 15.30 11.83 14.48
C THR A 231 16.71 11.40 14.86
N ILE A 232 16.99 10.10 14.81
CA ILE A 232 18.35 9.63 15.08
C ILE A 232 19.33 10.23 14.08
N GLU A 233 18.97 10.21 12.80
CA GLU A 233 19.85 10.79 11.79
C GLU A 233 20.01 12.29 12.00
N ALA A 234 18.94 12.96 12.43
CA ALA A 234 18.99 14.39 12.71
C ALA A 234 19.95 14.69 13.87
N ALA A 235 19.90 13.86 14.92
CA ALA A 235 20.77 14.09 16.07
C ALA A 235 22.22 13.84 15.71
N LEU A 236 22.48 12.79 14.91
CA LEU A 236 23.84 12.50 14.45
C LEU A 236 24.40 13.60 13.56
N THR A 237 23.56 14.17 12.67
CA THR A 237 24.07 15.25 11.82
C THR A 237 24.38 16.51 12.64
N LEU A 238 23.52 16.86 13.59
CA LEU A 238 23.78 18.02 14.45
C LEU A 238 25.10 17.84 15.19
N ALA A 239 25.32 16.68 15.79
CA ALA A 239 26.53 16.42 16.56
C ALA A 239 27.76 16.39 15.67
N GLU A 240 27.61 16.10 14.38
CA GLU A 240 28.76 16.04 13.48
C GLU A 240 29.12 17.40 12.93
N THR A 241 28.15 18.32 12.89
CA THR A 241 28.34 19.63 12.31
C THR A 241 28.74 20.69 13.33
N GLY A 242 29.29 20.29 14.47
CA GLY A 242 29.78 21.26 15.40
C GLY A 242 28.81 21.71 16.47
N HIS A 243 27.74 20.95 16.70
CA HIS A 243 26.75 21.33 17.70
C HIS A 243 26.78 20.36 18.87
N LEU A 244 26.29 20.84 20.00
CA LEU A 244 26.05 19.99 21.16
C LEU A 244 24.59 19.57 21.13
N CYS A 245 24.34 18.28 20.95
CA CYS A 245 22.99 17.76 20.78
C CYS A 245 22.65 16.90 21.99
N PHE A 246 21.51 17.19 22.60
CA PHE A 246 20.98 16.41 23.72
C PHE A 246 19.73 15.65 23.29
N ALA A 247 19.64 14.38 23.69
CA ALA A 247 18.48 13.59 23.35
C ALA A 247 18.25 12.57 24.44
N THR A 248 17.03 12.02 24.44
CA THR A 248 16.65 11.03 25.43
C THR A 248 16.25 9.74 24.76
N LEU A 249 16.37 8.65 25.51
CA LEU A 249 15.80 7.36 25.15
C LEU A 249 15.19 6.78 26.41
N HIS A 250 14.37 5.76 26.24
CA HIS A 250 13.78 5.08 27.37
C HIS A 250 14.49 3.75 27.67
N THR A 251 15.77 3.67 27.31
CA THR A 251 16.61 2.52 27.60
C THR A 251 17.17 2.66 29.01
N ASN A 252 17.67 1.54 29.53
CA ASN A 252 18.05 1.42 30.94
C ASN A 252 19.54 1.31 31.16
N SER A 253 20.34 1.29 30.11
CA SER A 253 21.79 1.18 30.29
C SER A 253 22.48 1.77 29.07
N ALA A 254 23.78 2.02 29.23
CA ALA A 254 24.56 2.59 28.13
C ALA A 254 24.59 1.64 26.94
N VAL A 255 24.86 0.36 27.21
CA VAL A 255 24.93 -0.63 26.13
C VAL A 255 23.57 -0.82 25.47
N GLN A 256 22.51 -0.94 26.27
CA GLN A 256 21.17 -1.05 25.70
C GLN A 256 20.83 0.19 24.88
N THR A 257 21.33 1.36 25.29
CA THR A 257 21.08 2.59 24.54
C THR A 257 21.77 2.53 23.18
N ILE A 258 23.03 2.13 23.15
CA ILE A 258 23.77 2.07 21.90
C ILE A 258 23.13 1.03 20.97
N ASN A 259 22.76 -0.12 21.52
CA ASN A 259 22.14 -1.15 20.70
C ASN A 259 20.82 -0.69 20.11
N ARG A 260 19.99 0.01 20.89
CA ARG A 260 18.71 0.44 20.34
C ARG A 260 18.92 1.37 19.17
N ILE A 261 19.87 2.30 19.26
CA ILE A 261 20.07 3.26 18.17
C ILE A 261 20.55 2.54 16.91
N VAL A 262 21.50 1.62 17.05
CA VAL A 262 22.02 0.97 15.86
C VAL A 262 20.98 0.01 15.29
N ASP A 263 20.31 -0.76 16.14
CA ASP A 263 19.48 -1.87 15.70
C ASP A 263 18.16 -1.42 15.07
N VAL A 264 17.79 -0.13 15.20
CA VAL A 264 16.56 0.34 14.57
C VAL A 264 16.76 0.52 13.06
N PHE A 265 18.00 0.57 12.61
CA PHE A 265 18.31 0.77 11.20
C PHE A 265 18.42 -0.58 10.51
N PRO A 266 18.18 -0.62 9.20
CA PRO A 266 18.39 -1.86 8.44
C PRO A 266 19.84 -2.34 8.58
N SER A 267 20.02 -3.65 8.42
CA SER A 267 21.32 -4.26 8.73
C SER A 267 22.41 -3.66 7.85
N TYR A 268 22.04 -3.27 6.63
CA TYR A 268 22.99 -2.74 5.66
C TYR A 268 23.46 -1.31 6.00
N GLN A 269 22.69 -0.54 6.75
CA GLN A 269 23.08 0.82 7.10
C GLN A 269 23.65 0.89 8.52
N GLN A 270 23.58 -0.20 9.29
CA GLN A 270 24.16 -0.21 10.64
C GLN A 270 25.67 0.02 10.72
N PRO A 271 26.50 -0.44 9.79
CA PRO A 271 27.92 -0.08 9.85
C PRO A 271 28.19 1.41 9.92
N GLN A 272 27.49 2.22 9.11
CA GLN A 272 27.68 3.66 9.16
C GLN A 272 27.24 4.26 10.50
N VAL A 273 26.09 3.82 11.01
CA VAL A 273 25.57 4.36 12.26
C VAL A 273 26.55 4.10 13.40
N ARG A 274 27.13 2.90 13.45
CA ARG A 274 28.13 2.60 14.46
C ARG A 274 29.35 3.51 14.32
N ALA A 275 29.76 3.77 13.08
CA ALA A 275 30.88 4.66 12.87
C ALA A 275 30.54 6.09 13.31
N GLN A 276 29.34 6.54 12.95
CA GLN A 276 28.89 7.87 13.34
C GLN A 276 28.84 8.03 14.86
N LEU A 277 28.20 7.07 15.55
CA LEU A 277 28.11 7.12 17.00
C LEU A 277 29.48 7.20 17.68
N SER A 278 30.45 6.44 17.18
CA SER A 278 31.79 6.43 17.77
C SER A 278 32.48 7.79 17.73
N PHE A 279 32.16 8.63 16.73
CA PHE A 279 32.84 9.93 16.65
C PHE A 279 32.18 10.96 17.55
N VAL A 280 30.86 11.05 17.54
CA VAL A 280 30.18 12.19 18.16
C VAL A 280 29.72 11.93 19.59
N LEU A 281 29.61 10.68 20.00
CA LEU A 281 29.08 10.40 21.33
C LEU A 281 30.06 10.92 22.38
N GLU A 282 29.54 11.71 23.32
CA GLU A 282 30.36 12.27 24.40
C GLU A 282 29.91 11.87 25.80
N GLY A 283 28.73 11.28 25.95
CA GLY A 283 28.25 10.85 27.25
C GLY A 283 26.91 10.15 27.19
N VAL A 284 26.72 9.12 28.00
CA VAL A 284 25.43 8.46 28.12
C VAL A 284 25.10 8.36 29.61
N LEU A 285 23.97 8.95 30.00
CA LEU A 285 23.48 8.90 31.38
C LEU A 285 22.17 8.14 31.41
N SER A 286 22.13 7.04 32.14
CA SER A 286 20.91 6.27 32.35
C SER A 286 20.50 6.37 33.80
N GLN A 287 19.39 7.04 34.07
CA GLN A 287 18.95 7.31 35.44
C GLN A 287 17.73 6.49 35.81
N THR A 288 17.54 6.34 37.12
CA THR A 288 16.34 5.71 37.69
C THR A 288 16.17 6.22 39.12
N LEU A 289 14.94 6.57 39.47
CA LEU A 289 14.60 7.01 40.81
C LEU A 289 14.07 5.83 41.60
N LEU A 290 14.69 5.55 42.73
CA LEU A 290 14.32 4.40 43.56
C LEU A 290 13.74 4.86 44.88
N PRO A 291 12.79 4.10 45.43
CA PRO A 291 12.26 4.41 46.75
C PRO A 291 13.31 4.25 47.83
N MLY A 292 13.39 5.25 48.72
CA MLY A 292 14.30 5.19 49.86
CB MLY A 292 14.40 6.54 50.58
CG MLY A 292 14.79 7.69 49.69
CD MLY A 292 15.17 8.96 50.46
CE MLY A 292 15.42 10.12 49.50
NZ MLY A 292 15.65 11.48 50.11
CH1 MLY A 292 16.37 12.28 49.10
CH2 MLY A 292 14.35 12.14 50.30
C MLY A 292 13.84 4.11 50.81
O MLY A 292 12.70 3.64 50.77
N ALA A 293 14.80 3.43 51.41
CA ALA A 293 14.52 2.44 52.41
C ALA A 293 13.68 3.03 53.55
N SER A 294 13.83 4.34 53.80
CA SER A 294 13.06 4.96 54.86
C SER A 294 11.56 5.05 54.54
N GLY A 295 11.18 4.97 53.27
CA GLY A 295 9.80 5.10 52.87
C GLY A 295 9.34 6.49 52.48
N THR A 296 10.23 7.46 52.42
CA THR A 296 9.87 8.82 52.04
C THR A 296 10.94 9.35 51.10
N GLY A 297 10.52 9.88 49.96
CA GLY A 297 11.47 10.41 49.01
C GLY A 297 12.04 9.36 48.07
N ARG A 298 12.77 9.83 47.07
CA ARG A 298 13.42 8.99 46.08
C ARG A 298 14.89 9.35 45.92
N VAL A 299 15.70 8.35 45.57
CA VAL A 299 17.14 8.50 45.43
C VAL A 299 17.51 8.16 44.00
N LEU A 300 18.48 8.90 43.45
CA LEU A 300 18.85 8.72 42.07
C LEU A 300 19.84 7.59 41.90
N ALA A 301 19.54 6.66 41.01
CA ALA A 301 20.50 5.66 40.55
C ALA A 301 20.83 5.96 39.10
N ILE A 302 22.12 6.06 38.78
CA ILE A 302 22.52 6.56 37.48
C ILE A 302 23.70 5.73 36.99
N GLU A 303 23.66 5.30 35.74
CA GLU A 303 24.79 4.69 35.06
C GLU A 303 25.42 5.72 34.12
N VAL A 304 26.74 5.89 34.23
CA VAL A 304 27.43 6.94 33.48
C VAL A 304 28.46 6.28 32.58
N MET A 305 28.36 6.56 31.28
CA MET A 305 29.33 6.14 30.27
C MET A 305 29.89 7.37 29.57
N VAL A 306 31.19 7.58 29.70
CA VAL A 306 31.91 8.64 29.01
C VAL A 306 32.88 7.98 28.04
N PRO A 307 32.73 8.18 26.73
CA PRO A 307 33.56 7.45 25.77
C PRO A 307 35.02 7.84 25.85
N ASN A 308 35.89 6.83 25.94
CA ASN A 308 37.32 6.98 25.76
C ASN A 308 37.72 6.39 24.42
N PRO A 309 38.97 6.59 23.99
CA PRO A 309 39.42 5.98 22.73
C PRO A 309 39.14 4.49 22.62
N ALA A 310 39.21 3.74 23.73
CA ALA A 310 38.95 2.30 23.67
C ALA A 310 37.48 2.01 23.39
N ILE A 311 36.57 2.74 24.04
CA ILE A 311 35.14 2.52 23.83
C ILE A 311 34.75 2.92 22.41
N ARG A 312 35.32 4.02 21.91
CA ARG A 312 35.01 4.46 20.56
C ARG A 312 35.43 3.43 19.52
N ASN A 313 36.56 2.73 19.76
CA ASN A 313 36.96 1.66 18.84
C ASN A 313 36.00 0.48 18.93
N LEU A 314 35.60 0.09 20.14
CA LEU A 314 34.66 -1.02 20.30
C LEU A 314 33.36 -0.77 19.57
N ILE A 315 32.90 0.48 19.53
CA ILE A 315 31.69 0.82 18.80
C ILE A 315 31.91 0.62 17.30
N ARG A 316 33.04 1.10 16.77
CA ARG A 316 33.32 0.95 15.36
C ARG A 316 33.50 -0.51 14.98
N GLU A 317 34.13 -1.30 15.87
CA GLU A 317 34.39 -2.71 15.64
C GLU A 317 33.18 -3.60 15.90
N ASP A 318 32.02 -3.03 16.21
CA ASP A 318 30.81 -3.81 16.53
C ASP A 318 31.05 -4.74 17.72
N LYS A 319 31.72 -4.21 18.73
CA LYS A 319 31.90 -4.94 19.97
C LYS A 319 31.20 -4.15 21.06
N ILE A 320 29.89 -3.94 20.86
CA ILE A 320 29.14 -3.03 21.71
C ILE A 320 29.13 -3.53 23.15
N HIS A 321 28.95 -4.85 23.34
CA HIS A 321 28.73 -5.36 24.68
C HIS A 321 30.00 -5.30 25.54
N GLN A 322 31.18 -5.35 24.92
CA GLN A 322 32.43 -5.20 25.67
C GLN A 322 32.63 -3.80 26.23
N ILE A 323 31.72 -2.86 25.94
CA ILE A 323 31.84 -1.51 26.49
C ILE A 323 31.63 -1.57 27.98
N TYR A 324 30.78 -2.50 28.44
CA TYR A 324 30.49 -2.62 29.86
C TYR A 324 31.75 -2.91 30.67
N SER A 325 32.68 -3.71 30.12
CA SER A 325 33.92 -3.97 30.85
C SER A 325 34.75 -2.69 30.96
N GLN A 326 34.71 -1.84 29.93
CA GLN A 326 35.43 -0.56 29.98
C GLN A 326 34.82 0.38 31.02
N MET A 327 33.50 0.31 31.21
CA MET A 327 32.86 1.18 32.20
C MET A 327 33.24 0.75 33.61
N GLN A 328 33.53 -0.53 33.81
CA GLN A 328 33.88 -1.05 35.13
C GLN A 328 35.20 -0.50 35.63
N VAL A 329 36.08 -0.06 34.73
CA VAL A 329 37.42 0.41 35.10
C VAL A 329 37.61 1.90 34.77
N GLY A 330 36.55 2.60 34.38
CA GLY A 330 36.69 4.00 34.06
C GLY A 330 36.21 4.97 35.13
N GLN A 331 36.17 4.54 36.40
CA GLN A 331 35.62 5.38 37.45
C GLN A 331 36.51 6.58 37.76
N GLU A 332 37.79 6.34 38.03
CA GLU A 332 38.68 7.42 38.45
C GLU A 332 39.02 8.33 37.28
N LYS A 333 39.20 7.75 36.09
CA LYS A 333 39.69 8.50 34.95
C LYS A 333 38.58 9.33 34.30
N PHE A 334 37.45 8.69 33.99
CA PHE A 334 36.40 9.32 33.19
C PHE A 334 35.11 9.54 33.99
N GLY A 335 35.07 9.17 35.26
CA GLY A 335 33.86 9.35 36.03
C GLY A 335 32.78 8.36 35.70
N MET A 336 33.13 7.26 35.05
CA MET A 336 32.17 6.24 34.69
C MET A 336 31.74 5.44 35.91
N MET A 337 30.62 4.75 35.75
CA MET A 337 29.99 4.00 36.83
C MET A 337 28.92 3.12 36.22
N THR A 338 29.04 1.81 36.39
CA THR A 338 27.96 0.93 35.94
C THR A 338 26.77 1.07 36.89
N MET A 339 25.60 0.61 36.41
CA MET A 339 24.40 0.67 37.23
C MET A 339 24.60 -0.14 38.52
N ASN A 340 25.23 -1.32 38.43
CA ASN A 340 25.49 -2.12 39.62
C ASN A 340 26.44 -1.41 40.58
N GLN A 341 27.44 -0.72 40.05
CA GLN A 341 28.35 0.04 40.89
C GLN A 341 27.65 1.16 41.65
N CYS A 342 26.64 1.78 41.04
CA CYS A 342 25.87 2.81 41.75
C CYS A 342 24.97 2.22 42.82
N LEU A 343 24.29 1.10 42.50
CA LEU A 343 23.46 0.42 43.48
C LEU A 343 24.27 -0.10 44.66
N TYR A 344 25.50 -0.56 44.40
CA TYR A 344 26.37 -1.00 45.49
C TYR A 344 26.63 0.14 46.47
N GLY A 345 26.94 1.33 45.95
CA GLY A 345 27.20 2.45 46.83
C GLY A 345 25.95 2.89 47.60
N LEU A 346 24.79 2.87 46.93
CA LEU A 346 23.53 3.18 47.61
C LEU A 346 23.20 2.15 48.67
N LEU A 347 23.64 0.90 48.48
CA LEU A 347 23.36 -0.15 49.44
C LEU A 347 24.23 -0.04 50.67
N GLN A 348 25.51 0.32 50.50
CA GLN A 348 26.37 0.44 51.67
C GLN A 348 25.93 1.59 52.55
N LYS A 349 25.43 2.68 51.95
CA LYS A 349 24.87 3.78 52.72
C LYS A 349 23.41 3.55 53.13
N ARG A 350 22.83 2.38 52.83
CA ARG A 350 21.46 2.05 53.26
C ARG A 350 20.41 3.03 52.72
N HIS A 351 20.63 3.56 51.52
CA HIS A 351 19.64 4.45 50.92
C HIS A 351 18.51 3.65 50.29
N ILE A 352 18.78 2.43 49.86
CA ILE A 352 17.77 1.56 49.28
C ILE A 352 17.91 0.21 49.97
N THR A 353 16.83 -0.54 49.95
CA THR A 353 16.86 -1.88 50.51
C THR A 353 17.48 -2.87 49.53
N MET A 354 17.81 -4.04 50.05
CA MET A 354 18.38 -5.10 49.23
C MET A 354 17.35 -5.58 48.21
N ASP A 355 16.08 -5.62 48.60
CA ASP A 355 15.03 -6.08 47.69
C ASP A 355 14.90 -5.15 46.49
N VAL A 356 14.98 -3.85 46.71
CA VAL A 356 14.86 -2.87 45.63
C VAL A 356 16.09 -2.92 44.70
N GLY A 357 17.28 -3.03 45.30
CA GLY A 357 18.51 -3.12 44.51
C GLY A 357 18.59 -4.35 43.63
N MET A 358 18.15 -5.50 44.14
CA MET A 358 18.23 -6.72 43.35
C MET A 358 17.18 -6.71 42.23
N GLY A 359 15.97 -6.25 42.52
CA GLY A 359 14.96 -6.15 41.50
C GLY A 359 15.31 -5.18 40.39
N ARG A 360 16.38 -4.40 40.55
CA ARG A 360 16.78 -3.44 39.53
C ARG A 360 18.11 -3.77 38.90
N SER A 361 18.92 -4.60 39.52
CA SER A 361 20.21 -4.95 38.95
C SER A 361 20.02 -5.66 37.61
N PRO A 362 20.67 -5.21 36.54
CA PRO A 362 20.60 -5.97 35.28
C PRO A 362 21.25 -7.34 35.39
N ASP A 363 22.10 -7.56 36.38
CA ASP A 363 22.68 -8.88 36.66
C ASP A 363 22.76 -9.03 38.18
N PRO A 364 21.74 -9.60 38.80
CA PRO A 364 21.72 -9.71 40.27
C PRO A 364 22.85 -10.59 40.81
N ASP A 365 23.31 -11.55 40.02
CA ASP A 365 24.37 -12.43 40.50
C ASP A 365 25.68 -11.67 40.59
N GLU A 366 25.92 -10.76 39.65
CA GLU A 366 27.12 -9.92 39.73
C GLU A 366 27.08 -9.04 40.97
N LEU A 367 25.93 -8.38 41.20
CA LEU A 367 25.79 -7.54 42.38
C LEU A 367 25.87 -8.33 43.67
N LYS A 368 25.29 -9.54 43.69
CA LYS A 368 25.43 -10.41 44.86
C LYS A 368 26.88 -10.75 45.18
N GLN A 369 27.65 -11.21 44.18
CA GLN A 369 29.04 -11.55 44.45
C GLN A 369 29.88 -10.36 44.92
N MET A 370 29.70 -9.19 44.30
CA MET A 370 30.45 -8.00 44.73
C MET A 370 30.06 -7.50 46.13
N LEU A 371 28.85 -7.81 46.61
CA LEU A 371 28.49 -7.43 47.97
C LEU A 371 29.18 -8.30 49.00
N THR A 372 29.36 -9.58 48.69
CA THR A 372 30.00 -10.49 49.65
C THR A 372 31.47 -10.15 49.84
N SER A 373 32.16 -9.72 48.79
CA SER A 373 33.57 -9.34 48.88
C SER A 373 33.69 -7.84 49.13
N GLY A 374 34.73 -7.46 49.87
CA GLY A 374 34.90 -6.06 50.22
C GLY A 374 33.88 -5.59 51.23
N PRO B 16 18.30 54.35 16.21
CA PRO B 16 17.28 54.62 17.23
C PRO B 16 15.98 53.86 16.97
N ARG B 17 14.85 54.50 17.22
CA ARG B 17 13.54 53.90 17.03
C ARG B 17 12.72 54.75 16.06
N GLY B 18 12.03 54.08 15.13
CA GLY B 18 11.27 54.75 14.11
C GLY B 18 9.78 54.48 14.22
N SER B 19 9.00 55.21 13.42
CA SER B 19 7.55 55.10 13.42
C SER B 19 7.08 53.75 12.89
N HIS B 20 7.22 53.52 11.58
CA HIS B 20 6.67 52.34 10.93
C HIS B 20 7.39 51.08 11.42
N MET B 21 6.89 49.93 10.96
CA MET B 21 7.53 48.64 11.20
C MET B 21 8.75 48.44 10.31
N ALA B 22 9.24 49.51 9.68
CA ALA B 22 10.53 49.53 9.02
C ALA B 22 11.69 49.61 10.00
N ASN B 23 11.41 49.47 11.31
CA ASN B 23 12.51 49.24 12.24
C ASN B 23 13.31 48.01 11.83
N MET B 24 12.70 47.09 11.08
CA MET B 24 13.39 45.87 10.70
C MET B 24 14.55 46.21 9.78
N HIS B 25 14.32 47.16 8.88
CA HIS B 25 15.35 47.62 7.99
C HIS B 25 16.52 48.17 8.79
N GLN B 26 16.22 48.86 9.89
CA GLN B 26 17.29 49.41 10.73
C GLN B 26 18.02 48.27 11.44
N LEU B 27 17.31 47.26 11.90
CA LEU B 27 17.99 46.15 12.55
C LEU B 27 18.86 45.37 11.57
N LEU B 28 18.35 45.14 10.35
CA LEU B 28 19.15 44.44 9.35
C LEU B 28 20.34 45.26 8.85
N THR B 29 20.21 46.59 8.80
CA THR B 29 21.37 47.42 8.44
C THR B 29 22.44 47.32 9.51
N GLU B 30 22.05 47.32 10.78
CA GLU B 30 23.01 47.16 11.87
C GLU B 30 23.72 45.81 11.80
N LEU B 31 22.98 44.74 11.48
CA LEU B 31 23.61 43.44 11.25
C LEU B 31 24.74 43.53 10.24
N VAL B 32 24.48 44.19 9.11
CA VAL B 32 25.50 44.33 8.08
C VAL B 32 26.64 45.21 8.58
N ASN B 33 26.30 46.39 9.13
CA ASN B 33 27.31 47.35 9.53
C ASN B 33 28.25 46.78 10.58
N ARG B 34 27.73 45.95 11.49
CA ARG B 34 28.55 45.42 12.57
C ARG B 34 29.34 44.19 12.16
N GLY B 35 29.23 43.76 10.90
CA GLY B 35 29.90 42.57 10.40
C GLY B 35 29.43 41.28 11.02
N GLY B 36 28.19 41.23 11.50
CA GLY B 36 27.65 40.02 12.07
C GLY B 36 27.27 39.02 11.01
N SER B 37 27.10 37.78 11.46
CA SER B 37 26.69 36.69 10.58
C SER B 37 25.18 36.46 10.63
N ASP B 38 24.58 36.55 11.80
CA ASP B 38 23.17 36.27 11.97
C ASP B 38 22.54 37.28 12.92
N LEU B 39 21.30 37.65 12.65
CA LEU B 39 20.49 38.46 13.55
C LEU B 39 19.38 37.61 14.17
N HIS B 40 19.24 37.67 15.48
CA HIS B 40 18.23 36.91 16.23
C HIS B 40 17.19 37.83 16.84
N LEU B 41 15.92 37.53 16.60
CA LEU B 41 14.81 38.27 17.18
C LEU B 41 13.94 37.27 17.92
N THR B 42 13.84 37.42 19.24
CA THR B 42 13.00 36.55 20.03
C THR B 42 12.59 37.29 21.30
N THR B 43 11.52 36.80 21.92
CA THR B 43 10.93 37.50 23.06
C THR B 43 11.83 37.44 24.29
N ASN B 44 11.71 38.46 25.13
CA ASN B 44 12.37 38.60 26.42
C ASN B 44 13.88 38.79 26.29
N SER B 45 14.38 39.07 25.08
CA SER B 45 15.77 39.39 24.85
C SER B 45 15.85 40.56 23.90
N PRO B 46 16.86 41.42 24.04
CA PRO B 46 17.13 42.41 23.00
C PRO B 46 17.53 41.70 21.72
N PRO B 47 17.50 42.39 20.58
CA PRO B 47 18.07 41.80 19.36
C PRO B 47 19.52 41.44 19.59
N GLN B 48 19.93 40.30 19.07
CA GLN B 48 21.30 39.86 19.25
C GLN B 48 21.93 39.56 17.90
N ILE B 49 23.21 39.88 17.78
CA ILE B 49 23.99 39.71 16.56
C ILE B 49 25.19 38.83 16.86
N ARG B 50 25.38 37.78 16.08
CA ARG B 50 26.56 36.94 16.25
C ARG B 50 27.76 37.57 15.57
N ILE B 51 28.78 37.90 16.35
CA ILE B 51 30.02 38.49 15.85
C ILE B 51 31.16 37.55 16.24
N ASP B 52 31.90 37.09 15.23
CA ASP B 52 33.03 36.17 15.44
C ASP B 52 32.60 34.92 16.21
N GLY B 53 31.37 34.46 15.99
CA GLY B 53 30.90 33.23 16.57
C GLY B 53 30.15 33.34 17.88
N LYS B 54 30.17 34.48 18.55
CA LYS B 54 29.56 34.63 19.86
C LYS B 54 28.43 35.66 19.80
N LEU B 55 27.33 35.40 20.50
CA LEU B 55 26.19 36.30 20.46
C LEU B 55 26.43 37.52 21.35
N LEU B 56 26.10 38.69 20.82
CA LEU B 56 26.17 39.96 21.53
C LEU B 56 24.81 40.62 21.54
N PRO B 57 24.23 40.91 22.70
CA PRO B 57 22.96 41.63 22.74
C PRO B 57 23.17 43.11 22.45
N LEU B 58 22.29 43.67 21.64
CA LEU B 58 22.31 45.09 21.33
C LEU B 58 21.77 45.90 22.51
N ASP B 59 22.24 47.14 22.62
CA ASP B 59 21.87 48.03 23.73
C ASP B 59 20.48 48.60 23.44
N MET B 60 19.48 47.73 23.63
CA MET B 60 18.09 48.01 23.34
C MET B 60 17.23 47.33 24.39
N PRO B 61 16.00 47.78 24.58
CA PRO B 61 15.09 47.08 25.50
C PRO B 61 14.75 45.70 24.95
N PRO B 62 14.38 44.76 25.82
CA PRO B 62 13.97 43.43 25.32
C PRO B 62 12.67 43.47 24.52
N LEU B 63 12.60 42.60 23.51
CA LEU B 63 11.41 42.48 22.67
C LEU B 63 10.34 41.66 23.36
N ASN B 64 9.07 42.01 23.11
CA ASN B 64 7.96 41.16 23.53
C ASN B 64 7.37 40.44 22.32
N ALA B 65 6.32 39.67 22.58
CA ALA B 65 5.73 38.86 21.53
C ALA B 65 5.11 39.74 20.43
N VAL B 66 4.58 40.90 20.80
CA VAL B 66 4.07 41.83 19.80
C VAL B 66 5.19 42.31 18.87
N ASP B 67 6.36 42.61 19.43
CA ASP B 67 7.45 43.12 18.60
C ASP B 67 7.96 42.08 17.61
N THR B 68 8.21 40.86 18.09
CA THR B 68 8.79 39.87 17.20
C THR B 68 7.86 39.50 16.03
N MLY B 69 6.55 39.54 16.26
CA MLY B 69 5.60 39.19 15.19
CB MLY B 69 4.20 38.90 15.76
CG MLY B 69 3.16 38.56 14.67
CD MLY B 69 1.82 38.06 15.22
CE MLY B 69 0.92 37.57 14.08
NZ MLY B 69 -0.40 36.96 14.48
CH1 MLY B 69 -1.21 36.82 13.26
CH2 MLY B 69 -0.09 35.59 14.95
C MLY B 69 5.51 40.29 14.14
O MLY B 69 5.46 40.03 12.94
N GLN B 70 5.49 41.53 14.63
CA GLN B 70 5.38 42.70 13.76
C GLN B 70 6.67 42.90 13.00
N LEU B 71 7.81 42.75 13.69
CA LEU B 71 9.08 42.96 13.01
C LEU B 71 9.28 41.93 11.90
N CYS B 72 9.01 40.65 12.20
CA CYS B 72 9.21 39.64 11.17
C CYS B 72 8.20 39.78 10.03
N TYR B 73 6.94 40.09 10.37
CA TYR B 73 5.94 40.25 9.31
C TYR B 73 6.21 41.45 8.41
N SER B 74 6.99 42.42 8.86
CA SER B 74 7.23 43.62 8.06
C SER B 74 8.04 43.33 6.80
N ILE B 75 8.73 42.21 6.74
CA ILE B 75 9.54 41.84 5.59
C ILE B 75 8.93 40.65 4.84
N LEU B 76 7.66 40.35 5.09
CA LEU B 76 6.99 39.24 4.42
C LEU B 76 5.93 39.76 3.46
N THR B 77 5.74 39.03 2.37
CA THR B 77 4.59 39.21 1.51
C THR B 77 3.35 38.55 2.14
N GLU B 78 2.17 38.91 1.63
CA GLU B 78 0.95 38.29 2.12
C GLU B 78 0.92 36.80 1.82
N GLN B 79 1.49 36.40 0.69
CA GLN B 79 1.52 34.98 0.35
C GLN B 79 2.44 34.21 1.29
N GLN B 80 3.50 34.84 1.76
CA GLN B 80 4.43 34.19 2.67
C GLN B 80 3.88 34.12 4.08
N MLY B 81 3.12 35.13 4.49
CA MLY B 81 2.53 35.18 5.82
CB MLY B 81 1.79 36.50 6.05
CG MLY B 81 2.69 37.72 6.10
CD MLY B 81 1.86 39.01 6.04
CE MLY B 81 2.77 40.18 5.75
NZ MLY B 81 2.05 41.47 5.71
CH1 MLY B 81 1.75 41.81 7.09
CH2 MLY B 81 3.01 42.46 5.20
C MLY B 81 1.58 34.03 6.01
O MLY B 81 1.60 33.35 7.04
N HIS B 82 0.76 33.80 5.00
CA HIS B 82 -0.20 32.71 5.07
C HIS B 82 0.50 31.36 5.16
N LYS B 83 1.57 31.19 4.38
CA LYS B 83 2.34 29.95 4.45
C LYS B 83 2.98 29.78 5.81
N PHE B 84 3.48 30.88 6.38
CA PHE B 84 4.05 30.82 7.73
C PHE B 84 2.95 30.51 8.75
N GLU B 85 1.80 31.15 8.62
CA GLU B 85 0.69 30.89 9.53
C GLU B 85 0.11 29.50 9.33
N GLU B 86 0.33 28.87 8.18
CA GLU B 86 -0.15 27.50 7.96
C GLU B 86 0.69 26.47 8.70
N ASN B 87 2.00 26.69 8.83
CA ASN B 87 2.93 25.69 9.33
C ASN B 87 3.69 26.10 10.59
N ASN B 88 3.67 27.37 10.98
CA ASN B 88 4.50 27.92 12.04
C ASN B 88 5.99 27.77 11.73
N GLU B 89 6.31 27.64 10.44
CA GLU B 89 7.68 27.58 9.93
C GLU B 89 7.69 28.28 8.58
N LEU B 90 8.82 28.90 8.25
CA LEU B 90 8.98 29.54 6.95
C LEU B 90 10.44 29.82 6.66
N ASP B 91 10.89 29.34 5.51
CA ASP B 91 12.16 29.70 4.92
C ASP B 91 11.89 30.70 3.79
N LEU B 92 12.76 31.69 3.65
CA LEU B 92 12.59 32.71 2.62
C LEU B 92 13.90 33.45 2.43
N SER B 93 13.97 34.21 1.32
CA SER B 93 15.04 35.16 1.08
C SER B 93 14.43 36.46 0.58
N PHE B 94 15.14 37.56 0.84
CA PHE B 94 14.64 38.88 0.45
C PHE B 94 15.81 39.84 0.33
N GLY B 95 15.56 40.95 -0.34
CA GLY B 95 16.56 41.98 -0.58
C GLY B 95 16.12 43.31 -0.01
N ILE B 96 17.11 44.10 0.43
CA ILE B 96 16.91 45.49 0.81
C ILE B 96 17.73 46.35 -0.16
N LYS B 97 17.04 47.15 -0.98
CA LYS B 97 17.71 47.93 -2.02
C LYS B 97 18.76 48.84 -1.41
N GLY B 98 19.96 48.84 -1.99
CA GLY B 98 21.04 49.65 -1.47
C GLY B 98 21.75 49.10 -0.26
N LEU B 99 21.36 47.92 0.24
CA LEU B 99 21.97 47.37 1.44
C LEU B 99 22.61 46.01 1.19
N SER B 100 21.79 44.98 1.10
CA SER B 100 22.25 43.60 1.05
C SER B 100 21.05 42.71 0.75
N ARG B 101 21.34 41.49 0.37
CA ARG B 101 20.31 40.45 0.37
C ARG B 101 20.42 39.66 1.67
N PHE B 102 19.33 38.95 2.01
CA PHE B 102 19.26 38.19 3.26
C PHE B 102 18.46 36.92 3.06
N ARG B 103 18.87 35.87 3.77
CA ARG B 103 18.05 34.67 3.94
C ARG B 103 17.48 34.65 5.36
N GLY B 104 16.18 34.41 5.46
CA GLY B 104 15.49 34.44 6.74
C GLY B 104 14.83 33.11 7.05
N ASN B 105 14.75 32.79 8.35
CA ASN B 105 13.89 31.72 8.84
C ASN B 105 13.07 32.27 10.00
N VAL B 106 11.75 32.13 9.90
CA VAL B 106 10.82 32.55 10.94
C VAL B 106 10.12 31.35 11.56
N PHE B 107 9.99 31.35 12.88
CA PHE B 107 9.32 30.27 13.58
C PHE B 107 8.63 30.84 14.80
N VAL B 108 8.02 29.96 15.59
CA VAL B 108 7.27 30.33 16.79
C VAL B 108 7.81 29.49 17.94
N GLN B 109 8.07 30.14 19.07
CA GLN B 109 8.51 29.44 20.26
C GLN B 109 7.86 30.05 21.48
N ARG B 110 7.41 29.18 22.37
CA ARG B 110 6.62 29.55 23.53
C ARG B 110 5.53 30.55 23.13
N GLY B 111 4.82 30.17 22.07
CA GLY B 111 3.64 30.88 21.60
C GLY B 111 3.88 32.24 21.00
N ALA B 112 5.12 32.56 20.62
CA ALA B 112 5.43 33.86 20.05
C ALA B 112 6.31 33.68 18.83
N VAL B 113 6.26 34.64 17.91
CA VAL B 113 7.09 34.58 16.71
C VAL B 113 8.56 34.79 17.07
N ALA B 114 9.43 34.08 16.36
CA ALA B 114 10.87 34.26 16.48
C ALA B 114 11.47 34.20 15.08
N GLY B 115 12.63 34.82 14.92
CA GLY B 115 13.26 34.89 13.60
C GLY B 115 14.76 34.92 13.68
N VAL B 116 15.40 34.33 12.67
CA VAL B 116 16.85 34.40 12.49
C VAL B 116 17.14 34.78 11.05
N PHE B 117 18.12 35.67 10.85
CA PHE B 117 18.38 36.23 9.52
C PHE B 117 19.88 36.24 9.22
N ARG B 118 20.25 35.61 8.11
CA ARG B 118 21.63 35.50 7.66
C ARG B 118 21.88 36.47 6.50
N VAL B 119 23.15 36.81 6.31
CA VAL B 119 23.55 37.66 5.20
C VAL B 119 23.97 36.78 4.03
N ILE B 120 23.65 37.24 2.82
CA ILE B 120 23.90 36.52 1.56
C ILE B 120 24.32 37.58 0.54
N PRO B 121 25.62 37.71 0.26
CA PRO B 121 26.09 38.78 -0.61
C PRO B 121 25.56 38.70 -2.03
N TYR B 122 25.45 39.88 -2.65
CA TYR B 122 25.07 40.04 -4.05
C TYR B 122 26.16 39.55 -4.99
N LYS B 123 27.42 39.59 -4.58
CA LYS B 123 28.49 39.19 -5.46
C LYS B 123 28.82 37.73 -5.20
N ILE B 124 28.87 36.97 -6.29
CA ILE B 124 29.12 35.52 -6.25
C ILE B 124 30.61 35.32 -6.40
N LEU B 125 31.22 34.66 -5.42
CA LEU B 125 32.65 34.46 -5.50
C LEU B 125 33.02 33.44 -6.58
N SER B 126 34.28 33.49 -6.99
CA SER B 126 34.85 32.65 -8.03
C SER B 126 35.29 31.31 -7.45
N PHE B 127 35.57 30.34 -8.34
CA PHE B 127 36.05 29.04 -7.88
C PHE B 127 37.31 29.19 -7.02
N GLU B 128 38.24 30.04 -7.45
CA GLU B 128 39.47 30.23 -6.69
C GLU B 128 39.16 30.80 -5.30
N GLU B 129 38.25 31.77 -5.24
CA GLU B 129 37.88 32.37 -3.97
C GLU B 129 37.17 31.38 -3.06
N LEU B 130 36.49 30.39 -3.63
CA LEU B 130 35.75 29.42 -2.83
C LEU B 130 36.60 28.22 -2.42
N GLY B 131 37.86 28.14 -2.87
CA GLY B 131 38.65 26.98 -2.52
C GLY B 131 38.32 25.73 -3.31
N LEU B 132 37.66 25.87 -4.47
CA LEU B 132 37.29 24.72 -5.27
C LEU B 132 38.42 24.31 -6.22
N PRO B 133 38.73 23.02 -6.30
CA PRO B 133 39.84 22.56 -7.14
C PRO B 133 39.50 22.65 -8.62
N PRO B 134 40.51 22.59 -9.50
CA PRO B 134 40.24 22.75 -10.93
C PRO B 134 39.30 21.70 -11.51
N VAL B 135 39.13 20.54 -10.87
CA VAL B 135 38.22 19.54 -11.42
C VAL B 135 36.77 20.04 -11.35
N VAL B 136 36.46 20.90 -10.37
CA VAL B 136 35.12 21.47 -10.28
C VAL B 136 34.85 22.39 -11.47
N ARG B 137 35.87 23.13 -11.91
CA ARG B 137 35.73 24.00 -13.07
C ARG B 137 35.45 23.17 -14.32
N GLU B 138 36.05 21.98 -14.42
CA GLU B 138 35.78 21.15 -15.58
C GLU B 138 34.38 20.55 -15.54
N LEU B 139 33.78 20.42 -14.35
CA LEU B 139 32.39 19.99 -14.26
C LEU B 139 31.43 21.02 -14.83
N ALA B 140 31.76 22.32 -14.72
CA ALA B 140 30.91 23.35 -15.30
C ALA B 140 30.91 23.33 -16.83
N GLU B 141 31.83 22.61 -17.46
CA GLU B 141 31.84 22.48 -18.91
C GLU B 141 31.13 21.23 -19.41
N LYS B 142 30.71 20.32 -18.53
CA LYS B 142 30.07 19.09 -18.96
C LYS B 142 28.80 19.42 -19.74
N PRO B 143 28.61 18.87 -20.94
CA PRO B 143 27.45 19.28 -21.75
C PRO B 143 26.16 18.56 -21.39
N ARG B 144 26.22 17.39 -20.75
CA ARG B 144 25.01 16.71 -20.30
C ARG B 144 25.35 15.94 -19.04
N GLY B 145 24.31 15.47 -18.36
CA GLY B 145 24.46 14.52 -17.27
C GLY B 145 23.95 15.10 -15.96
N LEU B 146 24.12 14.31 -14.91
CA LEU B 146 23.69 14.67 -13.56
C LEU B 146 24.91 14.93 -12.70
N VAL B 147 25.00 16.13 -12.14
CA VAL B 147 26.07 16.50 -11.21
C VAL B 147 25.43 16.82 -9.86
N LEU B 148 25.91 16.17 -8.80
CA LEU B 148 25.35 16.33 -7.47
C LEU B 148 26.37 17.00 -6.56
N VAL B 149 25.92 18.04 -5.87
CA VAL B 149 26.72 18.74 -4.86
C VAL B 149 26.00 18.51 -3.55
N THR B 150 26.63 17.76 -2.63
CA THR B 150 25.90 17.32 -1.46
C THR B 150 26.58 17.74 -0.16
N GLY B 151 25.83 17.55 0.93
CA GLY B 151 26.24 17.84 2.27
C GLY B 151 25.08 18.32 3.10
N PRO B 152 25.29 18.46 4.41
CA PRO B 152 24.24 18.96 5.29
C PRO B 152 23.99 20.43 5.02
N THR B 153 22.99 20.98 5.68
CA THR B 153 22.65 22.39 5.50
C THR B 153 23.83 23.26 5.91
N GLY B 154 24.13 24.25 5.07
CA GLY B 154 25.20 25.19 5.31
C GLY B 154 26.60 24.66 5.13
N SER B 155 26.79 23.72 4.21
CA SER B 155 28.09 23.11 3.97
C SER B 155 28.77 23.72 2.76
N GLY B 156 28.24 24.84 2.26
CA GLY B 156 28.81 25.58 1.16
C GLY B 156 28.24 25.21 -0.19
N LYS B 157 27.15 24.45 -0.21
CA LYS B 157 26.65 23.89 -1.46
C LYS B 157 26.16 24.96 -2.42
N SER B 158 25.33 25.87 -1.93
CA SER B 158 24.78 26.91 -2.78
C SER B 158 25.86 27.84 -3.35
N THR B 159 26.91 28.12 -2.58
CA THR B 159 27.96 28.99 -3.11
C THR B 159 28.70 28.32 -4.26
N THR B 160 29.06 27.04 -4.12
CA THR B 160 29.68 26.32 -5.22
C THR B 160 28.73 26.23 -6.42
N LEU B 161 27.46 25.94 -6.17
CA LEU B 161 26.49 25.85 -7.26
C LEU B 161 26.35 27.19 -7.97
N ALA B 162 26.33 28.29 -7.22
CA ALA B 162 26.23 29.59 -7.86
C ALA B 162 27.45 29.85 -8.72
N ALA B 163 28.63 29.43 -8.23
CA ALA B 163 29.85 29.59 -9.00
C ALA B 163 29.79 28.78 -10.29
N ILE B 164 29.33 27.54 -10.20
CA ILE B 164 29.21 26.72 -11.40
C ILE B 164 28.21 27.34 -12.37
N ILE B 165 27.05 27.74 -11.86
CA ILE B 165 26.06 28.38 -12.72
C ILE B 165 26.65 29.63 -13.35
N ASP B 166 27.33 30.46 -12.56
CA ASP B 166 27.81 31.73 -13.10
C ASP B 166 28.85 31.50 -14.19
N LYS B 167 29.67 30.45 -14.05
CA LYS B 167 30.62 30.16 -15.11
C LYS B 167 29.90 29.69 -16.37
N ILE B 168 28.88 28.84 -16.22
CA ILE B 168 28.09 28.43 -17.37
C ILE B 168 27.43 29.64 -17.99
N ASN B 169 26.85 30.50 -17.14
CA ASN B 169 26.22 31.72 -17.62
C ASN B 169 27.21 32.56 -18.42
N THR B 170 28.47 32.60 -18.00
CA THR B 170 29.50 33.40 -18.66
C THR B 170 29.95 32.77 -19.97
N ASP B 171 30.04 31.44 -20.01
CA ASP B 171 30.74 30.75 -21.08
C ASP B 171 29.84 30.15 -22.14
N ARG B 172 28.58 29.89 -21.84
CA ARG B 172 27.71 29.19 -22.77
C ARG B 172 26.59 30.08 -23.28
N HIS B 173 26.03 29.68 -24.41
CA HIS B 173 24.83 30.30 -24.97
C HIS B 173 23.65 29.33 -24.88
N GLU B 174 23.24 29.05 -23.65
CA GLU B 174 22.25 28.03 -23.36
C GLU B 174 21.21 28.60 -22.41
N HIS B 175 20.21 27.79 -22.09
CA HIS B 175 19.09 28.19 -21.27
C HIS B 175 19.24 27.52 -19.91
N ILE B 176 19.37 28.31 -18.86
CA ILE B 176 19.49 27.80 -17.51
C ILE B 176 18.20 28.09 -16.77
N VAL B 177 17.61 27.05 -16.19
CA VAL B 177 16.43 27.18 -15.35
C VAL B 177 16.81 26.64 -13.98
N THR B 178 16.53 27.40 -12.95
CA THR B 178 16.73 26.95 -11.58
C THR B 178 15.40 26.95 -10.84
N VAL B 179 15.21 25.93 -10.02
CA VAL B 179 14.07 25.88 -9.11
C VAL B 179 14.63 25.83 -7.69
N GLU B 180 14.25 26.81 -6.87
CA GLU B 180 14.87 27.02 -5.57
C GLU B 180 13.80 27.41 -4.56
N ASP B 181 14.03 27.01 -3.30
CA ASP B 181 13.09 27.27 -2.21
C ASP B 181 13.86 27.65 -0.95
N PRO B 182 14.23 28.93 -0.81
CA PRO B 182 13.99 30.01 -1.77
C PRO B 182 15.17 30.25 -2.69
N ILE B 183 15.04 31.21 -3.60
CA ILE B 183 16.17 31.65 -4.40
C ILE B 183 17.18 32.31 -3.49
N GLU B 184 18.43 31.87 -3.55
CA GLU B 184 19.46 32.48 -2.72
C GLU B 184 20.38 33.41 -3.51
N TYR B 185 20.90 32.93 -4.63
CA TYR B 185 21.77 33.71 -5.50
C TYR B 185 21.02 34.12 -6.76
N LEU B 186 21.17 35.38 -7.14
CA LEU B 186 20.59 35.90 -8.36
C LEU B 186 21.63 35.86 -9.46
N HIS B 187 21.24 35.35 -10.63
CA HIS B 187 22.16 35.23 -11.76
C HIS B 187 21.70 36.13 -12.88
N PRO B 188 22.30 37.31 -13.04
CA PRO B 188 21.97 38.16 -14.18
C PRO B 188 22.36 37.49 -15.48
N HIS B 189 21.59 37.78 -16.53
CA HIS B 189 21.89 37.23 -17.84
C HIS B 189 23.27 37.67 -18.30
N LYS B 190 24.12 36.70 -18.61
CA LYS B 190 25.37 36.96 -19.31
C LYS B 190 25.21 36.42 -20.72
N SER B 191 25.98 35.39 -21.08
CA SER B 191 25.79 34.81 -22.40
C SER B 191 24.64 33.82 -22.42
N CYS B 192 24.19 33.38 -21.25
CA CYS B 192 23.03 32.50 -21.14
C CYS B 192 21.75 33.29 -20.89
N VAL B 193 20.62 32.66 -21.19
CA VAL B 193 19.32 33.09 -20.67
C VAL B 193 19.07 32.33 -19.38
N VAL B 194 18.88 33.05 -18.28
CA VAL B 194 18.71 32.43 -16.96
C VAL B 194 17.35 32.77 -16.42
N ASN B 195 16.52 31.75 -16.19
CA ASN B 195 15.22 31.91 -15.54
C ASN B 195 15.27 31.18 -14.20
N GLN B 196 14.85 31.88 -13.15
CA GLN B 196 14.89 31.34 -11.79
C GLN B 196 13.50 31.39 -11.19
N ARG B 197 12.98 30.22 -10.81
CA ARG B 197 11.64 30.07 -10.29
C ARG B 197 11.71 29.77 -8.80
N GLU B 198 11.07 30.60 -7.99
CA GLU B 198 11.05 30.41 -6.54
C GLU B 198 9.79 29.64 -6.21
N VAL B 199 9.95 28.53 -5.47
CA VAL B 199 8.80 27.73 -5.05
C VAL B 199 7.95 28.53 -4.07
N GLY B 200 6.64 28.50 -4.28
CA GLY B 200 5.74 29.23 -3.42
C GLY B 200 5.35 30.59 -3.93
N ALA B 201 6.10 31.14 -4.88
CA ALA B 201 5.78 32.45 -5.44
C ALA B 201 5.68 32.32 -6.96
N ASP B 202 6.79 31.95 -7.59
CA ASP B 202 6.80 31.82 -9.04
C ASP B 202 6.11 30.53 -9.47
N THR B 203 6.26 29.45 -8.71
CA THR B 203 5.65 28.16 -9.03
C THR B 203 5.13 27.50 -7.76
N LYS B 204 4.09 26.66 -7.92
CA LYS B 204 3.42 26.09 -6.75
C LYS B 204 4.32 25.14 -5.98
N SER B 205 5.16 24.37 -6.68
CA SER B 205 5.93 23.32 -6.04
C SER B 205 6.99 22.85 -7.01
N PHE B 206 7.93 22.07 -6.48
CA PHE B 206 8.90 21.38 -7.34
C PHE B 206 8.19 20.52 -8.38
N LYS B 207 7.11 19.85 -7.99
CA LYS B 207 6.41 18.97 -8.92
C LYS B 207 5.85 19.76 -10.10
N ASN B 208 5.25 20.92 -9.85
CA ASN B 208 4.66 21.69 -10.95
C ASN B 208 5.72 22.28 -11.86
N ALA B 209 6.82 22.79 -11.30
CA ALA B 209 7.88 23.33 -12.14
C ALA B 209 8.49 22.23 -13.01
N LEU B 210 8.71 21.04 -12.43
CA LEU B 210 9.28 19.93 -13.18
C LEU B 210 8.28 19.30 -14.15
N LYS B 211 6.98 19.53 -13.96
CA LYS B 211 5.99 19.00 -14.89
C LYS B 211 6.04 19.68 -16.25
N TYR B 212 6.55 20.91 -16.30
CA TYR B 212 6.57 21.70 -17.51
C TYR B 212 7.97 21.99 -18.01
N ILE B 213 9.01 21.58 -17.29
CA ILE B 213 10.35 22.02 -17.63
C ILE B 213 10.81 21.45 -18.96
N LEU B 214 10.33 20.28 -19.35
CA LEU B 214 10.75 19.76 -20.64
C LEU B 214 10.14 20.53 -21.80
N ARG B 215 9.00 21.18 -21.59
CA ARG B 215 8.40 22.03 -22.61
C ARG B 215 8.90 23.46 -22.54
N GLN B 216 9.92 23.72 -21.71
CA GLN B 216 10.50 25.05 -21.58
C GLN B 216 11.89 25.14 -22.19
N ASP B 217 12.27 24.19 -23.05
CA ASP B 217 13.53 24.20 -23.77
C ASP B 217 14.76 24.49 -22.89
N PRO B 218 14.97 23.72 -21.83
CA PRO B 218 16.14 23.97 -20.99
C PRO B 218 17.37 23.25 -21.52
N ASP B 219 18.53 23.75 -21.12
CA ASP B 219 19.80 23.07 -21.33
C ASP B 219 20.47 22.67 -20.03
N VAL B 220 20.36 23.51 -19.01
CA VAL B 220 20.94 23.27 -17.69
C VAL B 220 19.84 23.52 -16.69
N VAL B 221 19.67 22.60 -15.73
CA VAL B 221 18.58 22.70 -14.77
C VAL B 221 19.15 22.47 -13.38
N LEU B 222 18.75 23.32 -12.45
CA LEU B 222 19.02 23.13 -11.02
C LEU B 222 17.70 22.77 -10.36
N VAL B 223 17.66 21.60 -9.71
CA VAL B 223 16.40 21.10 -9.17
C VAL B 223 16.35 21.12 -7.65
N GLY B 224 17.40 21.56 -6.98
CA GLY B 224 17.35 21.61 -5.53
C GLY B 224 17.56 20.24 -4.90
N GLU B 225 16.98 20.06 -3.71
CA GLU B 225 17.18 18.82 -2.98
C GLU B 225 16.34 17.71 -3.60
N LEU B 226 16.93 16.53 -3.68
CA LEU B 226 16.19 15.33 -4.08
C LEU B 226 15.33 14.86 -2.91
N ARG B 227 14.17 15.52 -2.74
CA ARG B 227 13.43 15.36 -1.50
C ARG B 227 12.74 14.00 -1.46
N ASP B 228 12.30 13.51 -2.62
CA ASP B 228 11.49 12.30 -2.67
C ASP B 228 11.75 11.55 -3.97
N LEU B 229 11.05 10.42 -4.13
CA LEU B 229 11.19 9.63 -5.35
C LEU B 229 10.82 10.42 -6.60
N GLU B 230 9.80 11.27 -6.50
CA GLU B 230 9.33 12.00 -7.68
C GLU B 230 10.41 12.93 -8.23
N THR B 231 11.23 13.51 -7.36
CA THR B 231 12.29 14.41 -7.82
C THR B 231 13.49 13.65 -8.36
N ILE B 232 13.82 12.51 -7.75
CA ILE B 232 14.92 11.69 -8.27
C ILE B 232 14.61 11.21 -9.69
N GLU B 233 13.39 10.73 -9.91
CA GLU B 233 13.01 10.28 -11.25
C GLU B 233 13.04 11.44 -12.24
N ALA B 234 12.62 12.62 -11.80
CA ALA B 234 12.66 13.78 -12.68
C ALA B 234 14.10 14.13 -13.03
N ALA B 235 15.00 14.10 -12.04
CA ALA B 235 16.39 14.43 -12.31
C ALA B 235 17.06 13.39 -13.20
N LEU B 236 16.76 12.10 -12.96
CA LEU B 236 17.30 11.06 -13.83
C LEU B 236 16.79 11.19 -15.26
N THR B 237 15.50 11.48 -15.43
CA THR B 237 14.93 11.66 -16.76
C THR B 237 15.57 12.87 -17.46
N LEU B 238 15.67 13.98 -16.74
CA LEU B 238 16.31 15.17 -17.29
C LEU B 238 17.74 14.88 -17.73
N ALA B 239 18.47 14.12 -16.91
CA ALA B 239 19.88 13.84 -17.17
C ALA B 239 20.06 12.91 -18.36
N GLU B 240 19.15 11.97 -18.56
CA GLU B 240 19.32 11.01 -19.65
C GLU B 240 18.77 11.52 -20.97
N THR B 241 17.98 12.58 -20.96
CA THR B 241 17.47 13.12 -22.20
C THR B 241 18.38 14.20 -22.77
N GLY B 242 19.63 14.26 -22.33
CA GLY B 242 20.55 15.20 -22.94
C GLY B 242 20.76 16.52 -22.24
N HIS B 243 20.33 16.66 -21.00
CA HIS B 243 20.46 17.92 -20.28
C HIS B 243 21.47 17.78 -19.15
N LEU B 244 22.01 18.93 -18.74
CA LEU B 244 22.85 19.01 -17.56
C LEU B 244 22.00 19.41 -16.35
N CYS B 245 21.87 18.48 -15.41
CA CYS B 245 20.99 18.66 -14.26
C CYS B 245 21.83 18.75 -12.99
N PHE B 246 21.60 19.79 -12.19
CA PHE B 246 22.26 19.97 -10.90
C PHE B 246 21.26 19.77 -9.77
N ALA B 247 21.71 19.09 -8.71
CA ALA B 247 20.84 18.85 -7.56
C ALA B 247 21.70 18.70 -6.31
N THR B 248 21.05 18.79 -5.15
CA THR B 248 21.72 18.68 -3.87
C THR B 248 21.14 17.52 -3.07
N LEU B 249 21.94 17.01 -2.13
CA LEU B 249 21.47 16.06 -1.14
C LEU B 249 22.08 16.38 0.21
N HIS B 250 21.50 15.77 1.23
CA HIS B 250 21.94 15.94 2.62
C HIS B 250 22.95 14.89 3.05
N THR B 251 23.82 14.42 2.16
CA THR B 251 24.76 13.36 2.49
C THR B 251 26.17 13.91 2.66
N ASN B 252 27.04 13.12 3.31
CA ASN B 252 28.33 13.64 3.75
C ASN B 252 29.52 13.05 3.00
N SER B 253 29.30 12.13 2.06
CA SER B 253 30.39 11.56 1.28
C SER B 253 29.81 11.10 -0.05
N ALA B 254 30.71 10.81 -1.00
CA ALA B 254 30.31 10.36 -2.33
C ALA B 254 29.62 9.00 -2.33
N VAL B 255 30.15 8.03 -1.58
CA VAL B 255 29.53 6.71 -1.58
C VAL B 255 28.13 6.73 -0.98
N GLN B 256 27.97 7.35 0.19
CA GLN B 256 26.65 7.43 0.83
C GLN B 256 25.64 8.20 -0.01
N THR B 257 26.09 9.19 -0.78
CA THR B 257 25.14 9.92 -1.63
C THR B 257 24.54 8.96 -2.65
N ILE B 258 25.38 8.17 -3.28
CA ILE B 258 24.92 7.21 -4.27
C ILE B 258 24.02 6.17 -3.61
N ASN B 259 24.42 5.69 -2.43
CA ASN B 259 23.64 4.70 -1.70
C ASN B 259 22.26 5.22 -1.32
N ARG B 260 22.16 6.47 -0.86
CA ARG B 260 20.86 6.99 -0.46
C ARG B 260 19.88 7.01 -1.63
N ILE B 261 20.36 7.38 -2.82
CA ILE B 261 19.47 7.47 -3.97
C ILE B 261 18.95 6.10 -4.35
N VAL B 262 19.81 5.08 -4.39
CA VAL B 262 19.33 3.77 -4.81
C VAL B 262 18.41 3.19 -3.75
N ASP B 263 18.79 3.33 -2.47
CA ASP B 263 18.09 2.65 -1.38
C ASP B 263 16.73 3.25 -1.05
N VAL B 264 16.42 4.44 -1.58
CA VAL B 264 15.10 5.03 -1.32
C VAL B 264 14.02 4.35 -2.16
N PHE B 265 14.40 3.67 -3.18
CA PHE B 265 13.46 3.02 -4.08
C PHE B 265 13.14 1.60 -3.62
N PRO B 266 11.97 1.11 -4.00
CA PRO B 266 11.62 -0.29 -3.73
C PRO B 266 12.64 -1.24 -4.33
N SER B 267 12.76 -2.43 -3.73
CA SER B 267 13.83 -3.35 -4.09
C SER B 267 13.79 -3.67 -5.58
N TYR B 268 12.60 -3.80 -6.15
CA TYR B 268 12.48 -4.18 -7.56
C TYR B 268 12.95 -3.06 -8.48
N GLN B 269 12.99 -1.82 -8.01
CA GLN B 269 13.38 -0.71 -8.88
C GLN B 269 14.83 -0.27 -8.70
N GLN B 270 15.55 -0.78 -7.70
CA GLN B 270 16.95 -0.41 -7.57
C GLN B 270 17.83 -0.84 -8.75
N PRO B 271 17.62 -2.00 -9.39
CA PRO B 271 18.42 -2.29 -10.61
C PRO B 271 18.33 -1.22 -11.70
N GLN B 272 17.11 -0.73 -12.02
CA GLN B 272 16.98 0.29 -13.05
C GLN B 272 17.58 1.62 -12.63
N VAL B 273 17.43 1.96 -11.35
CA VAL B 273 18.01 3.19 -10.82
C VAL B 273 19.53 3.09 -10.87
N ARG B 274 20.06 1.91 -10.54
CA ARG B 274 21.49 1.69 -10.61
C ARG B 274 22.01 1.79 -12.05
N ALA B 275 21.26 1.25 -13.01
CA ALA B 275 21.65 1.36 -14.41
C ALA B 275 21.58 2.78 -14.93
N GLN B 276 20.52 3.51 -14.57
CA GLN B 276 20.38 4.90 -14.98
C GLN B 276 21.50 5.75 -14.42
N LEU B 277 21.75 5.63 -13.12
CA LEU B 277 22.81 6.40 -12.49
C LEU B 277 24.17 6.13 -13.13
N SER B 278 24.46 4.87 -13.49
CA SER B 278 25.77 4.59 -14.09
C SER B 278 25.97 5.30 -15.42
N PHE B 279 24.90 5.56 -16.17
CA PHE B 279 25.04 6.25 -17.45
C PHE B 279 25.08 7.76 -17.31
N VAL B 280 24.25 8.32 -16.43
CA VAL B 280 24.04 9.78 -16.44
C VAL B 280 24.86 10.49 -15.38
N LEU B 281 25.36 9.79 -14.36
CA LEU B 281 26.10 10.45 -13.30
C LEU B 281 27.40 10.98 -13.88
N GLU B 282 27.64 12.28 -13.69
CA GLU B 282 28.86 12.88 -14.17
C GLU B 282 29.74 13.46 -13.07
N GLY B 283 29.24 13.59 -11.85
CA GLY B 283 30.04 14.13 -10.76
C GLY B 283 29.30 14.20 -9.43
N VAL B 284 30.00 13.92 -8.34
CA VAL B 284 29.45 14.09 -7.00
C VAL B 284 30.44 14.89 -6.14
N LEU B 285 30.01 16.04 -5.63
CA LEU B 285 30.86 16.79 -4.73
C LEU B 285 30.24 16.79 -3.35
N SER B 286 30.96 16.29 -2.35
CA SER B 286 30.49 16.36 -0.98
C SER B 286 31.34 17.38 -0.25
N GLN B 287 30.70 18.35 0.39
CA GLN B 287 31.42 19.48 0.94
C GLN B 287 31.21 19.59 2.46
N THR B 288 32.15 20.31 3.10
CA THR B 288 32.11 20.60 4.53
C THR B 288 32.98 21.84 4.76
N LEU B 289 32.47 22.79 5.56
CA LEU B 289 33.25 23.95 5.94
C LEU B 289 33.74 23.83 7.37
N LEU B 290 35.05 24.00 7.55
CA LEU B 290 35.81 23.87 8.77
C LEU B 290 36.43 25.23 9.12
N PRO B 291 36.54 25.58 10.39
CA PRO B 291 37.23 26.83 10.73
C PRO B 291 38.71 26.77 10.37
N LYS B 292 39.20 27.88 9.81
CA LYS B 292 40.62 28.00 9.51
C LYS B 292 41.42 28.16 10.80
N ALA B 293 42.70 27.80 10.73
CA ALA B 293 43.56 27.98 11.89
C ALA B 293 43.81 29.45 12.17
N SER B 294 43.69 30.31 11.15
CA SER B 294 43.89 31.74 11.34
C SER B 294 42.82 32.39 12.21
N GLY B 295 41.66 31.77 12.40
CA GLY B 295 40.61 32.44 13.14
C GLY B 295 39.67 33.31 12.34
N THR B 296 39.91 33.47 11.03
CA THR B 296 39.11 34.34 10.18
C THR B 296 38.69 33.56 8.94
N GLY B 297 37.39 33.32 8.80
CA GLY B 297 36.93 32.61 7.62
C GLY B 297 36.70 31.15 7.89
N ARG B 298 36.19 30.50 6.87
CA ARG B 298 35.94 29.06 6.90
C ARG B 298 36.60 28.55 5.64
N VAL B 299 36.95 27.26 5.63
CA VAL B 299 37.67 26.69 4.50
C VAL B 299 36.94 25.45 4.03
N LEU B 300 36.89 25.27 2.73
CA LEU B 300 36.15 24.17 2.15
C LEU B 300 36.97 22.89 2.16
N ALA B 301 36.38 21.83 2.72
CA ALA B 301 36.88 20.48 2.53
C ALA B 301 35.86 19.80 1.64
N ILE B 302 36.34 19.17 0.57
CA ILE B 302 35.43 18.68 -0.47
C ILE B 302 35.93 17.35 -0.99
N GLU B 303 35.02 16.39 -1.09
CA GLU B 303 35.28 15.13 -1.75
C GLU B 303 34.70 15.18 -3.16
N VAL B 304 35.49 14.79 -4.15
CA VAL B 304 35.09 14.87 -5.55
C VAL B 304 35.17 13.48 -6.15
N MET B 305 34.05 12.98 -6.66
CA MET B 305 34.00 11.74 -7.40
C MET B 305 33.48 12.04 -8.80
N VAL B 306 34.27 11.73 -9.82
CA VAL B 306 33.86 11.87 -11.22
C VAL B 306 33.87 10.48 -11.84
N PRO B 307 32.74 9.96 -12.29
CA PRO B 307 32.72 8.57 -12.78
C PRO B 307 33.59 8.40 -14.00
N ASN B 308 34.46 7.40 -13.93
CA ASN B 308 35.20 6.85 -15.05
C ASN B 308 34.62 5.50 -15.43
N PRO B 309 35.02 4.92 -16.57
CA PRO B 309 34.47 3.61 -16.94
C PRO B 309 34.56 2.57 -15.83
N ALA B 310 35.62 2.60 -15.01
CA ALA B 310 35.71 1.64 -13.92
C ALA B 310 34.59 1.88 -12.91
N ILE B 311 34.36 3.14 -12.56
CA ILE B 311 33.34 3.48 -11.57
C ILE B 311 31.95 3.23 -12.12
N ARG B 312 31.72 3.58 -13.39
CA ARG B 312 30.41 3.32 -13.99
C ARG B 312 30.11 1.83 -13.99
N ASN B 313 31.14 1.00 -14.22
CA ASN B 313 30.98 -0.44 -14.12
C ASN B 313 30.69 -0.88 -12.69
N LEU B 314 31.43 -0.33 -11.72
CA LEU B 314 31.19 -0.70 -10.32
C LEU B 314 29.78 -0.35 -9.89
N ILE B 315 29.22 0.74 -10.42
CA ILE B 315 27.84 1.08 -10.10
C ILE B 315 26.89 0.04 -10.70
N ARG B 316 27.14 -0.39 -11.94
CA ARG B 316 26.24 -1.37 -12.55
C ARG B 316 26.37 -2.72 -11.86
N GLU B 317 27.58 -3.10 -11.45
CA GLU B 317 27.77 -4.39 -10.79
C GLU B 317 27.41 -4.37 -9.30
N ASP B 318 26.86 -3.27 -8.77
CA ASP B 318 26.51 -3.15 -7.34
C ASP B 318 27.70 -3.40 -6.42
N LYS B 319 28.83 -2.78 -6.76
CA LYS B 319 30.03 -2.82 -5.91
C LYS B 319 30.39 -1.38 -5.55
N ILE B 320 29.57 -0.76 -4.70
CA ILE B 320 29.72 0.64 -4.40
C ILE B 320 30.90 0.89 -3.47
N HIS B 321 31.21 -0.08 -2.60
CA HIS B 321 32.30 0.11 -1.63
C HIS B 321 33.61 0.43 -2.34
N GLN B 322 33.90 -0.25 -3.44
CA GLN B 322 35.13 -0.02 -4.18
C GLN B 322 35.20 1.36 -4.81
N ILE B 323 34.16 2.20 -4.73
CA ILE B 323 34.32 3.52 -5.32
C ILE B 323 35.34 4.32 -4.52
N TYR B 324 35.37 4.16 -3.20
CA TYR B 324 36.33 4.94 -2.41
C TYR B 324 37.76 4.53 -2.77
N SER B 325 37.96 3.22 -2.98
CA SER B 325 39.26 2.68 -3.39
C SER B 325 39.66 3.14 -4.78
N GLN B 326 38.70 3.29 -5.69
CA GLN B 326 39.03 3.78 -7.03
C GLN B 326 39.45 5.24 -6.95
N MET B 327 38.81 6.01 -6.06
CA MET B 327 39.17 7.40 -5.89
C MET B 327 40.55 7.55 -5.27
N GLN B 328 40.99 6.54 -4.51
CA GLN B 328 42.29 6.67 -3.87
C GLN B 328 43.40 6.69 -4.93
N VAL B 329 43.17 6.06 -6.08
CA VAL B 329 44.19 5.98 -7.11
C VAL B 329 43.77 6.69 -8.39
N GLY B 330 42.64 7.40 -8.36
CA GLY B 330 42.14 8.12 -9.52
C GLY B 330 42.45 9.59 -9.36
N GLN B 331 43.44 9.86 -8.50
CA GLN B 331 43.81 11.21 -8.11
C GLN B 331 44.46 12.01 -9.25
N GLU B 332 45.46 11.42 -9.90
CA GLU B 332 46.23 12.15 -10.91
C GLU B 332 45.47 12.37 -12.21
N LYS B 333 44.63 11.42 -12.61
CA LYS B 333 44.00 11.47 -13.94
C LYS B 333 42.80 12.39 -13.98
N PHE B 334 41.96 12.36 -12.94
CA PHE B 334 40.69 13.07 -12.98
C PHE B 334 40.54 14.11 -11.89
N GLY B 335 41.53 14.27 -11.02
CA GLY B 335 41.30 15.25 -9.98
C GLY B 335 40.39 14.77 -8.89
N MET B 336 40.20 13.46 -8.77
CA MET B 336 39.36 12.91 -7.71
C MET B 336 40.07 13.01 -6.37
N MET B 337 39.41 13.67 -5.44
CA MET B 337 39.98 13.95 -4.13
C MET B 337 39.02 13.35 -3.13
N THR B 338 39.50 12.36 -2.37
CA THR B 338 38.70 11.86 -1.28
C THR B 338 38.66 12.91 -0.18
N MET B 339 37.71 12.74 0.75
CA MET B 339 37.64 13.69 1.84
C MET B 339 38.94 13.63 2.62
N ASN B 340 39.47 12.42 2.79
CA ASN B 340 40.73 12.27 3.50
C ASN B 340 41.88 12.95 2.77
N GLN B 341 41.89 12.88 1.43
CA GLN B 341 42.92 13.55 0.63
C GLN B 341 42.87 15.07 0.74
N CYS B 342 41.66 15.64 0.85
CA CYS B 342 41.57 17.08 1.05
C CYS B 342 42.14 17.44 2.41
N LEU B 343 41.83 16.64 3.44
CA LEU B 343 42.36 16.86 4.77
C LEU B 343 43.90 16.81 4.81
N TYR B 344 44.53 15.88 4.06
CA TYR B 344 46.01 15.86 4.04
C TYR B 344 46.60 17.19 3.58
N GLY B 345 46.08 17.75 2.48
CA GLY B 345 46.62 19.01 1.98
C GLY B 345 46.42 20.20 2.90
N LEU B 346 45.23 20.34 3.48
CA LEU B 346 44.99 21.44 4.41
C LEU B 346 45.89 21.37 5.64
N LEU B 347 46.15 20.16 6.15
CA LEU B 347 47.02 20.00 7.30
C LEU B 347 48.49 20.32 7.00
N GLN B 348 49.00 19.92 5.84
CA GLN B 348 50.39 20.21 5.52
C GLN B 348 50.66 21.70 5.41
N LYS B 349 49.71 22.46 4.86
CA LYS B 349 49.78 23.92 4.77
C LYS B 349 49.37 24.65 6.04
N ARG B 350 48.96 23.93 7.09
CA ARG B 350 48.56 24.52 8.37
C ARG B 350 47.34 25.43 8.24
N HIS B 351 46.47 25.14 7.27
CA HIS B 351 45.19 25.83 7.07
C HIS B 351 44.14 25.38 8.09
N ILE B 352 44.24 24.14 8.57
CA ILE B 352 43.31 23.57 9.53
C ILE B 352 44.12 23.00 10.69
N THR B 353 43.44 22.80 11.83
CA THR B 353 44.13 22.20 12.97
C THR B 353 44.12 20.68 12.88
N MET B 354 45.02 20.05 13.63
CA MET B 354 45.11 18.59 13.64
C MET B 354 43.84 17.96 14.21
N ASP B 355 43.30 18.56 15.27
CA ASP B 355 42.10 18.04 15.92
C ASP B 355 40.87 18.17 15.02
N VAL B 356 40.74 19.28 14.30
CA VAL B 356 39.61 19.48 13.40
C VAL B 356 39.67 18.52 12.22
N GLY B 357 40.87 18.36 11.64
CA GLY B 357 41.03 17.45 10.51
C GLY B 357 40.73 16.00 10.85
N MET B 358 41.17 15.56 12.04
CA MET B 358 40.92 14.19 12.48
C MET B 358 39.47 13.96 12.83
N GLY B 359 38.81 14.95 13.41
CA GLY B 359 37.43 14.85 13.85
C GLY B 359 36.39 14.71 12.76
N ARG B 360 36.72 15.05 11.51
CA ARG B 360 35.76 14.93 10.43
C ARG B 360 36.11 13.81 9.44
N SER B 361 37.22 13.12 9.65
CA SER B 361 37.63 12.01 8.78
C SER B 361 36.70 10.82 8.98
N PRO B 362 36.18 10.20 7.92
CA PRO B 362 35.36 8.99 8.10
C PRO B 362 36.16 7.77 8.55
N ASP B 363 37.48 7.83 8.48
CA ASP B 363 38.33 6.73 8.96
C ASP B 363 39.64 7.34 9.44
N PRO B 364 39.68 7.82 10.69
CA PRO B 364 40.90 8.49 11.16
C PRO B 364 42.12 7.59 11.13
N ASP B 365 41.93 6.28 11.35
CA ASP B 365 43.04 5.34 11.32
C ASP B 365 43.65 5.25 9.93
N GLU B 366 42.81 5.25 8.88
CA GLU B 366 43.34 5.20 7.53
C GLU B 366 44.09 6.48 7.19
N LEU B 367 43.52 7.63 7.56
CA LEU B 367 44.17 8.92 7.33
C LEU B 367 45.47 9.05 8.10
N LYS B 368 45.47 8.58 9.36
CA LYS B 368 46.69 8.56 10.17
C LYS B 368 47.83 7.74 9.58
N GLN B 369 47.54 6.54 9.05
CA GLN B 369 48.63 5.72 8.48
C GLN B 369 49.29 6.39 7.28
N MET B 370 48.51 7.01 6.39
CA MET B 370 49.10 7.65 5.23
C MET B 370 49.95 8.84 5.65
N SER C 19 1.49 45.78 -24.49
CA SER C 19 2.04 45.72 -25.84
C SER C 19 1.03 45.11 -26.81
N HIS C 20 1.51 44.62 -27.95
CA HIS C 20 0.64 44.26 -29.05
C HIS C 20 1.00 42.88 -29.59
N MET C 21 0.05 42.30 -30.33
CA MET C 21 0.26 41.02 -30.98
C MET C 21 1.10 41.15 -32.25
N ALA C 22 1.03 42.30 -32.93
CA ALA C 22 1.84 42.51 -34.13
C ALA C 22 3.33 42.42 -33.82
N ASN C 23 3.76 43.04 -32.71
CA ASN C 23 5.15 42.85 -32.28
C ASN C 23 5.46 41.36 -32.15
N MET C 24 4.57 40.60 -31.49
CA MET C 24 4.83 39.18 -31.29
C MET C 24 4.86 38.47 -32.64
N HIS C 25 3.95 38.86 -33.54
CA HIS C 25 3.92 38.28 -34.87
C HIS C 25 5.23 38.53 -35.59
N GLN C 26 5.82 39.70 -35.39
CA GLN C 26 7.09 40.00 -36.05
C GLN C 26 8.22 39.20 -35.42
N LEU C 27 8.16 38.98 -34.11
CA LEU C 27 9.18 38.19 -33.45
C LEU C 27 9.14 36.74 -33.94
N LEU C 28 7.94 36.16 -34.06
CA LEU C 28 7.86 34.80 -34.58
C LEU C 28 8.28 34.69 -36.04
N THR C 29 7.99 35.70 -36.86
CA THR C 29 8.44 35.69 -38.25
C THR C 29 9.97 35.76 -38.34
N GLU C 30 10.61 36.59 -37.51
CA GLU C 30 12.08 36.62 -37.55
C GLU C 30 12.66 35.29 -37.11
N LEU C 31 12.04 34.67 -36.09
CA LEU C 31 12.44 33.34 -35.68
C LEU C 31 12.39 32.37 -36.84
N VAL C 32 11.28 32.39 -37.58
CA VAL C 32 11.13 31.51 -38.73
C VAL C 32 12.15 31.90 -39.81
N ASN C 33 12.22 33.19 -40.15
CA ASN C 33 13.06 33.62 -41.27
C ASN C 33 14.52 33.25 -41.05
N ARG C 34 15.01 33.32 -39.81
CA ARG C 34 16.41 33.03 -39.54
C ARG C 34 16.63 31.53 -39.35
N GLY C 35 15.59 30.73 -39.55
CA GLY C 35 15.65 29.29 -39.37
C GLY C 35 15.90 28.86 -37.94
N GLY C 36 15.51 29.67 -36.98
CA GLY C 36 15.66 29.32 -35.59
C GLY C 36 14.63 28.30 -35.14
N SER C 37 14.91 27.64 -34.03
CA SER C 37 14.00 26.63 -33.52
C SER C 37 13.08 27.16 -32.42
N ASP C 38 13.59 27.95 -31.48
CA ASP C 38 12.83 28.37 -30.31
C ASP C 38 12.95 29.87 -30.11
N LEU C 39 11.87 30.52 -29.71
CA LEU C 39 11.91 31.91 -29.27
C LEU C 39 11.76 31.99 -27.76
N HIS C 40 12.66 32.73 -27.12
CA HIS C 40 12.67 32.90 -25.67
C HIS C 40 12.37 34.36 -25.32
N LEU C 41 11.41 34.56 -24.44
CA LEU C 41 11.02 35.89 -23.98
C LEU C 41 11.10 35.89 -22.46
N THR C 42 12.00 36.71 -21.92
CA THR C 42 12.16 36.81 -20.48
C THR C 42 12.76 38.16 -20.14
N THR C 43 12.53 38.56 -18.89
CA THR C 43 12.91 39.89 -18.42
C THR C 43 14.43 40.07 -18.38
N ASN C 44 14.85 41.32 -18.62
CA ASN C 44 16.23 41.79 -18.56
C ASN C 44 17.10 41.23 -19.67
N SER C 45 16.51 40.59 -20.66
CA SER C 45 17.19 40.13 -21.85
C SER C 45 16.37 40.53 -23.06
N PRO C 46 17.03 40.83 -24.18
CA PRO C 46 16.31 40.92 -25.45
C PRO C 46 15.74 39.56 -25.83
N PRO C 47 14.79 39.51 -26.76
CA PRO C 47 14.35 38.21 -27.28
C PRO C 47 15.52 37.42 -27.83
N GLN C 48 15.52 36.12 -27.55
CA GLN C 48 16.58 35.26 -28.02
C GLN C 48 15.98 34.10 -28.80
N ILE C 49 16.63 33.74 -29.89
CA ILE C 49 16.21 32.66 -30.77
C ILE C 49 17.29 31.59 -30.79
N ARG C 50 16.89 30.34 -30.63
CA ARG C 50 17.83 29.23 -30.73
C ARG C 50 18.02 28.84 -32.19
N ILE C 51 19.24 28.94 -32.68
CA ILE C 51 19.59 28.56 -34.04
C ILE C 51 20.67 27.50 -33.95
N ASP C 52 20.41 26.32 -34.51
CA ASP C 52 21.33 25.19 -34.48
C ASP C 52 21.75 24.87 -33.04
N GLY C 53 20.80 25.04 -32.11
CA GLY C 53 21.01 24.68 -30.73
C GLY C 53 21.54 25.77 -29.82
N LYS C 54 21.97 26.90 -30.36
CA LYS C 54 22.58 27.94 -29.54
C LYS C 54 21.75 29.21 -29.59
N LEU C 55 21.63 29.86 -28.44
CA LEU C 55 20.82 31.07 -28.33
C LEU C 55 21.54 32.27 -28.92
N LEU C 56 20.80 33.06 -29.70
CA LEU C 56 21.26 34.30 -30.28
C LEU C 56 20.33 35.42 -29.85
N PRO C 57 20.79 36.47 -29.18
CA PRO C 57 19.90 37.58 -28.85
C PRO C 57 19.63 38.47 -30.06
N LEU C 58 18.38 38.92 -30.16
CA LEU C 58 17.98 39.86 -31.20
C LEU C 58 18.39 41.28 -30.85
N ASP C 59 18.60 42.10 -31.89
CA ASP C 59 19.05 43.48 -31.71
C ASP C 59 17.88 44.38 -31.30
N MET C 60 17.45 44.22 -30.05
CA MET C 60 16.34 44.96 -29.47
C MET C 60 16.70 45.26 -28.03
N PRO C 61 16.05 46.24 -27.42
CA PRO C 61 16.28 46.51 -25.99
C PRO C 61 15.77 45.36 -25.14
N PRO C 62 16.32 45.18 -23.93
CA PRO C 62 15.81 44.13 -23.04
C PRO C 62 14.37 44.40 -22.63
N LEU C 63 13.63 43.30 -22.42
CA LEU C 63 12.25 43.36 -21.96
C LEU C 63 12.17 43.56 -20.46
N ASN C 64 11.10 44.24 -20.03
CA ASN C 64 10.73 44.32 -18.62
C ASN C 64 9.52 43.40 -18.40
N ALA C 65 9.01 43.38 -17.16
CA ALA C 65 7.93 42.44 -16.84
C ALA C 65 6.65 42.78 -17.58
N VAL C 66 6.40 44.07 -17.83
CA VAL C 66 5.28 44.47 -18.68
C VAL C 66 5.43 43.90 -20.08
N ASP C 67 6.66 43.92 -20.61
CA ASP C 67 6.90 43.45 -21.97
C ASP C 67 6.59 41.97 -22.12
N THR C 68 7.11 41.13 -21.22
CA THR C 68 6.95 39.69 -21.36
C THR C 68 5.48 39.28 -21.27
N LYS C 69 4.75 39.84 -20.31
CA LYS C 69 3.35 39.47 -20.11
C LYS C 69 2.50 39.85 -21.32
N GLN C 70 2.68 41.08 -21.82
CA GLN C 70 1.86 41.55 -22.93
C GLN C 70 2.08 40.70 -24.18
N LEU C 71 3.33 40.34 -24.46
CA LEU C 71 3.64 39.54 -25.64
C LEU C 71 3.05 38.13 -25.53
N CYS C 72 3.24 37.48 -24.38
CA CYS C 72 2.72 36.13 -24.21
C CYS C 72 1.19 36.13 -24.21
N TYR C 73 0.58 37.10 -23.53
CA TYR C 73 -0.87 37.17 -23.48
C TYR C 73 -1.49 37.47 -24.85
N SER C 74 -0.73 38.07 -25.77
CA SER C 74 -1.29 38.41 -27.07
C SER C 74 -1.64 37.17 -27.91
N ILE C 75 -1.10 36.00 -27.58
CA ILE C 75 -1.38 34.77 -28.32
C ILE C 75 -2.20 33.78 -27.50
N LEU C 76 -2.82 34.24 -26.43
CA LEU C 76 -3.62 33.38 -25.56
C LEU C 76 -5.10 33.70 -25.72
N THR C 77 -5.95 32.68 -25.64
CA THR C 77 -7.37 32.90 -25.49
C THR C 77 -7.67 33.34 -24.05
N GLU C 78 -8.87 33.88 -23.85
CA GLU C 78 -9.22 34.34 -22.51
C GLU C 78 -9.23 33.19 -21.50
N GLN C 79 -9.74 32.02 -21.90
CA GLN C 79 -9.63 30.86 -21.04
C GLN C 79 -8.18 30.52 -20.73
N GLN C 80 -7.29 30.70 -21.70
CA GLN C 80 -5.87 30.43 -21.52
C GLN C 80 -5.22 31.46 -20.62
N MLY C 81 -5.64 32.71 -20.77
CA MLY C 81 -5.12 33.80 -19.96
CB MLY C 81 -5.67 35.15 -20.44
CG MLY C 81 -4.97 35.76 -21.66
CD MLY C 81 -5.81 36.90 -22.27
CE MLY C 81 -4.96 38.14 -22.60
NZ MLY C 81 -5.71 39.23 -23.34
CH1 MLY C 81 -4.82 40.40 -23.42
CH2 MLY C 81 -6.84 39.63 -22.49
C MLY C 81 -5.47 33.58 -18.50
O MLY C 81 -4.67 33.86 -17.61
N HIS C 82 -6.67 33.04 -18.26
CA HIS C 82 -7.18 32.87 -16.90
C HIS C 82 -6.65 31.58 -16.29
N LYS C 83 -6.61 30.51 -17.08
CA LYS C 83 -6.05 29.25 -16.59
C LYS C 83 -4.57 29.39 -16.27
N PHE C 84 -3.86 30.26 -17.00
CA PHE C 84 -2.46 30.55 -16.70
C PHE C 84 -2.31 31.29 -15.37
N GLU C 85 -3.21 32.24 -15.10
CA GLU C 85 -3.13 32.99 -13.86
C GLU C 85 -3.47 32.14 -12.63
N GLU C 86 -4.20 31.05 -12.81
CA GLU C 86 -4.47 30.14 -11.70
C GLU C 86 -3.26 29.28 -11.32
N ASN C 87 -2.44 28.92 -12.29
CA ASN C 87 -1.43 27.90 -12.08
C ASN C 87 0.01 28.35 -12.32
N ASN C 88 0.23 29.50 -12.97
CA ASN C 88 1.55 29.97 -13.39
C ASN C 88 2.22 29.03 -14.37
N GLU C 89 1.45 28.18 -15.04
CA GLU C 89 1.94 27.31 -16.09
C GLU C 89 0.88 27.18 -17.16
N LEU C 90 1.32 27.02 -18.41
CA LEU C 90 0.37 26.79 -19.50
C LEU C 90 1.11 26.23 -20.70
N ASP C 91 0.59 25.11 -21.22
CA ASP C 91 0.96 24.56 -22.51
C ASP C 91 -0.16 24.83 -23.50
N LEU C 92 0.21 25.15 -24.74
CA LEU C 92 -0.78 25.44 -25.77
C LEU C 92 -0.13 25.32 -27.13
N SER C 93 -0.98 25.29 -28.15
CA SER C 93 -0.56 25.41 -29.54
C SER C 93 -1.45 26.42 -30.22
N PHE C 94 -0.93 27.03 -31.28
CA PHE C 94 -1.64 28.06 -32.02
C PHE C 94 -1.06 28.17 -33.42
N GLY C 95 -1.84 28.80 -34.30
CA GLY C 95 -1.43 29.00 -35.67
C GLY C 95 -1.30 30.48 -35.99
N ILE C 96 -0.43 30.78 -36.94
CA ILE C 96 -0.31 32.11 -37.54
C ILE C 96 -0.61 31.92 -39.02
N LYS C 97 -1.72 32.48 -39.48
CA LYS C 97 -2.17 32.21 -40.84
C LYS C 97 -1.10 32.58 -41.86
N GLY C 98 -0.89 31.67 -42.83
CA GLY C 98 0.10 31.87 -43.86
C GLY C 98 1.55 31.65 -43.46
N LEU C 99 1.82 31.30 -42.20
CA LEU C 99 3.19 31.14 -41.73
C LEU C 99 3.48 29.74 -41.20
N SER C 100 3.00 29.39 -40.02
CA SER C 100 3.42 28.16 -39.35
C SER C 100 2.56 27.97 -38.11
N ARG C 101 2.60 26.76 -37.58
CA ARG C 101 2.10 26.53 -36.24
C ARG C 101 3.25 26.61 -35.24
N PHE C 102 2.89 26.80 -33.96
CA PHE C 102 3.86 26.93 -32.88
C PHE C 102 3.33 26.28 -31.62
N ARG C 103 4.25 25.72 -30.84
CA ARG C 103 3.97 25.28 -29.48
C ARG C 103 4.57 26.23 -28.46
N GLY C 104 3.75 26.67 -27.51
CA GLY C 104 4.16 27.64 -26.51
C GLY C 104 4.13 27.03 -25.11
N ASN C 105 5.04 27.50 -24.27
CA ASN C 105 4.92 27.33 -22.82
C ASN C 105 5.11 28.69 -22.15
N VAL C 106 4.19 29.05 -21.26
CA VAL C 106 4.28 30.28 -20.50
C VAL C 106 4.44 29.91 -19.03
N PHE C 107 5.29 30.63 -18.32
CA PHE C 107 5.54 30.39 -16.91
C PHE C 107 5.91 31.70 -16.23
N VAL C 108 6.30 31.61 -14.96
CA VAL C 108 6.64 32.77 -14.13
C VAL C 108 8.01 32.55 -13.50
N GLN C 109 8.85 33.57 -13.55
CA GLN C 109 10.16 33.51 -12.91
C GLN C 109 10.47 34.87 -12.31
N ARG C 110 10.93 34.86 -11.06
CA ARG C 110 11.19 36.07 -10.28
C ARG C 110 10.04 37.07 -10.45
N GLY C 111 8.82 36.58 -10.23
CA GLY C 111 7.65 37.43 -10.20
C GLY C 111 7.20 37.99 -11.52
N ALA C 112 7.74 37.52 -12.65
CA ALA C 112 7.42 38.10 -13.94
C ALA C 112 7.10 36.98 -14.92
N VAL C 113 6.31 37.31 -15.94
CA VAL C 113 5.97 36.36 -16.99
C VAL C 113 7.19 36.04 -17.85
N ALA C 114 7.31 34.79 -18.26
CA ALA C 114 8.32 34.35 -19.22
C ALA C 114 7.65 33.38 -20.19
N GLY C 115 8.25 33.21 -21.36
CA GLY C 115 7.64 32.36 -22.37
C GLY C 115 8.68 31.73 -23.27
N VAL C 116 8.37 30.52 -23.74
CA VAL C 116 9.18 29.83 -24.74
C VAL C 116 8.24 29.29 -25.81
N PHE C 117 8.63 29.44 -27.06
CA PHE C 117 7.76 29.10 -28.17
C PHE C 117 8.55 28.31 -29.21
N ARG C 118 8.08 27.10 -29.51
CA ARG C 118 8.71 26.20 -30.46
C ARG C 118 7.94 26.21 -31.78
N VAL C 119 8.64 25.94 -32.87
CA VAL C 119 8.03 25.85 -34.20
C VAL C 119 7.79 24.40 -34.54
N ILE C 120 6.63 24.10 -35.12
CA ILE C 120 6.34 22.75 -35.58
C ILE C 120 5.94 22.82 -37.06
N PRO C 121 6.88 22.57 -37.96
CA PRO C 121 6.59 22.70 -39.39
C PRO C 121 5.63 21.67 -39.98
N TYR C 122 4.88 22.12 -40.99
CA TYR C 122 4.04 21.26 -41.82
C TYR C 122 4.84 20.46 -42.83
N LYS C 123 6.03 20.97 -43.24
CA LYS C 123 6.85 20.32 -44.24
C LYS C 123 8.00 19.51 -43.65
N ILE C 124 8.09 18.27 -44.08
CA ILE C 124 9.14 17.32 -43.74
C ILE C 124 10.29 17.44 -44.73
N LEU C 125 11.51 17.59 -44.24
CA LEU C 125 12.63 17.61 -45.17
C LEU C 125 12.85 16.19 -45.70
N SER C 126 13.47 16.08 -46.86
CA SER C 126 13.68 14.76 -47.44
C SER C 126 14.83 14.02 -46.77
N PHE C 127 14.95 12.74 -47.11
CA PHE C 127 16.01 11.92 -46.53
C PHE C 127 17.39 12.48 -46.87
N GLU C 128 17.62 12.86 -48.13
CA GLU C 128 18.93 13.36 -48.48
C GLU C 128 19.24 14.67 -47.78
N GLU C 129 18.25 15.56 -47.66
CA GLU C 129 18.46 16.81 -46.95
C GLU C 129 18.73 16.60 -45.46
N LEU C 130 18.17 15.54 -44.88
CA LEU C 130 18.36 15.28 -43.46
C LEU C 130 19.63 14.50 -43.16
N GLY C 131 20.35 14.04 -44.18
CA GLY C 131 21.54 13.26 -43.94
C GLY C 131 21.30 11.81 -43.57
N LEU C 132 20.12 11.26 -43.90
CA LEU C 132 19.76 9.87 -43.58
C LEU C 132 20.21 8.95 -44.70
N PRO C 133 20.87 7.83 -44.38
CA PRO C 133 21.41 6.95 -45.43
C PRO C 133 20.30 6.19 -46.14
N PRO C 134 20.58 5.66 -47.32
CA PRO C 134 19.51 4.98 -48.10
C PRO C 134 18.85 3.82 -47.39
N VAL C 135 19.54 3.17 -46.46
CA VAL C 135 19.00 2.03 -45.73
C VAL C 135 17.76 2.42 -44.93
N VAL C 136 17.67 3.68 -44.49
CA VAL C 136 16.50 4.15 -43.75
C VAL C 136 15.26 4.10 -44.64
N ARG C 137 15.43 4.38 -45.93
CA ARG C 137 14.29 4.27 -46.84
C ARG C 137 13.77 2.84 -46.91
N GLU C 138 14.65 1.85 -46.82
CA GLU C 138 14.17 0.47 -46.85
C GLU C 138 13.43 0.11 -45.56
N LEU C 139 13.76 0.77 -44.45
CA LEU C 139 12.99 0.52 -43.24
C LEU C 139 11.55 0.98 -43.40
N ALA C 140 11.33 2.03 -44.20
CA ALA C 140 9.97 2.49 -44.46
C ALA C 140 9.18 1.51 -45.32
N GLU C 141 9.82 0.50 -45.87
CA GLU C 141 9.12 -0.48 -46.68
C GLU C 141 8.79 -1.77 -45.93
N MLY C 142 9.28 -1.88 -44.69
CA MLY C 142 9.05 -3.04 -43.85
CB MLY C 142 9.86 -2.95 -42.57
CG MLY C 142 11.35 -2.80 -42.77
CD MLY C 142 12.01 -4.10 -43.23
CE MLY C 142 13.53 -4.04 -43.06
NZ MLY C 142 14.25 -5.16 -43.75
CH1 MLY C 142 13.86 -6.43 -43.11
CH2 MLY C 142 15.69 -4.97 -43.53
C MLY C 142 7.57 -3.20 -43.52
O MLY C 142 6.82 -2.22 -43.48
N PRO C 143 6.96 -4.35 -43.90
CA PRO C 143 5.54 -4.61 -43.67
C PRO C 143 5.17 -4.75 -42.20
N ARG C 144 6.12 -5.18 -41.36
CA ARG C 144 5.85 -5.43 -39.95
C ARG C 144 7.17 -5.39 -39.20
N GLY C 145 7.08 -5.26 -37.89
CA GLY C 145 8.22 -5.30 -37.01
C GLY C 145 8.34 -4.06 -36.17
N LEU C 146 9.43 -4.01 -35.40
CA LEU C 146 9.71 -2.91 -34.49
C LEU C 146 10.93 -2.15 -34.99
N VAL C 147 10.78 -0.83 -35.17
CA VAL C 147 11.88 0.04 -35.59
C VAL C 147 12.06 1.12 -34.52
N LEU C 148 13.28 1.25 -34.01
CA LEU C 148 13.58 2.17 -32.92
C LEU C 148 14.49 3.29 -33.39
N VAL C 149 14.11 4.52 -33.11
CA VAL C 149 14.90 5.71 -33.41
C VAL C 149 15.30 6.38 -32.10
N THR C 150 16.60 6.41 -31.81
CA THR C 150 17.03 6.82 -30.48
C THR C 150 18.03 7.97 -30.54
N GLY C 151 18.30 8.52 -29.36
CA GLY C 151 19.25 9.59 -29.17
C GLY C 151 18.76 10.60 -28.15
N PRO C 152 19.62 11.58 -27.82
CA PRO C 152 19.24 12.61 -26.85
C PRO C 152 18.14 13.51 -27.39
N THR C 153 17.61 14.35 -26.51
CA THR C 153 16.61 15.33 -26.93
C THR C 153 17.18 16.26 -27.98
N GLY C 154 16.43 16.43 -29.06
CA GLY C 154 16.79 17.31 -30.16
C GLY C 154 17.88 16.77 -31.04
N SER C 155 17.99 15.45 -31.14
CA SER C 155 19.01 14.81 -31.94
C SER C 155 18.45 14.42 -33.29
N GLY C 156 17.29 14.96 -33.65
CA GLY C 156 16.66 14.68 -34.93
C GLY C 156 15.69 13.52 -34.93
N LYS C 157 15.27 13.05 -33.75
CA LYS C 157 14.49 11.82 -33.72
C LYS C 157 13.12 12.02 -34.35
N SER C 158 12.42 13.10 -33.98
CA SER C 158 11.10 13.36 -34.54
C SER C 158 11.17 13.68 -36.03
N THR C 159 12.23 14.37 -36.48
CA THR C 159 12.38 14.66 -37.90
C THR C 159 12.60 13.39 -38.70
N THR C 160 13.46 12.51 -38.20
CA THR C 160 13.66 11.21 -38.84
C THR C 160 12.37 10.42 -38.88
N LEU C 161 11.66 10.37 -37.74
CA LEU C 161 10.40 9.63 -37.70
C LEU C 161 9.40 10.21 -38.68
N ALA C 162 9.33 11.54 -38.77
CA ALA C 162 8.39 12.18 -39.68
C ALA C 162 8.72 11.85 -41.14
N ALA C 163 10.01 11.75 -41.45
CA ALA C 163 10.41 11.39 -42.81
C ALA C 163 9.97 9.98 -43.15
N ILE C 164 10.15 9.03 -42.22
CA ILE C 164 9.72 7.66 -42.48
C ILE C 164 8.20 7.61 -42.65
N ILE C 165 7.47 8.16 -41.68
CA ILE C 165 6.01 8.16 -41.76
C ILE C 165 5.54 8.81 -43.05
N ASP C 166 6.23 9.87 -43.48
CA ASP C 166 5.79 10.59 -44.68
C ASP C 166 5.97 9.72 -45.92
N LYS C 167 7.03 8.91 -45.96
CA LYS C 167 7.21 8.00 -47.09
C LYS C 167 6.14 6.93 -47.09
N ILE C 168 5.84 6.38 -45.90
CA ILE C 168 4.76 5.39 -45.81
C ILE C 168 3.44 6.03 -46.25
N ASN C 169 3.16 7.23 -45.77
CA ASN C 169 1.93 7.93 -46.16
C ASN C 169 1.85 8.09 -47.67
N THR C 170 2.98 8.33 -48.33
CA THR C 170 2.98 8.53 -49.78
C THR C 170 2.79 7.20 -50.50
N ASP C 171 3.38 6.12 -49.98
CA ASP C 171 3.54 4.88 -50.72
C ASP C 171 2.51 3.82 -50.40
N ARG C 172 1.86 3.87 -49.24
CA ARG C 172 0.98 2.79 -48.84
C ARG C 172 -0.47 3.24 -48.78
N HIS C 173 -1.36 2.25 -48.85
CA HIS C 173 -2.78 2.48 -48.62
C HIS C 173 -3.16 1.77 -47.32
N GLU C 174 -2.64 2.29 -46.20
CA GLU C 174 -2.76 1.67 -44.89
C GLU C 174 -3.14 2.72 -43.86
N HIS C 175 -3.33 2.26 -42.62
CA HIS C 175 -3.79 3.11 -41.55
C HIS C 175 -2.62 3.35 -40.61
N ILE C 176 -2.21 4.60 -40.48
CA ILE C 176 -1.14 5.00 -39.58
C ILE C 176 -1.76 5.66 -38.37
N VAL C 177 -1.41 5.19 -37.17
CA VAL C 177 -1.85 5.82 -35.94
C VAL C 177 -0.60 6.21 -35.18
N THR C 178 -0.53 7.47 -34.73
CA THR C 178 0.56 7.91 -33.86
C THR C 178 0.02 8.36 -32.52
N VAL C 179 0.80 8.09 -31.48
CA VAL C 179 0.56 8.61 -30.13
C VAL C 179 1.79 9.39 -29.73
N GLU C 180 1.62 10.67 -29.40
CA GLU C 180 2.77 11.55 -29.24
C GLU C 180 2.52 12.48 -28.08
N ASP C 181 3.61 12.85 -27.41
CA ASP C 181 3.56 13.72 -26.23
C ASP C 181 4.73 14.68 -26.30
N PRO C 182 4.59 15.78 -27.06
CA PRO C 182 3.44 16.16 -27.87
C PRO C 182 3.58 15.76 -29.34
N ILE C 183 2.55 16.08 -30.11
CA ILE C 183 2.61 15.91 -31.55
C ILE C 183 3.67 16.83 -32.12
N GLU C 184 4.54 16.29 -32.98
CA GLU C 184 5.54 17.16 -33.55
C GLU C 184 5.10 17.42 -34.98
N TYR C 185 5.61 16.67 -35.93
CA TYR C 185 5.22 16.86 -37.32
C TYR C 185 3.75 16.47 -37.55
N LEU C 186 3.05 17.31 -38.31
CA LEU C 186 1.66 17.08 -38.69
C LEU C 186 1.64 16.48 -40.08
N HIS C 187 0.95 15.35 -40.22
CA HIS C 187 0.88 14.60 -41.47
C HIS C 187 -0.49 14.68 -42.14
N PRO C 188 -0.64 15.43 -43.22
CA PRO C 188 -1.89 15.39 -43.97
C PRO C 188 -2.07 14.03 -44.62
N HIS C 189 -3.34 13.65 -44.81
CA HIS C 189 -3.64 12.39 -45.49
C HIS C 189 -3.18 12.48 -46.94
N LYS C 190 -2.25 11.58 -47.31
CA LYS C 190 -1.83 11.43 -48.70
C LYS C 190 -2.49 10.16 -49.20
N SER C 191 -1.79 9.03 -49.27
CA SER C 191 -2.46 7.80 -49.66
C SER C 191 -2.90 6.97 -48.45
N CYS C 192 -2.36 7.25 -47.27
CA CYS C 192 -2.76 6.60 -46.04
C CYS C 192 -3.82 7.43 -45.33
N VAL C 193 -4.51 6.78 -44.41
CA VAL C 193 -5.25 7.50 -43.38
C VAL C 193 -4.33 7.64 -42.18
N VAL C 194 -4.09 8.88 -41.75
CA VAL C 194 -3.15 9.17 -40.67
C VAL C 194 -3.92 9.85 -39.55
N ASN C 195 -3.96 9.20 -38.39
CA ASN C 195 -4.57 9.74 -37.19
C ASN C 195 -3.48 9.97 -36.15
N GLN C 196 -3.45 11.15 -35.56
CA GLN C 196 -2.41 11.51 -34.60
C GLN C 196 -3.05 11.94 -33.29
N ARG C 197 -2.70 11.24 -32.22
CA ARG C 197 -3.31 11.45 -30.92
C ARG C 197 -2.26 12.07 -30.00
N GLU C 198 -2.58 13.25 -29.47
CA GLU C 198 -1.67 13.95 -28.58
C GLU C 198 -2.05 13.61 -27.15
N VAL C 199 -1.08 13.12 -26.39
CA VAL C 199 -1.32 12.81 -24.99
C VAL C 199 -1.66 14.10 -24.26
N GLY C 200 -2.68 14.03 -23.40
CA GLY C 200 -3.10 15.20 -22.65
C GLY C 200 -4.17 16.02 -23.33
N ALA C 201 -4.56 15.68 -24.56
CA ALA C 201 -5.63 16.38 -25.24
C ALA C 201 -6.53 15.37 -25.96
N ASP C 202 -5.96 14.64 -26.90
CA ASP C 202 -6.72 13.63 -27.63
C ASP C 202 -6.94 12.37 -26.81
N THR C 203 -5.97 11.99 -25.97
CA THR C 203 -6.06 10.78 -25.16
C THR C 203 -5.45 11.07 -23.79
N LYS C 204 -5.95 10.36 -22.77
CA LYS C 204 -5.53 10.68 -21.42
C LYS C 204 -4.06 10.34 -21.19
N SER C 205 -3.59 9.25 -21.79
CA SER C 205 -2.26 8.73 -21.50
C SER C 205 -1.88 7.74 -22.59
N PHE C 206 -0.59 7.42 -22.63
CA PHE C 206 -0.13 6.33 -23.49
C PHE C 206 -0.91 5.06 -23.19
N LYS C 207 -1.17 4.79 -21.91
CA LYS C 207 -1.89 3.58 -21.54
C LYS C 207 -3.27 3.52 -22.19
N ASN C 208 -4.00 4.63 -22.18
CA ASN C 208 -5.34 4.61 -22.76
C ASN C 208 -5.30 4.50 -24.27
N ALA C 209 -4.38 5.22 -24.93
CA ALA C 209 -4.26 5.10 -26.37
C ALA C 209 -3.88 3.68 -26.79
N LEU C 210 -2.91 3.07 -26.09
CA LEU C 210 -2.51 1.71 -26.41
C LEU C 210 -3.56 0.68 -26.02
N LYS C 211 -4.46 1.05 -25.11
CA LYS C 211 -5.52 0.13 -24.71
C LYS C 211 -6.52 -0.11 -25.83
N TYR C 212 -6.71 0.88 -26.70
CA TYR C 212 -7.71 0.79 -27.76
C TYR C 212 -7.12 0.68 -29.15
N ILE C 213 -5.80 0.74 -29.30
CA ILE C 213 -5.22 0.88 -30.63
C ILE C 213 -5.48 -0.34 -31.48
N LEU C 214 -5.57 -1.52 -30.88
CA LEU C 214 -5.83 -2.73 -31.66
C LEU C 214 -7.27 -2.77 -32.17
N ARG C 215 -8.18 -2.05 -31.50
CA ARG C 215 -9.56 -1.95 -31.92
C ARG C 215 -9.77 -0.91 -33.01
N GLN C 216 -8.71 -0.16 -33.35
CA GLN C 216 -8.77 0.96 -34.28
C GLN C 216 -8.20 0.60 -35.64
N ASP C 217 -8.05 -0.69 -35.93
CA ASP C 217 -7.60 -1.18 -37.23
C ASP C 217 -6.33 -0.50 -37.75
N PRO C 218 -5.25 -0.47 -36.98
CA PRO C 218 -4.03 0.15 -37.49
C PRO C 218 -3.22 -0.85 -38.32
N ASP C 219 -2.35 -0.29 -39.16
CA ASP C 219 -1.31 -1.02 -39.85
C ASP C 219 0.09 -0.59 -39.45
N VAL C 220 0.26 0.69 -39.15
CA VAL C 220 1.54 1.28 -38.77
C VAL C 220 1.28 2.12 -37.54
N VAL C 221 2.10 1.97 -36.51
CA VAL C 221 1.88 2.63 -35.24
C VAL C 221 3.17 3.27 -34.76
N LEU C 222 3.06 4.50 -34.27
CA LEU C 222 4.13 5.22 -33.60
C LEU C 222 3.74 5.30 -32.13
N VAL C 223 4.59 4.76 -31.24
CA VAL C 223 4.25 4.65 -29.83
C VAL C 223 5.05 5.61 -28.95
N GLY C 224 5.99 6.35 -29.51
CA GLY C 224 6.73 7.28 -28.67
C GLY C 224 7.86 6.64 -27.86
N GLU C 225 8.15 7.27 -26.72
CA GLU C 225 9.25 6.82 -25.88
C GLU C 225 8.84 5.56 -25.16
N LEU C 226 9.76 4.60 -25.07
CA LEU C 226 9.53 3.42 -24.25
C LEU C 226 9.68 3.75 -22.76
N ARG C 227 8.64 4.38 -22.20
CA ARG C 227 8.86 5.00 -20.88
C ARG C 227 8.83 3.97 -19.76
N ASP C 228 8.09 2.88 -19.93
CA ASP C 228 7.93 1.92 -18.84
C ASP C 228 7.70 0.53 -19.40
N LEU C 229 7.53 -0.44 -18.48
CA LEU C 229 7.32 -1.82 -18.89
C LEU C 229 6.08 -2.00 -19.73
N GLU C 230 4.97 -1.37 -19.35
CA GLU C 230 3.71 -1.60 -20.04
C GLU C 230 3.74 -1.06 -21.47
N THR C 231 4.49 0.01 -21.74
CA THR C 231 4.56 0.54 -23.10
C THR C 231 5.49 -0.30 -23.96
N ILE C 232 6.57 -0.83 -23.39
CA ILE C 232 7.46 -1.72 -24.12
C ILE C 232 6.71 -2.98 -24.52
N GLU C 233 5.94 -3.55 -23.57
CA GLU C 233 5.14 -4.74 -23.89
C GLU C 233 4.14 -4.43 -24.99
N ALA C 234 3.56 -3.23 -24.98
CA ALA C 234 2.62 -2.86 -26.03
C ALA C 234 3.31 -2.80 -27.39
N ALA C 235 4.51 -2.21 -27.45
CA ALA C 235 5.22 -2.10 -28.72
C ALA C 235 5.64 -3.46 -29.23
N LEU C 236 6.09 -4.35 -28.33
CA LEU C 236 6.45 -5.70 -28.73
C LEU C 236 5.24 -6.48 -29.23
N THR C 237 4.09 -6.32 -28.56
CA THR C 237 2.86 -6.98 -29.01
C THR C 237 2.43 -6.47 -30.38
N LEU C 238 2.43 -5.15 -30.59
CA LEU C 238 2.08 -4.60 -31.90
C LEU C 238 2.99 -5.17 -32.98
N ALA C 239 4.29 -5.23 -32.71
CA ALA C 239 5.24 -5.66 -33.72
C ALA C 239 5.09 -7.16 -34.01
N GLU C 240 4.68 -7.94 -33.02
CA GLU C 240 4.58 -9.38 -33.25
C GLU C 240 3.22 -9.79 -33.78
N THR C 241 2.22 -8.91 -33.73
CA THR C 241 0.90 -9.21 -34.26
C THR C 241 0.72 -8.73 -35.69
N GLY C 242 1.81 -8.49 -36.42
CA GLY C 242 1.72 -8.13 -37.82
C GLY C 242 1.75 -6.64 -38.15
N HIS C 243 2.13 -5.78 -37.22
CA HIS C 243 2.14 -4.34 -37.46
C HIS C 243 3.57 -3.81 -37.52
N LEU C 244 3.73 -2.68 -38.17
CA LEU C 244 4.98 -1.95 -38.14
C LEU C 244 4.91 -0.93 -37.03
N CYS C 245 5.75 -1.11 -36.01
CA CYS C 245 5.71 -0.29 -34.80
C CYS C 245 7.00 0.52 -34.69
N PHE C 246 6.85 1.82 -34.50
CA PHE C 246 7.94 2.75 -34.29
C PHE C 246 7.94 3.26 -32.85
N ALA C 247 9.13 3.36 -32.25
CA ALA C 247 9.26 3.86 -30.89
C ALA C 247 10.65 4.49 -30.75
N THR C 248 10.81 5.29 -29.69
CA THR C 248 12.06 5.98 -29.40
C THR C 248 12.61 5.65 -28.02
N LEU C 249 13.92 5.85 -27.89
CA LEU C 249 14.63 5.81 -26.62
C LEU C 249 15.67 6.92 -26.65
N HIS C 250 16.34 7.14 -25.52
CA HIS C 250 17.37 8.18 -25.43
C HIS C 250 18.78 7.61 -25.43
N THR C 251 18.92 6.34 -25.79
CA THR C 251 20.21 5.68 -25.86
C THR C 251 21.00 6.17 -27.07
N ASN C 252 22.31 5.91 -27.03
CA ASN C 252 23.26 6.48 -27.97
C ASN C 252 23.86 5.45 -28.93
N SER C 253 23.49 4.18 -28.80
CA SER C 253 24.02 3.15 -29.70
C SER C 253 23.03 1.99 -29.76
N ALA C 254 23.25 1.12 -30.73
CA ALA C 254 22.37 -0.04 -30.89
C ALA C 254 22.47 -1.00 -29.71
N VAL C 255 23.69 -1.28 -29.24
CA VAL C 255 23.86 -2.20 -28.12
C VAL C 255 23.23 -1.61 -26.87
N GLN C 256 23.51 -0.34 -26.60
CA GLN C 256 22.93 0.32 -25.44
C GLN C 256 21.39 0.33 -25.51
N THR C 257 20.83 0.49 -26.71
CA THR C 257 19.37 0.48 -26.85
C THR C 257 18.80 -0.87 -26.46
N ILE C 258 19.40 -1.95 -26.96
CA ILE C 258 18.91 -3.29 -26.66
C ILE C 258 19.04 -3.57 -25.16
N ASN C 259 20.17 -3.20 -24.56
CA ASN C 259 20.36 -3.43 -23.14
C ASN C 259 19.33 -2.64 -22.34
N ARG C 260 19.02 -1.43 -22.77
CA ARG C 260 18.04 -0.61 -22.07
C ARG C 260 16.66 -1.24 -22.08
N ILE C 261 16.25 -1.81 -23.22
CA ILE C 261 14.93 -2.42 -23.28
C ILE C 261 14.85 -3.67 -22.42
N VAL C 262 15.88 -4.53 -22.48
CA VAL C 262 15.85 -5.77 -21.72
C VAL C 262 16.04 -5.54 -20.22
N ASP C 263 17.01 -4.71 -19.83
CA ASP C 263 17.37 -4.61 -18.41
C ASP C 263 16.34 -3.90 -17.54
N VAL C 264 15.31 -3.28 -18.13
CA VAL C 264 14.27 -2.68 -17.29
C VAL C 264 13.45 -3.77 -16.60
N PHE C 265 13.35 -5.01 -17.23
CA PHE C 265 12.46 -6.05 -16.72
C PHE C 265 13.17 -6.91 -15.68
N PRO C 266 12.40 -7.51 -14.76
CA PRO C 266 12.98 -8.46 -13.80
C PRO C 266 13.68 -9.61 -14.50
N SER C 267 14.66 -10.17 -13.78
CA SER C 267 15.57 -11.15 -14.38
C SER C 267 14.81 -12.33 -15.00
N TYR C 268 13.73 -12.79 -14.36
CA TYR C 268 13.06 -13.98 -14.85
C TYR C 268 12.31 -13.73 -16.15
N GLN C 269 11.96 -12.48 -16.44
CA GLN C 269 11.24 -12.20 -17.68
C GLN C 269 12.16 -11.70 -18.79
N GLN C 270 13.41 -11.36 -18.47
CA GLN C 270 14.34 -10.92 -19.51
C GLN C 270 14.57 -11.94 -20.62
N PRO C 271 14.63 -13.27 -20.35
CA PRO C 271 14.72 -14.23 -21.46
C PRO C 271 13.61 -14.14 -22.49
N GLN C 272 12.37 -13.98 -22.03
CA GLN C 272 11.27 -13.89 -22.98
C GLN C 272 11.35 -12.59 -23.79
N VAL C 273 11.72 -11.48 -23.14
CA VAL C 273 11.85 -10.19 -23.82
C VAL C 273 12.94 -10.27 -24.87
N ARG C 274 14.06 -10.89 -24.54
CA ARG C 274 15.14 -11.05 -25.51
C ARG C 274 14.68 -11.91 -26.68
N ALA C 275 13.90 -12.96 -26.40
CA ALA C 275 13.35 -13.76 -27.49
C ALA C 275 12.42 -12.93 -28.36
N GLN C 276 11.56 -12.12 -27.73
CA GLN C 276 10.67 -11.25 -28.48
C GLN C 276 11.44 -10.27 -29.35
N LEU C 277 12.43 -9.58 -28.76
CA LEU C 277 13.21 -8.63 -29.53
C LEU C 277 13.91 -9.28 -30.72
N SER C 278 14.45 -10.48 -30.54
CA SER C 278 15.13 -11.15 -31.65
C SER C 278 14.19 -11.41 -32.82
N PHE C 279 12.90 -11.63 -32.55
CA PHE C 279 11.98 -11.92 -33.64
C PHE C 279 11.49 -10.65 -34.31
N VAL C 280 11.15 -9.61 -33.52
CA VAL C 280 10.43 -8.47 -34.06
C VAL C 280 11.33 -7.28 -34.39
N LEU C 281 12.54 -7.22 -33.83
CA LEU C 281 13.37 -6.04 -34.07
C LEU C 281 13.76 -6.04 -35.53
N GLU C 282 13.55 -4.90 -36.19
CA GLU C 282 13.88 -4.72 -37.59
C GLU C 282 14.86 -3.59 -37.85
N GLY C 283 15.03 -2.68 -36.90
CA GLY C 283 15.99 -1.60 -37.03
C GLY C 283 16.18 -0.82 -35.75
N VAL C 284 17.41 -0.38 -35.50
CA VAL C 284 17.73 0.52 -34.40
C VAL C 284 18.50 1.69 -35.00
N LEU C 285 17.98 2.89 -34.80
CA LEU C 285 18.58 4.11 -35.32
C LEU C 285 18.98 5.00 -34.14
N SER C 286 20.28 5.24 -33.98
CA SER C 286 20.80 6.09 -32.92
C SER C 286 21.47 7.31 -33.55
N GLN C 287 20.95 8.49 -33.23
CA GLN C 287 21.32 9.73 -33.89
C GLN C 287 21.97 10.73 -32.93
N THR C 288 22.71 11.67 -33.52
CA THR C 288 23.23 12.83 -32.81
C THR C 288 23.53 13.90 -33.84
N LEU C 289 23.21 15.16 -33.52
CA LEU C 289 23.46 16.27 -34.41
C LEU C 289 24.73 17.00 -33.98
N LEU C 290 25.65 17.15 -34.92
CA LEU C 290 26.95 17.77 -34.67
C LEU C 290 27.07 19.07 -35.45
N PRO C 291 27.78 20.05 -34.92
CA PRO C 291 28.00 21.29 -35.68
C PRO C 291 28.85 21.03 -36.91
N LYS C 292 28.44 21.65 -38.02
CA LYS C 292 29.15 21.51 -39.28
C LYS C 292 30.55 22.11 -39.19
N ALA C 293 31.49 21.50 -39.91
CA ALA C 293 32.83 22.08 -40.01
C ALA C 293 32.79 23.44 -40.70
N SER C 294 31.76 23.70 -41.52
CA SER C 294 31.64 24.98 -42.18
C SER C 294 31.32 26.11 -41.20
N GLY C 295 30.87 25.77 -40.00
CA GLY C 295 30.45 26.74 -39.01
C GLY C 295 29.03 27.23 -39.12
N THR C 296 28.29 26.76 -40.13
CA THR C 296 26.89 27.12 -40.34
C THR C 296 26.10 25.85 -40.59
N GLY C 297 25.17 25.53 -39.70
CA GLY C 297 24.35 24.35 -39.88
C GLY C 297 24.83 23.18 -39.04
N ARG C 298 24.02 22.13 -39.05
CA ARG C 298 24.33 20.90 -38.36
C ARG C 298 24.18 19.71 -39.28
N VAL C 299 24.89 18.64 -38.94
CA VAL C 299 24.93 17.42 -39.74
C VAL C 299 24.58 16.23 -38.87
N LEU C 300 23.87 15.27 -39.45
CA LEU C 300 23.41 14.11 -38.72
C LEU C 300 24.51 13.05 -38.68
N ALA C 301 24.85 12.61 -37.48
CA ALA C 301 25.67 11.42 -37.29
C ALA C 301 24.74 10.34 -36.76
N ILE C 302 24.79 9.17 -37.38
CA ILE C 302 23.79 8.15 -37.11
C ILE C 302 24.45 6.78 -37.16
N GLU C 303 24.16 5.96 -36.15
CA GLU C 303 24.55 4.56 -36.13
C GLU C 303 23.33 3.75 -36.54
N VAL C 304 23.51 2.81 -37.47
CA VAL C 304 22.41 2.04 -38.04
C VAL C 304 22.69 0.57 -37.75
N MET C 305 21.75 -0.08 -37.07
CA MET C 305 21.80 -1.51 -36.82
C MET C 305 20.55 -2.15 -37.42
N VAL C 306 20.76 -3.03 -38.40
CA VAL C 306 19.69 -3.81 -39.00
C VAL C 306 19.96 -5.27 -38.68
N PRO C 307 19.07 -5.95 -37.96
CA PRO C 307 19.37 -7.31 -37.48
C PRO C 307 19.48 -8.29 -38.64
N ASN C 308 20.54 -9.07 -38.61
CA ASN C 308 20.70 -10.26 -39.44
C ASN C 308 20.50 -11.50 -38.60
N PRO C 309 20.43 -12.68 -39.24
CA PRO C 309 20.28 -13.91 -38.45
C PRO C 309 21.30 -14.05 -37.34
N ALA C 310 22.54 -13.58 -37.56
CA ALA C 310 23.56 -13.67 -36.53
C ALA C 310 23.24 -12.80 -35.33
N ILE C 311 22.77 -11.58 -35.57
CA ILE C 311 22.46 -10.67 -34.47
C ILE C 311 21.25 -11.19 -33.68
N ARG C 312 20.23 -11.70 -34.38
CA ARG C 312 19.06 -12.23 -33.68
C ARG C 312 19.44 -13.37 -32.76
N ASN C 313 20.36 -14.24 -33.19
CA ASN C 313 20.82 -15.32 -32.31
C ASN C 313 21.58 -14.77 -31.10
N LEU C 314 22.43 -13.76 -31.30
CA LEU C 314 23.18 -13.19 -30.17
C LEU C 314 22.24 -12.61 -29.13
N ILE C 315 21.13 -12.03 -29.59
CA ILE C 315 20.11 -11.49 -28.69
C ILE C 315 19.45 -12.62 -27.91
N ARG C 316 19.15 -13.70 -28.63
CA ARG C 316 18.53 -14.87 -28.04
C ARG C 316 19.39 -15.56 -27.00
N GLU C 317 20.67 -15.62 -27.27
CA GLU C 317 21.67 -16.26 -26.45
C GLU C 317 22.25 -15.36 -25.36
N ASP C 318 21.72 -14.14 -25.18
CA ASP C 318 22.20 -13.20 -24.17
C ASP C 318 23.67 -12.85 -24.38
N LYS C 319 24.01 -12.56 -25.64
CA LYS C 319 25.35 -12.07 -25.95
C LYS C 319 25.22 -10.71 -26.61
N ILE C 320 24.64 -9.75 -25.87
CA ILE C 320 24.30 -8.45 -26.45
C ILE C 320 25.56 -7.69 -26.83
N HIS C 321 26.66 -7.87 -26.09
CA HIS C 321 27.88 -7.15 -26.43
C HIS C 321 28.39 -7.54 -27.81
N GLN C 322 28.22 -8.81 -28.21
CA GLN C 322 28.82 -9.30 -29.44
C GLN C 322 28.14 -8.76 -30.69
N ILE C 323 27.06 -7.98 -30.56
CA ILE C 323 26.42 -7.41 -31.73
C ILE C 323 27.29 -6.33 -32.36
N TYR C 324 28.03 -5.58 -31.55
CA TYR C 324 28.87 -4.52 -32.11
C TYR C 324 29.85 -5.07 -33.14
N SER C 325 30.42 -6.25 -32.89
CA SER C 325 31.34 -6.83 -33.87
C SER C 325 30.62 -7.19 -35.16
N GLN C 326 29.36 -7.61 -35.06
CA GLN C 326 28.56 -7.90 -36.25
C GLN C 326 28.23 -6.65 -37.04
N MET C 327 28.04 -5.51 -36.35
CA MET C 327 27.75 -4.27 -37.06
C MET C 327 28.98 -3.77 -37.82
N GLN C 328 30.18 -4.09 -37.34
CA GLN C 328 31.40 -3.63 -37.99
C GLN C 328 31.58 -4.22 -39.39
N VAL C 329 30.98 -5.38 -39.68
CA VAL C 329 31.22 -6.02 -40.96
C VAL C 329 29.96 -6.11 -41.80
N GLY C 330 28.87 -5.48 -41.37
CA GLY C 330 27.62 -5.56 -42.11
C GLY C 330 27.32 -4.31 -42.90
N GLN C 331 28.33 -3.50 -43.24
CA GLN C 331 28.04 -2.25 -43.93
C GLN C 331 27.61 -2.50 -45.37
N GLU C 332 28.40 -3.29 -46.10
CA GLU C 332 28.14 -3.53 -47.52
C GLU C 332 26.91 -4.41 -47.72
N LYS C 333 26.73 -5.42 -46.85
CA LYS C 333 25.72 -6.45 -47.03
C LYS C 333 24.32 -5.99 -46.60
N PHE C 334 24.20 -5.42 -45.40
CA PHE C 334 22.90 -5.12 -44.81
C PHE C 334 22.63 -3.64 -44.62
N GLY C 335 23.58 -2.77 -45.00
CA GLY C 335 23.39 -1.35 -44.80
C GLY C 335 23.58 -0.91 -43.37
N MET C 336 24.27 -1.71 -42.58
CA MET C 336 24.60 -1.42 -41.20
C MET C 336 25.72 -0.38 -41.14
N MET C 337 25.84 0.29 -40.01
CA MET C 337 26.82 1.37 -39.90
C MET C 337 27.03 1.70 -38.42
N THR C 338 28.26 1.53 -37.95
CA THR C 338 28.57 1.98 -36.60
C THR C 338 28.63 3.51 -36.55
N MET C 339 28.54 4.05 -35.34
CA MET C 339 28.66 5.51 -35.18
C MET C 339 30.02 5.98 -35.67
N ASN C 340 31.08 5.26 -35.30
CA ASN C 340 32.43 5.62 -35.73
C ASN C 340 32.58 5.59 -37.24
N GLN C 341 31.92 4.64 -37.90
CA GLN C 341 31.99 4.58 -39.36
C GLN C 341 31.33 5.79 -40.01
N CYS C 342 30.25 6.30 -39.43
CA CYS C 342 29.64 7.53 -39.94
C CYS C 342 30.58 8.72 -39.75
N LEU C 343 31.18 8.84 -38.57
CA LEU C 343 32.14 9.91 -38.30
C LEU C 343 33.29 9.89 -39.30
N TYR C 344 33.75 8.69 -39.68
CA TYR C 344 34.82 8.61 -40.67
C TYR C 344 34.40 9.27 -41.97
N GLY C 345 33.18 9.00 -42.44
CA GLY C 345 32.75 9.61 -43.68
C GLY C 345 32.59 11.12 -43.56
N LEU C 346 32.02 11.58 -42.44
CA LEU C 346 31.89 13.02 -42.23
C LEU C 346 33.25 13.72 -42.14
N LEU C 347 34.24 13.08 -41.51
CA LEU C 347 35.56 13.69 -41.47
C LEU C 347 36.22 13.72 -42.83
N GLN C 348 36.11 12.62 -43.59
CA GLN C 348 36.70 12.57 -44.94
C GLN C 348 36.06 13.59 -45.86
N LYS C 349 34.75 13.80 -45.73
CA LYS C 349 34.05 14.80 -46.53
C LYS C 349 34.20 16.21 -45.97
N ARG C 350 34.93 16.36 -44.87
CA ARG C 350 35.19 17.66 -44.23
C ARG C 350 33.90 18.32 -43.77
N HIS C 351 32.88 17.52 -43.43
CA HIS C 351 31.63 18.03 -42.89
C HIS C 351 31.75 18.42 -41.42
N ILE C 352 32.63 17.75 -40.68
CA ILE C 352 32.84 18.01 -39.26
C ILE C 352 34.32 18.17 -38.98
N THR C 353 34.62 18.80 -37.85
CA THR C 353 36.00 18.95 -37.42
C THR C 353 36.49 17.71 -36.68
N MET C 354 37.81 17.62 -36.52
CA MET C 354 38.39 16.50 -35.81
C MET C 354 37.96 16.48 -34.35
N ASP C 355 37.91 17.66 -33.70
CA ASP C 355 37.52 17.72 -32.29
C ASP C 355 36.05 17.35 -32.08
N VAL C 356 35.17 17.79 -32.99
CA VAL C 356 33.76 17.44 -32.86
C VAL C 356 33.54 15.95 -33.12
N GLY C 357 34.18 15.42 -34.15
CA GLY C 357 34.06 13.99 -34.46
C GLY C 357 34.59 13.12 -33.34
N MET C 358 35.75 13.47 -32.80
CA MET C 358 36.31 12.70 -31.68
C MET C 358 35.47 12.81 -30.42
N GLY C 359 34.87 13.98 -30.15
CA GLY C 359 34.08 14.12 -28.94
C GLY C 359 32.83 13.25 -28.89
N ARG C 360 32.31 12.87 -30.06
CA ARG C 360 31.12 12.03 -30.16
C ARG C 360 31.51 10.63 -30.65
N SER C 361 32.39 9.95 -29.94
CA SER C 361 32.81 8.62 -30.36
C SER C 361 32.90 7.66 -29.18
N PRO C 362 32.29 6.48 -29.27
CA PRO C 362 32.45 5.48 -28.21
C PRO C 362 33.84 4.84 -28.19
N ASP C 363 34.67 5.03 -29.21
CA ASP C 363 36.03 4.51 -29.22
C ASP C 363 36.94 5.43 -30.03
N PRO C 364 37.45 6.51 -29.41
CA PRO C 364 38.26 7.46 -30.19
C PRO C 364 39.51 6.82 -30.79
N ASP C 365 40.06 5.82 -30.11
CA ASP C 365 41.24 5.10 -30.62
C ASP C 365 40.88 4.33 -31.88
N GLU C 366 39.68 3.75 -31.91
CA GLU C 366 39.21 3.01 -33.09
C GLU C 366 39.04 3.95 -34.29
N LEU C 367 38.44 5.12 -34.08
CA LEU C 367 38.27 6.07 -35.17
C LEU C 367 39.61 6.51 -35.75
N LYS C 368 40.60 6.74 -34.88
CA LYS C 368 41.95 7.04 -35.37
C LYS C 368 42.50 5.90 -36.23
N GLN C 369 42.27 4.65 -35.81
CA GLN C 369 42.70 3.51 -36.60
C GLN C 369 42.06 3.51 -37.99
N MET C 370 40.77 3.83 -38.06
CA MET C 370 40.09 3.88 -39.34
C MET C 370 40.66 4.98 -40.23
N LEU C 371 41.09 6.08 -39.62
CA LEU C 371 41.67 7.19 -40.39
C LEU C 371 43.09 6.88 -40.88
N THR C 372 43.76 5.89 -40.27
CA THR C 372 45.11 5.52 -40.71
C THR C 372 45.12 5.11 -42.17
N SER C 373 44.04 4.47 -42.64
CA SER C 373 43.88 4.18 -44.07
C SER C 373 42.64 4.89 -44.61
N ASN D 23 -26.89 9.63 -43.19
CA ASN D 23 -25.73 9.37 -44.03
C ASN D 23 -24.96 8.17 -43.49
N MET D 24 -24.98 7.99 -42.17
CA MET D 24 -24.23 6.89 -41.55
C MET D 24 -24.77 5.54 -42.02
N HIS D 25 -26.09 5.44 -42.19
CA HIS D 25 -26.67 4.19 -42.64
C HIS D 25 -26.18 3.82 -44.04
N GLN D 26 -26.06 4.82 -44.92
CA GLN D 26 -25.63 4.57 -46.28
C GLN D 26 -24.14 4.23 -46.35
N LEU D 27 -23.32 4.87 -45.51
CA LEU D 27 -21.90 4.57 -45.50
C LEU D 27 -21.65 3.13 -45.04
N LEU D 28 -22.35 2.68 -44.00
CA LEU D 28 -22.19 1.31 -43.55
C LEU D 28 -22.75 0.32 -44.55
N THR D 29 -23.82 0.71 -45.27
CA THR D 29 -24.35 -0.12 -46.34
C THR D 29 -23.36 -0.27 -47.47
N GLU D 30 -22.67 0.81 -47.82
CA GLU D 30 -21.65 0.77 -48.86
C GLU D 30 -20.47 -0.11 -48.43
N LEU D 31 -20.09 -0.02 -47.15
CA LEU D 31 -19.03 -0.90 -46.64
C LEU D 31 -19.39 -2.36 -46.83
N VAL D 32 -20.62 -2.73 -46.49
CA VAL D 32 -21.06 -4.12 -46.64
C VAL D 32 -21.13 -4.51 -48.10
N ASN D 33 -21.77 -3.68 -48.93
CA ASN D 33 -22.00 -4.05 -50.32
C ASN D 33 -20.69 -4.27 -51.07
N ARG D 34 -19.64 -3.53 -50.73
CA ARG D 34 -18.37 -3.63 -51.43
C ARG D 34 -17.41 -4.65 -50.81
N GLY D 35 -17.87 -5.45 -49.85
CA GLY D 35 -17.03 -6.45 -49.23
C GLY D 35 -15.89 -5.87 -48.43
N GLY D 36 -16.05 -4.65 -47.91
CA GLY D 36 -15.04 -4.04 -47.08
C GLY D 36 -15.01 -4.59 -45.67
N SER D 37 -13.85 -4.46 -45.04
CA SER D 37 -13.63 -4.94 -43.68
C SER D 37 -13.89 -3.86 -42.63
N ASP D 38 -13.46 -2.62 -42.90
CA ASP D 38 -13.48 -1.55 -41.91
C ASP D 38 -13.89 -0.25 -42.58
N LEU D 39 -14.70 0.56 -41.91
CA LEU D 39 -15.00 1.91 -42.37
C LEU D 39 -14.29 2.92 -41.48
N HIS D 40 -13.57 3.85 -42.10
CA HIS D 40 -12.80 4.88 -41.41
C HIS D 40 -13.37 6.27 -41.65
N LEU D 41 -13.57 7.02 -40.57
CA LEU D 41 -14.05 8.40 -40.64
C LEU D 41 -13.09 9.27 -39.86
N THR D 42 -12.43 10.20 -40.53
CA THR D 42 -11.51 11.12 -39.88
C THR D 42 -11.44 12.39 -40.70
N THR D 43 -10.96 13.46 -40.07
CA THR D 43 -10.97 14.78 -40.70
C THR D 43 -9.96 14.88 -41.84
N ASN D 44 -10.31 15.71 -42.82
CA ASN D 44 -9.49 16.05 -43.98
C ASN D 44 -9.31 14.89 -44.94
N SER D 45 -10.07 13.81 -44.75
CA SER D 45 -10.13 12.68 -45.66
C SER D 45 -11.58 12.31 -45.90
N PRO D 46 -11.90 11.82 -47.10
CA PRO D 46 -13.21 11.24 -47.32
C PRO D 46 -13.36 9.97 -46.49
N PRO D 47 -14.57 9.47 -46.31
CA PRO D 47 -14.73 8.16 -45.69
C PRO D 47 -13.94 7.12 -46.46
N GLN D 48 -13.25 6.24 -45.73
CA GLN D 48 -12.42 5.23 -46.37
C GLN D 48 -12.79 3.84 -45.86
N ILE D 49 -12.78 2.88 -46.77
CA ILE D 49 -13.12 1.49 -46.49
C ILE D 49 -11.94 0.61 -46.87
N ARG D 50 -11.66 -0.39 -46.04
CA ARG D 50 -10.58 -1.33 -46.32
C ARG D 50 -11.14 -2.50 -47.12
N ILE D 51 -10.63 -2.67 -48.33
CA ILE D 51 -11.03 -3.75 -49.23
C ILE D 51 -9.79 -4.56 -49.52
N ASP D 52 -9.84 -5.85 -49.19
CA ASP D 52 -8.72 -6.78 -49.39
C ASP D 52 -7.46 -6.29 -48.71
N GLY D 53 -7.61 -5.63 -47.56
CA GLY D 53 -6.46 -5.22 -46.79
C GLY D 53 -5.98 -3.82 -47.07
N LYS D 54 -6.45 -3.19 -48.16
CA LYS D 54 -5.96 -1.91 -48.60
C LYS D 54 -7.08 -0.87 -48.49
N LEU D 55 -6.74 0.33 -48.03
CA LEU D 55 -7.74 1.37 -47.85
C LEU D 55 -8.09 2.01 -49.20
N LEU D 56 -9.37 2.32 -49.38
CA LEU D 56 -9.86 2.99 -50.59
C LEU D 56 -10.83 4.10 -50.21
N PRO D 57 -10.58 5.33 -50.64
CA PRO D 57 -11.52 6.42 -50.34
C PRO D 57 -12.76 6.38 -51.22
N LEU D 58 -13.90 6.70 -50.62
CA LEU D 58 -15.16 6.84 -51.33
C LEU D 58 -15.23 8.18 -52.07
N ASP D 59 -16.03 8.22 -53.13
CA ASP D 59 -16.16 9.41 -53.97
C ASP D 59 -17.09 10.43 -53.31
N MET D 60 -16.56 11.07 -52.27
CA MET D 60 -17.31 12.02 -51.45
C MET D 60 -16.37 13.15 -51.05
N PRO D 61 -16.91 14.32 -50.67
CA PRO D 61 -16.05 15.39 -50.20
C PRO D 61 -15.38 14.98 -48.89
N PRO D 62 -14.21 15.55 -48.58
CA PRO D 62 -13.57 15.24 -47.30
C PRO D 62 -14.41 15.72 -46.13
N LEU D 63 -14.33 14.99 -45.03
CA LEU D 63 -15.07 15.33 -43.83
C LEU D 63 -14.33 16.39 -43.03
N ASN D 64 -15.07 17.16 -42.26
CA ASN D 64 -14.49 18.07 -41.27
C ASN D 64 -14.83 17.54 -39.89
N ALA D 65 -14.41 18.28 -38.86
CA ALA D 65 -14.61 17.81 -37.50
C ALA D 65 -16.09 17.73 -37.12
N VAL D 66 -16.91 18.66 -37.64
CA VAL D 66 -18.35 18.61 -37.41
C VAL D 66 -18.96 17.35 -38.01
N ASP D 67 -18.52 16.96 -39.21
CA ASP D 67 -19.11 15.78 -39.84
C ASP D 67 -18.76 14.52 -39.07
N THR D 68 -17.48 14.33 -38.75
CA THR D 68 -17.07 13.11 -38.08
C THR D 68 -17.73 13.00 -36.71
N LYS D 69 -17.83 14.12 -35.99
CA LYS D 69 -18.54 14.09 -34.72
C LYS D 69 -20.01 13.78 -34.93
N GLN D 70 -20.65 14.42 -35.92
CA GLN D 70 -22.08 14.21 -36.10
C GLN D 70 -22.36 12.78 -36.54
N LEU D 71 -21.53 12.26 -37.45
CA LEU D 71 -21.71 10.89 -37.94
C LEU D 71 -21.51 9.87 -36.82
N CYS D 72 -20.44 10.01 -36.05
CA CYS D 72 -20.18 9.03 -34.99
C CYS D 72 -21.20 9.14 -33.89
N TYR D 73 -21.61 10.36 -33.54
CA TYR D 73 -22.61 10.52 -32.49
C TYR D 73 -23.98 10.03 -32.93
N SER D 74 -24.22 9.97 -34.25
CA SER D 74 -25.54 9.58 -34.75
C SER D 74 -25.91 8.15 -34.40
N ILE D 75 -24.95 7.32 -34.00
CA ILE D 75 -25.19 5.93 -33.66
C ILE D 75 -24.92 5.65 -32.18
N LEU D 76 -24.84 6.70 -31.36
CA LEU D 76 -24.59 6.55 -29.94
C LEU D 76 -25.83 6.89 -29.13
N THR D 77 -25.98 6.21 -28.01
CA THR D 77 -26.96 6.59 -27.02
C THR D 77 -26.45 7.78 -26.21
N GLU D 78 -27.37 8.41 -25.46
CA GLU D 78 -26.98 9.55 -24.64
C GLU D 78 -25.97 9.11 -23.58
N GLN D 79 -26.11 7.89 -23.08
CA GLN D 79 -25.13 7.33 -22.14
C GLN D 79 -23.79 7.10 -22.83
N GLN D 80 -23.82 6.56 -24.06
CA GLN D 80 -22.56 6.33 -24.76
C GLN D 80 -21.85 7.63 -25.08
N LYS D 81 -22.59 8.66 -25.53
CA LYS D 81 -21.97 9.94 -25.82
C LYS D 81 -21.28 10.52 -24.58
N HIS D 82 -21.91 10.37 -23.42
CA HIS D 82 -21.31 10.90 -22.20
C HIS D 82 -20.09 10.10 -21.77
N LYS D 83 -20.19 8.76 -21.83
CA LYS D 83 -19.03 7.94 -21.51
C LYS D 83 -17.88 8.22 -22.45
N PHE D 84 -18.18 8.55 -23.70
CA PHE D 84 -17.13 8.88 -24.66
C PHE D 84 -16.48 10.22 -24.31
N GLU D 85 -17.28 11.19 -23.88
CA GLU D 85 -16.77 12.50 -23.53
C GLU D 85 -15.95 12.49 -22.25
N GLU D 86 -16.12 11.47 -21.41
CA GLU D 86 -15.33 11.40 -20.18
C GLU D 86 -13.93 10.84 -20.44
N ASN D 87 -13.76 9.98 -21.44
CA ASN D 87 -12.51 9.27 -21.68
C ASN D 87 -11.89 9.55 -23.03
N ASN D 88 -12.61 10.16 -23.96
CA ASN D 88 -12.21 10.34 -25.36
C ASN D 88 -11.96 8.99 -26.05
N GLU D 89 -12.50 7.91 -25.48
CA GLU D 89 -12.44 6.57 -26.04
C GLU D 89 -13.78 5.89 -25.79
N LEU D 90 -14.16 5.03 -26.72
CA LEU D 90 -15.39 4.26 -26.59
C LEU D 90 -15.37 3.06 -27.52
N ASP D 91 -15.61 1.88 -26.95
CA ASP D 91 -15.93 0.66 -27.69
C ASP D 91 -17.42 0.44 -27.60
N LEU D 92 -18.01 0.00 -28.71
CA LEU D 92 -19.44 -0.24 -28.73
C LEU D 92 -19.77 -1.15 -29.90
N SER D 93 -20.99 -1.67 -29.86
CA SER D 93 -21.54 -2.41 -30.98
C SER D 93 -22.98 -1.97 -31.22
N PHE D 94 -23.42 -2.13 -32.47
CA PHE D 94 -24.76 -1.76 -32.87
C PHE D 94 -25.09 -2.56 -34.12
N GLY D 95 -26.39 -2.64 -34.42
CA GLY D 95 -26.87 -3.39 -35.56
C GLY D 95 -27.70 -2.57 -36.52
N ILE D 96 -27.62 -2.93 -37.80
CA ILE D 96 -28.50 -2.39 -38.83
C ILE D 96 -29.30 -3.59 -39.36
N LYS D 97 -30.61 -3.57 -39.12
CA LYS D 97 -31.46 -4.72 -39.44
C LYS D 97 -31.38 -5.03 -40.93
N GLY D 98 -31.20 -6.31 -41.25
CA GLY D 98 -31.09 -6.73 -42.63
C GLY D 98 -29.76 -6.48 -43.29
N LEU D 99 -28.78 -5.94 -42.57
CA LEU D 99 -27.48 -5.66 -43.17
C LEU D 99 -26.45 -6.44 -42.38
N SER D 100 -26.11 -5.95 -41.19
CA SER D 100 -25.04 -6.54 -40.39
C SER D 100 -25.06 -5.84 -39.04
N ARG D 101 -24.39 -6.45 -38.06
CA ARG D 101 -24.03 -5.72 -36.86
C ARG D 101 -22.60 -5.24 -37.03
N PHE D 102 -22.20 -4.29 -36.19
CA PHE D 102 -20.87 -3.72 -36.34
C PHE D 102 -20.30 -3.47 -34.97
N ARG D 103 -18.98 -3.65 -34.85
CA ARG D 103 -18.26 -3.21 -33.68
C ARG D 103 -17.52 -1.93 -34.02
N GLY D 104 -17.73 -0.91 -33.21
CA GLY D 104 -17.17 0.41 -33.45
C GLY D 104 -16.19 0.81 -32.37
N ASN D 105 -15.19 1.58 -32.76
CA ASN D 105 -14.34 2.30 -31.83
C ASN D 105 -14.29 3.76 -32.25
N VAL D 106 -14.53 4.64 -31.28
CA VAL D 106 -14.50 6.09 -31.48
C VAL D 106 -13.42 6.69 -30.60
N PHE D 107 -12.67 7.63 -31.16
CA PHE D 107 -11.59 8.27 -30.42
C PHE D 107 -11.46 9.72 -30.88
N VAL D 108 -10.43 10.39 -30.38
CA VAL D 108 -10.18 11.79 -30.69
C VAL D 108 -8.76 11.90 -31.20
N GLN D 109 -8.59 12.67 -32.27
CA GLN D 109 -7.28 12.94 -32.85
C GLN D 109 -7.26 14.35 -33.41
N ARG D 110 -6.19 15.07 -33.10
CA ARG D 110 -6.03 16.48 -33.46
C ARG D 110 -7.33 17.24 -33.18
N GLY D 111 -7.93 16.95 -32.03
CA GLY D 111 -9.07 17.68 -31.52
C GLY D 111 -10.40 17.35 -32.16
N ALA D 112 -10.48 16.26 -32.92
CA ALA D 112 -11.71 15.93 -33.63
C ALA D 112 -12.03 14.46 -33.43
N VAL D 113 -13.31 14.13 -33.64
CA VAL D 113 -13.76 12.76 -33.49
C VAL D 113 -13.27 11.93 -34.66
N ALA D 114 -12.90 10.68 -34.39
CA ALA D 114 -12.56 9.74 -35.44
C ALA D 114 -13.18 8.40 -35.07
N GLY D 115 -13.39 7.58 -36.08
CA GLY D 115 -14.05 6.31 -35.86
C GLY D 115 -13.62 5.28 -36.87
N VAL D 116 -13.60 4.02 -36.42
CA VAL D 116 -13.37 2.85 -37.25
C VAL D 116 -14.46 1.85 -36.93
N PHE D 117 -15.01 1.19 -37.95
CA PHE D 117 -16.13 0.30 -37.72
C PHE D 117 -15.91 -0.97 -38.51
N ARG D 118 -15.94 -2.11 -37.83
CA ARG D 118 -15.69 -3.40 -38.44
C ARG D 118 -17.02 -4.15 -38.55
N VAL D 119 -17.16 -4.97 -39.58
CA VAL D 119 -18.42 -5.68 -39.79
C VAL D 119 -18.43 -6.97 -39.00
N ILE D 120 -19.56 -7.25 -38.35
CA ILE D 120 -19.78 -8.34 -37.40
C ILE D 120 -21.00 -9.15 -37.84
N PRO D 121 -20.81 -10.31 -38.47
CA PRO D 121 -21.97 -11.04 -39.01
C PRO D 121 -22.96 -11.52 -37.96
N TYR D 122 -24.22 -11.59 -38.39
CA TYR D 122 -25.32 -12.14 -37.59
C TYR D 122 -25.25 -13.65 -37.40
N LYS D 123 -24.71 -14.37 -38.37
CA LYS D 123 -24.66 -15.83 -38.31
C LYS D 123 -23.31 -16.29 -37.79
N ILE D 124 -23.37 -17.11 -36.74
CA ILE D 124 -22.20 -17.65 -36.07
C ILE D 124 -21.69 -18.86 -36.82
N LEU D 125 -20.39 -18.88 -37.10
CA LEU D 125 -19.81 -19.99 -37.83
C LEU D 125 -19.63 -21.19 -36.90
N SER D 126 -19.55 -22.38 -37.50
CA SER D 126 -19.44 -23.60 -36.71
C SER D 126 -18.00 -23.83 -36.27
N PHE D 127 -17.80 -24.84 -35.44
CA PHE D 127 -16.45 -25.13 -34.96
C PHE D 127 -15.54 -25.50 -36.13
N GLU D 128 -16.03 -26.35 -37.03
CA GLU D 128 -15.22 -26.81 -38.16
C GLU D 128 -14.99 -25.67 -39.13
N GLU D 129 -15.96 -24.77 -39.28
CA GLU D 129 -15.78 -23.60 -40.13
C GLU D 129 -14.69 -22.68 -39.58
N LEU D 130 -14.56 -22.60 -38.25
CA LEU D 130 -13.56 -21.76 -37.61
C LEU D 130 -12.20 -22.42 -37.51
N GLY D 131 -12.08 -23.69 -37.86
CA GLY D 131 -10.81 -24.33 -37.71
C GLY D 131 -10.52 -24.75 -36.30
N LEU D 132 -11.57 -24.95 -35.49
CA LEU D 132 -11.42 -25.34 -34.10
C LEU D 132 -11.40 -26.87 -34.00
N PRO D 133 -10.47 -27.45 -33.25
CA PRO D 133 -10.37 -28.92 -33.20
C PRO D 133 -11.56 -29.53 -32.48
N PRO D 134 -11.81 -30.83 -32.66
CA PRO D 134 -12.97 -31.45 -32.01
C PRO D 134 -12.93 -31.34 -30.49
N VAL D 135 -11.74 -31.15 -29.92
CA VAL D 135 -11.64 -31.05 -28.46
C VAL D 135 -12.35 -29.81 -27.95
N VAL D 136 -12.44 -28.75 -28.76
CA VAL D 136 -13.16 -27.56 -28.32
C VAL D 136 -14.64 -27.89 -28.16
N ARG D 137 -15.19 -28.74 -29.03
CA ARG D 137 -16.57 -29.15 -28.85
C ARG D 137 -16.74 -29.96 -27.57
N GLU D 138 -15.74 -30.76 -27.18
CA GLU D 138 -15.91 -31.49 -25.94
C GLU D 138 -15.85 -30.55 -24.73
N LEU D 139 -15.10 -29.45 -24.82
CA LEU D 139 -15.16 -28.49 -23.71
C LEU D 139 -16.53 -27.86 -23.60
N ALA D 140 -17.22 -27.70 -24.73
CA ALA D 140 -18.57 -27.14 -24.69
C ALA D 140 -19.55 -28.07 -23.98
N GLU D 141 -19.16 -29.31 -23.72
CA GLU D 141 -20.01 -30.26 -23.04
C GLU D 141 -19.65 -30.35 -21.56
N MLY D 142 -18.74 -29.50 -21.10
CA MLY D 142 -18.31 -29.48 -19.70
CB MLY D 142 -17.05 -28.63 -19.52
CG MLY D 142 -15.76 -29.25 -20.06
CD MLY D 142 -15.19 -30.25 -19.06
CE MLY D 142 -13.78 -30.70 -19.45
NZ MLY D 142 -13.20 -31.67 -18.45
CH1 MLY D 142 -12.02 -32.29 -19.06
CH2 MLY D 142 -12.76 -30.90 -17.27
C MLY D 142 -19.41 -28.94 -18.77
O MLY D 142 -19.96 -27.86 -19.04
N PRO D 143 -19.73 -29.68 -17.70
CA PRO D 143 -20.81 -29.30 -16.78
C PRO D 143 -20.42 -28.17 -15.83
N ARG D 144 -19.14 -28.06 -15.48
CA ARG D 144 -18.72 -27.05 -14.53
C ARG D 144 -17.24 -26.78 -14.73
N GLY D 145 -16.78 -25.66 -14.17
CA GLY D 145 -15.38 -25.33 -14.18
C GLY D 145 -15.11 -23.99 -14.82
N LEU D 146 -13.82 -23.68 -14.95
CA LEU D 146 -13.37 -22.42 -15.54
C LEU D 146 -12.69 -22.76 -16.86
N VAL D 147 -13.16 -22.15 -17.95
CA VAL D 147 -12.55 -22.33 -19.27
C VAL D 147 -12.09 -20.97 -19.79
N LEU D 148 -10.81 -20.86 -20.12
CA LEU D 148 -10.20 -19.61 -20.53
C LEU D 148 -9.81 -19.67 -22.01
N VAL D 149 -10.20 -18.66 -22.77
CA VAL D 149 -9.82 -18.52 -24.18
C VAL D 149 -8.99 -17.25 -24.27
N THR D 150 -7.71 -17.39 -24.59
CA THR D 150 -6.82 -16.25 -24.49
C THR D 150 -6.11 -15.95 -25.81
N GLY D 151 -5.50 -14.76 -25.84
CA GLY D 151 -4.74 -14.24 -26.95
C GLY D 151 -4.84 -12.72 -27.02
N PRO D 152 -4.04 -12.09 -27.88
CA PRO D 152 -4.12 -10.63 -28.04
C PRO D 152 -5.42 -10.23 -28.70
N THR D 153 -5.64 -8.92 -28.76
CA THR D 153 -6.84 -8.36 -29.36
C THR D 153 -6.95 -8.74 -30.84
N GLY D 154 -8.14 -9.16 -31.23
CA GLY D 154 -8.45 -9.54 -32.59
C GLY D 154 -7.84 -10.86 -33.00
N SER D 155 -7.66 -11.77 -32.03
CA SER D 155 -7.06 -13.06 -32.26
C SER D 155 -8.10 -14.18 -32.39
N GLY D 156 -9.38 -13.84 -32.55
CA GLY D 156 -10.44 -14.80 -32.76
C GLY D 156 -11.16 -15.30 -31.52
N LYS D 157 -10.95 -14.64 -30.37
CA LYS D 157 -11.45 -15.12 -29.09
C LYS D 157 -12.97 -15.11 -29.00
N SER D 158 -13.58 -13.98 -29.37
CA SER D 158 -15.03 -13.86 -29.29
C SER D 158 -15.74 -14.82 -30.22
N THR D 159 -15.18 -15.09 -31.40
CA THR D 159 -15.82 -16.01 -32.33
C THR D 159 -15.82 -17.43 -31.79
N THR D 160 -14.70 -17.86 -31.22
CA THR D 160 -14.66 -19.16 -30.58
C THR D 160 -15.65 -19.23 -29.43
N LEU D 161 -15.68 -18.18 -28.60
CA LEU D 161 -16.61 -18.18 -27.49
C LEU D 161 -18.05 -18.24 -27.99
N ALA D 162 -18.34 -17.52 -29.08
CA ALA D 162 -19.68 -17.55 -29.63
C ALA D 162 -20.01 -18.93 -30.16
N ALA D 163 -19.02 -19.62 -30.73
CA ALA D 163 -19.25 -20.96 -31.23
C ALA D 163 -19.51 -21.94 -30.08
N ILE D 164 -18.76 -21.82 -28.99
CA ILE D 164 -18.97 -22.71 -27.84
C ILE D 164 -20.35 -22.49 -27.24
N ILE D 165 -20.65 -21.26 -26.81
CA ILE D 165 -21.93 -21.05 -26.15
C ILE D 165 -23.11 -21.16 -27.10
N ASP D 166 -22.87 -21.15 -28.42
CA ASP D 166 -23.98 -21.47 -29.31
C ASP D 166 -24.28 -22.96 -29.29
N LYS D 167 -23.24 -23.79 -29.16
CA LYS D 167 -23.49 -25.22 -29.05
C LYS D 167 -24.20 -25.53 -27.73
N ILE D 168 -23.77 -24.89 -26.64
CA ILE D 168 -24.45 -25.05 -25.36
C ILE D 168 -25.89 -24.58 -25.49
N ASN D 169 -26.09 -23.41 -26.10
CA ASN D 169 -27.43 -22.90 -26.31
C ASN D 169 -28.27 -23.90 -27.10
N THR D 170 -27.66 -24.60 -28.06
CA THR D 170 -28.39 -25.55 -28.90
C THR D 170 -28.71 -26.83 -28.14
N ASP D 171 -27.80 -27.28 -27.28
CA ASP D 171 -27.83 -28.63 -26.71
C ASP D 171 -28.36 -28.70 -25.29
N ARG D 172 -28.31 -27.62 -24.51
CA ARG D 172 -28.66 -27.68 -23.10
C ARG D 172 -29.95 -26.93 -22.81
N HIS D 173 -30.60 -27.30 -21.71
CA HIS D 173 -31.75 -26.58 -21.17
C HIS D 173 -31.34 -25.87 -19.88
N GLU D 174 -30.46 -24.88 -20.03
CA GLU D 174 -29.85 -24.20 -18.91
C GLU D 174 -29.90 -22.69 -19.13
N HIS D 175 -29.43 -21.95 -18.14
CA HIS D 175 -29.48 -20.50 -18.13
C HIS D 175 -28.07 -19.99 -18.39
N ILE D 176 -27.89 -19.28 -19.50
CA ILE D 176 -26.62 -18.70 -19.88
C ILE D 176 -26.70 -17.20 -19.66
N VAL D 177 -25.75 -16.64 -18.91
CA VAL D 177 -25.66 -15.20 -18.72
C VAL D 177 -24.29 -14.75 -19.22
N THR D 178 -24.29 -13.73 -20.07
CA THR D 178 -23.05 -13.12 -20.51
C THR D 178 -23.00 -11.66 -20.09
N VAL D 179 -21.80 -11.22 -19.73
CA VAL D 179 -21.51 -9.82 -19.44
C VAL D 179 -20.42 -9.41 -20.40
N GLU D 180 -20.69 -8.40 -21.23
CA GLU D 180 -19.82 -8.10 -22.35
C GLU D 180 -19.70 -6.60 -22.47
N ASP D 181 -18.52 -6.16 -22.91
CA ASP D 181 -18.22 -4.74 -23.08
C ASP D 181 -17.46 -4.55 -24.39
N PRO D 182 -18.18 -4.47 -25.52
CA PRO D 182 -19.62 -4.58 -25.70
C PRO D 182 -20.06 -5.97 -26.13
N ILE D 183 -21.36 -6.15 -26.32
CA ILE D 183 -21.87 -7.40 -26.88
C ILE D 183 -21.38 -7.50 -28.32
N GLU D 184 -20.74 -8.62 -28.66
CA GLU D 184 -20.27 -8.79 -30.03
C GLU D 184 -21.16 -9.72 -30.85
N TYR D 185 -21.52 -10.87 -30.30
CA TYR D 185 -22.41 -11.83 -30.95
C TYR D 185 -23.71 -11.90 -30.17
N LEU D 186 -24.82 -11.88 -30.89
CA LEU D 186 -26.14 -12.09 -30.28
C LEU D 186 -26.53 -13.56 -30.34
N HIS D 187 -27.09 -14.04 -29.23
CA HIS D 187 -27.52 -15.42 -29.07
C HIS D 187 -29.01 -15.49 -28.80
N PRO D 188 -29.85 -15.47 -29.83
CA PRO D 188 -31.26 -15.80 -29.65
C PRO D 188 -31.42 -17.10 -28.88
N HIS D 189 -32.46 -17.17 -28.06
CA HIS D 189 -32.75 -18.41 -27.32
C HIS D 189 -32.95 -19.58 -28.28
N MLY D 190 -32.33 -20.71 -27.95
CA MLY D 190 -32.45 -21.90 -28.75
CB MLY D 190 -31.10 -22.31 -29.31
CG MLY D 190 -31.01 -22.25 -30.83
CD MLY D 190 -29.59 -22.07 -31.33
CE MLY D 190 -29.42 -22.60 -32.74
NZ MLY D 190 -28.05 -22.36 -33.26
CH1 MLY D 190 -27.80 -23.39 -34.29
CH2 MLY D 190 -28.09 -21.06 -33.93
C MLY D 190 -33.09 -23.01 -27.92
O MLY D 190 -34.25 -23.36 -28.13
N SER D 191 -32.36 -23.53 -26.93
CA SER D 191 -32.95 -24.48 -25.97
C SER D 191 -32.65 -23.96 -24.56
N CYS D 192 -31.64 -23.08 -24.46
CA CYS D 192 -31.27 -22.40 -23.23
C CYS D 192 -32.03 -21.10 -23.09
N VAL D 193 -32.01 -20.55 -21.89
CA VAL D 193 -32.36 -19.15 -21.69
C VAL D 193 -31.06 -18.36 -21.67
N VAL D 194 -30.92 -17.41 -22.59
CA VAL D 194 -29.69 -16.65 -22.76
C VAL D 194 -29.98 -15.18 -22.46
N ASN D 195 -29.32 -14.64 -21.43
CA ASN D 195 -29.41 -13.23 -21.09
C ASN D 195 -28.04 -12.61 -21.31
N GLN D 196 -28.00 -11.51 -22.04
CA GLN D 196 -26.74 -10.86 -22.39
C GLN D 196 -26.76 -9.42 -21.92
N ARG D 197 -25.81 -9.09 -21.05
CA ARG D 197 -25.74 -7.76 -20.43
C ARG D 197 -24.54 -7.00 -20.99
N GLU D 198 -24.79 -5.79 -21.51
CA GLU D 198 -23.75 -4.95 -22.06
C GLU D 198 -23.33 -3.95 -20.99
N VAL D 199 -22.03 -3.90 -20.71
CA VAL D 199 -21.51 -2.94 -19.74
C VAL D 199 -21.72 -1.53 -20.27
N GLY D 200 -22.17 -0.63 -19.39
CA GLY D 200 -22.43 0.75 -19.75
C GLY D 200 -23.84 1.04 -20.21
N ALA D 201 -24.69 0.03 -20.35
CA ALA D 201 -26.08 0.24 -20.73
C ALA D 201 -26.97 -0.66 -19.89
N ASP D 202 -26.79 -1.98 -20.04
CA ASP D 202 -27.57 -2.92 -19.26
C ASP D 202 -27.09 -2.97 -17.80
N THR D 203 -25.80 -2.82 -17.57
CA THR D 203 -25.21 -2.87 -16.23
C THR D 203 -24.12 -1.82 -16.11
N LYS D 204 -23.89 -1.34 -14.89
CA LYS D 204 -22.97 -0.22 -14.70
C LYS D 204 -21.52 -0.61 -15.02
N SER D 205 -21.14 -1.85 -14.70
CA SER D 205 -19.75 -2.29 -14.80
C SER D 205 -19.75 -3.80 -14.63
N PHE D 206 -18.62 -4.42 -14.95
CA PHE D 206 -18.45 -5.83 -14.64
C PHE D 206 -18.59 -6.09 -13.15
N LYS D 207 -18.04 -5.21 -12.31
CA LYS D 207 -18.10 -5.43 -10.87
C LYS D 207 -19.55 -5.47 -10.39
N ASN D 208 -20.38 -4.59 -10.92
CA ASN D 208 -21.77 -4.55 -10.49
C ASN D 208 -22.54 -5.77 -11.00
N ALA D 209 -22.29 -6.18 -12.25
CA ALA D 209 -22.93 -7.37 -12.77
C ALA D 209 -22.56 -8.61 -11.99
N LEU D 210 -21.27 -8.79 -11.70
CA LEU D 210 -20.79 -9.95 -10.96
C LEU D 210 -21.29 -9.97 -9.52
N LYS D 211 -21.65 -8.81 -8.97
CA LYS D 211 -22.15 -8.74 -7.60
C LYS D 211 -23.51 -9.41 -7.47
N TYR D 212 -24.28 -9.46 -8.55
CA TYR D 212 -25.62 -9.97 -8.51
C TYR D 212 -25.76 -11.29 -9.27
N ILE D 213 -24.69 -11.75 -9.91
CA ILE D 213 -24.80 -12.88 -10.82
C ILE D 213 -25.15 -14.15 -10.05
N LEU D 214 -24.73 -14.24 -8.78
CA LEU D 214 -25.05 -15.42 -8.01
C LEU D 214 -26.52 -15.51 -7.64
N ARG D 215 -27.24 -14.39 -7.61
CA ARG D 215 -28.66 -14.39 -7.30
CA ARG D 215 -28.67 -14.36 -7.30
C ARG D 215 -29.54 -14.42 -8.55
N GLN D 216 -28.95 -14.63 -9.71
CA GLN D 216 -29.68 -14.72 -10.98
C GLN D 216 -29.78 -16.14 -11.50
N ASP D 217 -29.49 -17.12 -10.65
CA ASP D 217 -29.62 -18.53 -11.01
C ASP D 217 -28.91 -18.91 -12.32
N PRO D 218 -27.63 -18.57 -12.47
CA PRO D 218 -26.95 -18.94 -13.69
C PRO D 218 -26.43 -20.37 -13.62
N ASP D 219 -26.22 -20.93 -14.80
CA ASP D 219 -25.51 -22.19 -14.97
C ASP D 219 -24.20 -22.00 -15.73
N VAL D 220 -24.22 -21.13 -16.73
CA VAL D 220 -23.06 -20.81 -17.54
C VAL D 220 -22.95 -19.31 -17.53
N VAL D 221 -21.74 -18.79 -17.30
CA VAL D 221 -21.55 -17.37 -17.19
C VAL D 221 -20.33 -17.01 -18.03
N LEU D 222 -20.46 -15.99 -18.86
CA LEU D 222 -19.36 -15.39 -19.59
C LEU D 222 -19.06 -14.04 -18.96
N VAL D 223 -17.83 -13.87 -18.48
CA VAL D 223 -17.47 -12.68 -17.72
C VAL D 223 -16.52 -11.79 -18.48
N GLY D 224 -16.15 -12.17 -19.70
CA GLY D 224 -15.25 -11.35 -20.48
C GLY D 224 -13.81 -11.52 -20.02
N GLU D 225 -13.02 -10.47 -20.22
CA GLU D 225 -11.61 -10.53 -19.91
C GLU D 225 -11.40 -10.47 -18.39
N LEU D 226 -10.42 -11.24 -17.90
CA LEU D 226 -9.97 -11.19 -16.51
C LEU D 226 -9.07 -9.98 -16.30
N ARG D 227 -9.72 -8.82 -16.20
CA ARG D 227 -9.02 -7.55 -16.27
C ARG D 227 -8.38 -7.13 -14.95
N ASP D 228 -8.91 -7.55 -13.81
CA ASP D 228 -8.36 -7.16 -12.51
C ASP D 228 -8.58 -8.30 -11.52
N LEU D 229 -8.08 -8.10 -10.29
CA LEU D 229 -8.20 -9.15 -9.27
C LEU D 229 -9.66 -9.44 -8.96
N GLU D 230 -10.49 -8.40 -8.84
CA GLU D 230 -11.88 -8.60 -8.44
C GLU D 230 -12.64 -9.43 -9.44
N THR D 231 -12.26 -9.37 -10.72
CA THR D 231 -12.91 -10.23 -11.72
C THR D 231 -12.36 -11.64 -11.67
N ILE D 232 -11.05 -11.79 -11.43
CA ILE D 232 -10.47 -13.12 -11.30
C ILE D 232 -11.13 -13.86 -10.12
N GLU D 233 -11.31 -13.16 -8.99
CA GLU D 233 -11.94 -13.78 -7.85
C GLU D 233 -13.37 -14.18 -8.16
N ALA D 234 -14.08 -13.35 -8.93
CA ALA D 234 -15.44 -13.68 -9.33
C ALA D 234 -15.48 -14.91 -10.23
N ALA D 235 -14.54 -15.01 -11.17
CA ALA D 235 -14.54 -16.16 -12.06
C ALA D 235 -14.17 -17.44 -11.32
N LEU D 236 -13.20 -17.37 -10.42
CA LEU D 236 -12.84 -18.54 -9.63
C LEU D 236 -13.97 -18.96 -8.71
N THR D 237 -14.69 -17.98 -8.14
CA THR D 237 -15.82 -18.32 -7.26
C THR D 237 -16.95 -18.96 -8.04
N LEU D 238 -17.29 -18.42 -9.21
CA LEU D 238 -18.32 -19.02 -10.05
C LEU D 238 -17.96 -20.45 -10.42
N ALA D 239 -16.72 -20.65 -10.88
CA ALA D 239 -16.27 -21.98 -11.29
C ALA D 239 -16.15 -22.95 -10.12
N GLU D 240 -15.98 -22.46 -8.89
CA GLU D 240 -15.84 -23.36 -7.76
C GLU D 240 -17.17 -23.78 -7.18
N THR D 241 -18.21 -23.00 -7.41
CA THR D 241 -19.51 -23.28 -6.82
C THR D 241 -20.41 -24.08 -7.78
N GLY D 242 -19.83 -24.78 -8.76
CA GLY D 242 -20.61 -25.64 -9.63
C GLY D 242 -21.11 -25.05 -10.93
N HIS D 243 -20.55 -23.95 -11.40
CA HIS D 243 -20.99 -23.34 -12.65
C HIS D 243 -19.91 -23.48 -13.71
N LEU D 244 -20.32 -23.40 -14.97
CA LEU D 244 -19.36 -23.33 -16.07
C LEU D 244 -19.13 -21.87 -16.43
N CYS D 245 -17.91 -21.42 -16.20
CA CYS D 245 -17.53 -20.02 -16.35
C CYS D 245 -16.53 -19.88 -17.49
N PHE D 246 -16.82 -18.97 -18.42
CA PHE D 246 -15.94 -18.63 -19.53
C PHE D 246 -15.37 -17.23 -19.32
N ALA D 247 -14.07 -17.07 -19.58
CA ALA D 247 -13.40 -15.78 -19.42
C ALA D 247 -12.26 -15.69 -20.42
N THR D 248 -11.77 -14.46 -20.63
CA THR D 248 -10.69 -14.20 -21.56
C THR D 248 -9.46 -13.57 -20.89
N LEU D 249 -8.30 -13.79 -21.50
CA LEU D 249 -7.06 -13.08 -21.20
C LEU D 249 -6.30 -12.74 -22.46
N HIS D 250 -5.27 -11.90 -22.31
N HIS D 250 -5.28 -11.91 -22.29
CA HIS D 250 -4.42 -11.52 -23.42
CA HIS D 250 -4.38 -11.47 -23.34
C HIS D 250 -3.17 -12.39 -23.54
C HIS D 250 -3.20 -12.42 -23.56
N THR D 251 -3.01 -13.38 -22.66
CA THR D 251 -1.81 -14.22 -22.68
C THR D 251 -1.77 -15.11 -23.93
N ASN D 252 -0.59 -15.64 -24.21
CA ASN D 252 -0.33 -16.34 -25.46
C ASN D 252 -0.11 -17.83 -25.31
N SER D 253 -0.14 -18.35 -24.08
CA SER D 253 0.05 -19.78 -23.88
C SER D 253 -0.62 -20.18 -22.57
N ALA D 254 -0.79 -21.49 -22.41
CA ALA D 254 -1.42 -22.02 -21.21
C ALA D 254 -0.58 -21.69 -19.97
N VAL D 255 0.73 -21.91 -20.07
CA VAL D 255 1.61 -21.64 -18.93
C VAL D 255 1.62 -20.15 -18.61
N GLN D 256 1.75 -19.33 -19.66
CA GLN D 256 1.71 -17.87 -19.48
C GLN D 256 0.37 -17.43 -18.90
N THR D 257 -0.71 -18.11 -19.25
CA THR D 257 -2.03 -17.77 -18.70
C THR D 257 -2.07 -18.05 -17.20
N ILE D 258 -1.61 -19.22 -16.80
CA ILE D 258 -1.64 -19.62 -15.39
C ILE D 258 -0.76 -18.69 -14.58
N ASN D 259 0.42 -18.36 -15.12
CA ASN D 259 1.32 -17.45 -14.42
C ASN D 259 0.67 -16.08 -14.24
N ARG D 260 -0.03 -15.58 -15.27
CA ARG D 260 -0.70 -14.29 -15.14
C ARG D 260 -1.74 -14.29 -14.03
N ILE D 261 -2.54 -15.36 -13.94
CA ILE D 261 -3.57 -15.36 -12.92
C ILE D 261 -2.95 -15.37 -11.53
N VAL D 262 -1.93 -16.20 -11.32
CA VAL D 262 -1.33 -16.32 -9.99
C VAL D 262 -0.55 -15.06 -9.64
N ASP D 263 0.24 -14.55 -10.59
CA ASP D 263 1.20 -13.51 -10.21
C ASP D 263 0.58 -12.15 -9.97
N VAL D 264 -0.68 -11.92 -10.34
CA VAL D 264 -1.30 -10.62 -10.05
C VAL D 264 -1.69 -10.48 -8.59
N PHE D 265 -1.76 -11.57 -7.86
CA PHE D 265 -2.19 -11.45 -6.47
C PHE D 265 -1.00 -11.23 -5.55
N PRO D 266 -1.22 -10.60 -4.40
CA PRO D 266 -0.15 -10.50 -3.41
C PRO D 266 0.31 -11.88 -2.99
N SER D 267 1.57 -11.96 -2.55
CA SER D 267 2.19 -13.26 -2.33
C SER D 267 1.47 -14.06 -1.23
N TYR D 268 0.91 -13.37 -0.23
CA TYR D 268 0.26 -14.04 0.89
C TYR D 268 -1.11 -14.64 0.54
N GLN D 269 -1.79 -14.13 -0.49
CA GLN D 269 -3.11 -14.62 -0.85
C GLN D 269 -3.08 -15.61 -2.02
N GLN D 270 -1.91 -15.82 -2.62
CA GLN D 270 -1.76 -16.80 -3.69
C GLN D 270 -2.08 -18.25 -3.29
N PRO D 271 -1.87 -18.72 -2.06
CA PRO D 271 -2.30 -20.10 -1.74
C PRO D 271 -3.75 -20.42 -2.10
N GLN D 272 -4.71 -19.55 -1.81
CA GLN D 272 -6.08 -19.86 -2.21
C GLN D 272 -6.20 -19.92 -3.73
N VAL D 273 -5.58 -18.95 -4.41
CA VAL D 273 -5.68 -18.88 -5.87
C VAL D 273 -5.10 -20.12 -6.54
N ARG D 274 -3.93 -20.60 -6.06
CA ARG D 274 -3.39 -21.83 -6.64
C ARG D 274 -4.31 -23.02 -6.37
N ALA D 275 -4.87 -23.12 -5.17
CA ALA D 275 -5.77 -24.22 -4.89
C ALA D 275 -7.06 -24.11 -5.70
N GLN D 276 -7.63 -22.91 -5.77
CA GLN D 276 -8.82 -22.69 -6.57
C GLN D 276 -8.57 -22.97 -8.05
N LEU D 277 -7.53 -22.37 -8.62
CA LEU D 277 -7.24 -22.61 -10.03
C LEU D 277 -7.02 -24.08 -10.32
N SER D 278 -6.29 -24.79 -9.46
CA SER D 278 -6.06 -26.21 -9.67
C SER D 278 -7.35 -27.02 -9.61
N PHE D 279 -8.32 -26.53 -8.84
CA PHE D 279 -9.60 -27.20 -8.65
C PHE D 279 -10.57 -26.91 -9.78
N VAL D 280 -10.67 -25.64 -10.20
CA VAL D 280 -11.75 -25.24 -11.09
C VAL D 280 -11.37 -25.22 -12.56
N LEU D 281 -10.08 -25.18 -12.89
CA LEU D 281 -9.67 -25.07 -14.29
C LEU D 281 -10.04 -26.32 -15.07
N GLU D 282 -10.73 -26.11 -16.20
CA GLU D 282 -11.12 -27.20 -17.08
C GLU D 282 -10.56 -27.08 -18.48
N GLY D 283 -10.01 -25.93 -18.87
CA GLY D 283 -9.45 -25.76 -20.19
C GLY D 283 -8.83 -24.40 -20.43
N VAL D 284 -7.73 -24.36 -21.17
CA VAL D 284 -7.11 -23.11 -21.60
C VAL D 284 -6.86 -23.19 -23.10
N LEU D 285 -7.43 -22.25 -23.85
CA LEU D 285 -7.23 -22.15 -25.28
C LEU D 285 -6.51 -20.85 -25.57
N SER D 286 -5.37 -20.94 -26.23
CA SER D 286 -4.63 -19.75 -26.68
C SER D 286 -4.64 -19.77 -28.20
N GLN D 287 -5.32 -18.80 -28.80
CA GLN D 287 -5.45 -18.77 -30.25
C GLN D 287 -4.56 -17.71 -30.86
N THR D 288 -4.46 -17.76 -32.19
CA THR D 288 -3.92 -16.68 -33.01
C THR D 288 -4.23 -16.95 -34.47
N LEU D 289 -4.81 -15.95 -35.13
CA LEU D 289 -4.86 -15.89 -36.59
C LEU D 289 -3.54 -15.36 -37.12
N LEU D 290 -2.91 -16.14 -38.07
CA LEU D 290 -1.63 -15.93 -38.72
C LEU D 290 -1.84 -15.63 -40.19
N PRO D 291 -0.98 -14.81 -40.76
CA PRO D 291 -1.05 -14.53 -42.19
C PRO D 291 -0.81 -15.75 -43.05
N LYS D 292 -1.82 -16.01 -43.88
CA LYS D 292 -1.93 -17.24 -44.65
C LYS D 292 -0.97 -17.23 -45.83
N ALA D 293 -0.58 -18.43 -46.25
CA ALA D 293 0.33 -18.55 -47.38
C ALA D 293 -0.38 -18.45 -48.72
N SER D 294 -1.65 -18.86 -48.81
CA SER D 294 -2.34 -18.76 -50.10
C SER D 294 -2.61 -17.31 -50.52
N GLY D 295 -2.65 -16.38 -49.57
CA GLY D 295 -2.94 -14.98 -49.81
C GLY D 295 -4.38 -14.54 -49.67
N THR D 296 -5.29 -15.43 -49.26
CA THR D 296 -6.69 -15.06 -49.08
C THR D 296 -7.17 -15.71 -47.80
N GLY D 297 -7.77 -14.94 -46.91
CA GLY D 297 -8.26 -15.53 -45.69
C GLY D 297 -7.16 -15.61 -44.65
N ARG D 298 -7.58 -16.00 -43.45
CA ARG D 298 -6.69 -16.18 -42.32
C ARG D 298 -6.96 -17.57 -41.76
N VAL D 299 -5.94 -18.19 -41.18
CA VAL D 299 -6.05 -19.55 -40.67
C VAL D 299 -5.74 -19.55 -39.18
N LEU D 300 -6.49 -20.37 -38.43
CA LEU D 300 -6.39 -20.41 -36.98
C LEU D 300 -5.27 -21.32 -36.48
N ALA D 301 -4.41 -20.80 -35.61
CA ALA D 301 -3.46 -21.60 -34.84
C ALA D 301 -3.85 -21.53 -33.37
N ILE D 302 -3.99 -22.69 -32.71
CA ILE D 302 -4.55 -22.73 -31.37
C ILE D 302 -3.78 -23.71 -30.50
N GLU D 303 -3.45 -23.30 -29.27
CA GLU D 303 -2.90 -24.18 -28.26
C GLU D 303 -3.97 -24.58 -27.24
N VAL D 304 -4.09 -25.88 -26.98
CA VAL D 304 -5.16 -26.41 -26.13
C VAL D 304 -4.51 -27.12 -24.94
N MET D 305 -4.89 -26.70 -23.74
CA MET D 305 -4.52 -27.34 -22.48
C MET D 305 -5.77 -27.75 -21.74
N VAL D 306 -5.97 -29.04 -21.52
CA VAL D 306 -7.08 -29.53 -20.72
C VAL D 306 -6.49 -30.20 -19.48
N PRO D 307 -6.76 -29.69 -18.29
CA PRO D 307 -6.09 -30.23 -17.09
C PRO D 307 -6.50 -31.67 -16.79
N ASN D 308 -5.50 -32.51 -16.59
CA ASN D 308 -5.60 -33.85 -16.06
C ASN D 308 -5.08 -33.86 -14.62
N PRO D 309 -5.23 -34.99 -13.89
CA PRO D 309 -4.71 -35.04 -12.52
C PRO D 309 -3.25 -34.62 -12.38
N ALA D 310 -2.41 -34.92 -13.38
CA ALA D 310 -1.01 -34.53 -13.28
C ALA D 310 -0.83 -33.02 -13.37
N ILE D 311 -1.55 -32.36 -14.28
CA ILE D 311 -1.44 -30.91 -14.44
C ILE D 311 -1.98 -30.19 -13.21
N ARG D 312 -3.08 -30.68 -12.63
CA ARG D 312 -3.64 -30.04 -11.44
C ARG D 312 -2.66 -30.05 -10.27
N ASN D 313 -1.86 -31.13 -10.11
CA ASN D 313 -0.84 -31.15 -9.07
C ASN D 313 0.29 -30.17 -9.35
N LEU D 314 0.73 -30.09 -10.61
CA LEU D 314 1.79 -29.15 -10.94
C LEU D 314 1.35 -27.73 -10.59
N ILE D 315 0.07 -27.43 -10.76
CA ILE D 315 -0.44 -26.12 -10.38
C ILE D 315 -0.37 -25.97 -8.86
N ARG D 316 -0.82 -26.98 -8.11
CA ARG D 316 -0.78 -26.90 -6.66
C ARG D 316 0.65 -26.88 -6.14
N GLU D 317 1.54 -27.65 -6.79
CA GLU D 317 2.94 -27.75 -6.41
C GLU D 317 3.81 -26.61 -6.92
N ASP D 318 3.23 -25.59 -7.57
CA ASP D 318 4.01 -24.48 -8.14
C ASP D 318 5.06 -24.96 -9.15
N LYS D 319 4.68 -25.89 -10.01
CA LYS D 319 5.59 -26.31 -11.08
C LYS D 319 4.93 -25.98 -12.41
N ILE D 320 4.56 -24.70 -12.56
CA ILE D 320 3.74 -24.28 -13.71
C ILE D 320 4.46 -24.60 -15.01
N HIS D 321 5.79 -24.45 -15.02
CA HIS D 321 6.53 -24.66 -16.27
C HIS D 321 6.41 -26.12 -16.73
N GLN D 322 6.39 -27.07 -15.78
CA GLN D 322 6.33 -28.48 -16.17
C GLN D 322 5.00 -28.86 -16.80
N ILE D 323 4.04 -27.93 -16.88
CA ILE D 323 2.77 -28.23 -17.52
C ILE D 323 2.98 -28.42 -19.01
N TYR D 324 3.96 -27.70 -19.58
CA TYR D 324 4.24 -27.80 -21.01
C TYR D 324 4.63 -29.22 -21.39
N SER D 325 5.36 -29.93 -20.53
CA SER D 325 5.73 -31.30 -20.83
C SER D 325 4.51 -32.22 -20.88
N GLN D 326 3.52 -31.99 -20.00
CA GLN D 326 2.30 -32.80 -20.04
C GLN D 326 1.49 -32.59 -21.30
N MET D 327 1.48 -31.36 -21.84
CA MET D 327 0.72 -31.11 -23.05
C MET D 327 1.34 -31.79 -24.27
N GLN D 328 2.66 -31.98 -24.25
CA GLN D 328 3.31 -32.61 -25.40
C GLN D 328 2.94 -34.07 -25.58
N VAL D 329 2.52 -34.76 -24.50
CA VAL D 329 2.22 -36.19 -24.59
C VAL D 329 0.76 -36.49 -24.27
N GLY D 330 -0.08 -35.47 -24.15
CA GLY D 330 -1.47 -35.70 -23.84
C GLY D 330 -2.40 -35.57 -25.02
N GLN D 331 -1.87 -35.77 -26.23
CA GLN D 331 -2.67 -35.56 -27.44
C GLN D 331 -3.73 -36.64 -27.62
N GLU D 332 -3.34 -37.91 -27.56
CA GLU D 332 -4.29 -38.98 -27.84
C GLU D 332 -5.28 -39.14 -26.69
N LYS D 333 -4.81 -38.97 -25.46
CA LYS D 333 -5.61 -39.26 -24.28
C LYS D 333 -6.61 -38.14 -24.00
N PHE D 334 -6.14 -36.90 -23.94
CA PHE D 334 -6.97 -35.80 -23.48
C PHE D 334 -7.28 -34.79 -24.57
N GLY D 335 -6.77 -35.01 -25.78
CA GLY D 335 -6.99 -34.08 -26.88
C GLY D 335 -6.17 -32.81 -26.79
N MET D 336 -5.13 -32.78 -25.97
CA MET D 336 -4.26 -31.62 -25.84
C MET D 336 -3.35 -31.47 -27.05
N MET D 337 -2.77 -30.28 -27.17
CA MET D 337 -1.94 -29.89 -28.30
C MET D 337 -1.21 -28.61 -27.97
N THR D 338 0.13 -28.66 -27.98
CA THR D 338 0.92 -27.45 -27.80
C THR D 338 0.85 -26.57 -29.04
N MET D 339 1.22 -25.31 -28.85
CA MET D 339 1.22 -24.34 -29.93
C MET D 339 2.16 -24.79 -31.05
N ASN D 340 3.34 -25.31 -30.68
CA ASN D 340 4.28 -25.78 -31.69
C ASN D 340 3.73 -26.96 -32.46
N GLN D 341 2.98 -27.84 -31.80
CA GLN D 341 2.35 -28.95 -32.50
C GLN D 341 1.32 -28.47 -33.51
N CYS D 342 0.62 -27.36 -33.20
CA CYS D 342 -0.33 -26.82 -34.17
C CYS D 342 0.39 -26.18 -35.35
N LEU D 343 1.46 -25.44 -35.09
CA LEU D 343 2.24 -24.86 -36.19
C LEU D 343 2.83 -25.94 -37.09
N TYR D 344 3.24 -27.06 -36.50
CA TYR D 344 3.73 -28.17 -37.32
C TYR D 344 2.66 -28.64 -38.29
N GLY D 345 1.43 -28.83 -37.81
CA GLY D 345 0.36 -29.28 -38.69
C GLY D 345 -0.01 -28.25 -39.76
N LEU D 346 -0.02 -26.97 -39.39
CA LEU D 346 -0.29 -25.94 -40.38
C LEU D 346 0.82 -25.87 -41.43
N LEU D 347 2.05 -26.21 -41.05
CA LEU D 347 3.17 -26.19 -41.98
C LEU D 347 3.12 -27.38 -42.92
N GLN D 348 2.75 -28.56 -42.42
CA GLN D 348 2.69 -29.73 -43.28
C GLN D 348 1.58 -29.59 -44.32
N LYS D 349 0.45 -28.96 -43.97
CA LYS D 349 -0.59 -28.69 -44.95
C LYS D 349 -0.35 -27.43 -45.78
N ARG D 350 0.79 -26.76 -45.60
CA ARG D 350 1.18 -25.60 -46.40
C ARG D 350 0.16 -24.45 -46.30
N HIS D 351 -0.47 -24.31 -45.13
CA HIS D 351 -1.40 -23.20 -44.91
C HIS D 351 -0.69 -21.91 -44.56
N ILE D 352 0.49 -21.99 -43.96
CA ILE D 352 1.27 -20.83 -43.58
C ILE D 352 2.69 -21.02 -44.08
N THR D 353 3.41 -19.90 -44.21
CA THR D 353 4.80 -19.98 -44.64
C THR D 353 5.73 -20.34 -43.49
N MET D 354 6.96 -20.68 -43.86
CA MET D 354 7.98 -21.06 -42.89
C MET D 354 8.38 -19.91 -41.98
N ASP D 355 8.47 -18.69 -42.54
CA ASP D 355 8.87 -17.54 -41.72
C ASP D 355 7.83 -17.20 -40.65
N VAL D 356 6.55 -17.25 -40.99
CA VAL D 356 5.50 -16.92 -40.02
C VAL D 356 5.41 -17.98 -38.93
N GLY D 357 5.49 -19.26 -39.30
CA GLY D 357 5.44 -20.32 -38.30
C GLY D 357 6.58 -20.25 -37.31
N MET D 358 7.79 -19.96 -37.79
CA MET D 358 8.93 -19.86 -36.89
C MET D 358 8.86 -18.59 -36.05
N GLY D 359 8.45 -17.48 -36.66
CA GLY D 359 8.27 -16.21 -35.98
C GLY D 359 7.21 -16.22 -34.90
N ARG D 360 6.41 -17.29 -34.81
CA ARG D 360 5.40 -17.32 -33.77
C ARG D 360 5.67 -18.41 -32.76
N SER D 361 6.48 -19.39 -33.11
CA SER D 361 6.76 -20.48 -32.18
C SER D 361 7.38 -19.93 -30.89
N PRO D 362 6.83 -20.25 -29.72
CA PRO D 362 7.48 -19.86 -28.47
C PRO D 362 8.83 -20.52 -28.24
N ASP D 363 9.12 -21.61 -28.95
CA ASP D 363 10.42 -22.27 -28.88
C ASP D 363 10.83 -22.78 -30.27
N PRO D 364 11.58 -21.97 -31.02
CA PRO D 364 11.94 -22.35 -32.39
C PRO D 364 12.79 -23.61 -32.48
N ASP D 365 13.56 -23.95 -31.44
CA ASP D 365 14.39 -25.14 -31.49
C ASP D 365 13.53 -26.40 -31.44
N GLU D 366 12.43 -26.37 -30.68
CA GLU D 366 11.50 -27.50 -30.65
C GLU D 366 10.84 -27.69 -32.01
N LEU D 367 10.38 -26.61 -32.65
CA LEU D 367 9.77 -26.71 -33.96
C LEU D 367 10.77 -27.23 -35.00
N LYS D 368 12.03 -26.83 -34.88
CA LYS D 368 13.07 -27.38 -35.73
C LYS D 368 13.19 -28.90 -35.56
N GLN D 369 13.22 -29.35 -34.31
CA GLN D 369 13.32 -30.79 -34.02
C GLN D 369 12.15 -31.56 -34.60
N MET D 370 10.93 -31.01 -34.53
CA MET D 370 9.77 -31.69 -35.10
C MET D 370 9.88 -31.85 -36.61
N LEU D 371 10.51 -30.89 -37.29
CA LEU D 371 10.75 -31.05 -38.71
C LEU D 371 11.97 -31.92 -39.01
N THR D 372 12.91 -32.01 -38.08
CA THR D 372 14.06 -32.89 -38.28
C THR D 372 13.65 -34.35 -38.36
N SER D 373 12.60 -34.74 -37.63
CA SER D 373 12.03 -36.08 -37.80
C SER D 373 11.22 -36.17 -39.08
N GLY D 374 10.48 -35.11 -39.43
CA GLY D 374 9.69 -35.08 -40.63
C GLY D 374 8.90 -33.80 -40.81
N ALA E 22 -53.84 -10.54 -12.32
CA ALA E 22 -52.44 -10.32 -12.69
C ALA E 22 -51.82 -11.59 -13.28
N ASN E 23 -51.22 -11.46 -14.47
CA ASN E 23 -50.49 -12.60 -15.04
C ASN E 23 -49.36 -13.03 -14.11
N MET E 24 -48.70 -12.07 -13.45
CA MET E 24 -47.59 -12.43 -12.58
C MET E 24 -48.07 -13.29 -11.42
N HIS E 25 -49.26 -13.00 -10.91
CA HIS E 25 -49.81 -13.79 -9.81
C HIS E 25 -50.02 -15.22 -10.26
N GLN E 26 -50.49 -15.37 -11.51
CA GLN E 26 -50.76 -16.70 -12.07
C GLN E 26 -49.47 -17.45 -12.40
N LEU E 27 -48.45 -16.75 -12.87
CA LEU E 27 -47.17 -17.41 -13.16
C LEU E 27 -46.52 -17.97 -11.89
N LEU E 28 -46.55 -17.20 -10.80
CA LEU E 28 -45.96 -17.70 -9.56
C LEU E 28 -46.77 -18.85 -8.98
N THR E 29 -48.10 -18.84 -9.14
CA THR E 29 -48.89 -19.98 -8.70
C THR E 29 -48.53 -21.23 -9.49
N GLU E 30 -48.35 -21.09 -10.82
CA GLU E 30 -47.96 -22.24 -11.63
C GLU E 30 -46.57 -22.74 -11.26
N LEU E 31 -45.65 -21.81 -11.00
CA LEU E 31 -44.32 -22.20 -10.54
C LEU E 31 -44.36 -23.02 -9.25
N VAL E 32 -45.14 -22.56 -8.27
CA VAL E 32 -45.23 -23.30 -7.00
C VAL E 32 -45.93 -24.63 -7.20
N ASN E 33 -47.10 -24.60 -7.84
CA ASN E 33 -47.92 -25.81 -7.97
C ASN E 33 -47.19 -26.91 -8.71
N ARG E 34 -46.35 -26.54 -9.67
CA ARG E 34 -45.64 -27.48 -10.53
C ARG E 34 -44.29 -27.86 -9.97
N GLY E 35 -44.01 -27.46 -8.73
CA GLY E 35 -42.76 -27.80 -8.06
C GLY E 35 -41.51 -27.22 -8.67
N GLY E 36 -41.61 -26.10 -9.36
CA GLY E 36 -40.43 -25.48 -9.90
C GLY E 36 -39.63 -24.75 -8.84
N SER E 37 -38.32 -24.70 -9.04
CA SER E 37 -37.47 -23.95 -8.12
C SER E 37 -37.39 -22.48 -8.49
N ASP E 38 -37.29 -22.18 -9.78
CA ASP E 38 -36.98 -20.83 -10.23
C ASP E 38 -37.89 -20.48 -11.41
N LEU E 39 -38.37 -19.24 -11.45
CA LEU E 39 -39.09 -18.72 -12.60
C LEU E 39 -38.26 -17.69 -13.33
N HIS E 40 -38.14 -17.83 -14.65
CA HIS E 40 -37.34 -16.91 -15.46
C HIS E 40 -38.23 -16.13 -16.41
N LEU E 41 -38.06 -14.80 -16.42
CA LEU E 41 -38.79 -13.92 -17.33
C LEU E 41 -37.76 -13.09 -18.07
N THR E 42 -37.70 -13.26 -19.38
CA THR E 42 -36.79 -12.51 -20.23
C THR E 42 -37.39 -12.41 -21.62
N THR E 43 -36.90 -11.45 -22.40
CA THR E 43 -37.47 -11.16 -23.70
C THR E 43 -37.18 -12.26 -24.73
N ASN E 44 -38.11 -12.39 -25.68
CA ASN E 44 -38.05 -13.29 -26.82
C ASN E 44 -38.13 -14.75 -26.42
N SER E 45 -38.47 -15.05 -25.18
CA SER E 45 -38.73 -16.39 -24.68
C SER E 45 -40.00 -16.40 -23.85
N PRO E 46 -40.74 -17.50 -23.88
CA PRO E 46 -41.84 -17.65 -22.94
C PRO E 46 -41.32 -17.73 -21.51
N PRO E 47 -42.18 -17.55 -20.51
CA PRO E 47 -41.76 -17.80 -19.13
C PRO E 47 -41.22 -19.22 -19.00
N GLN E 48 -40.12 -19.36 -18.27
CA GLN E 48 -39.50 -20.65 -18.07
C GLN E 48 -39.34 -20.90 -16.58
N ILE E 49 -39.54 -22.15 -16.17
CA ILE E 49 -39.45 -22.58 -14.79
C ILE E 49 -38.42 -23.69 -14.70
N ARG E 50 -37.63 -23.68 -13.65
CA ARG E 50 -36.63 -24.72 -13.45
C ARG E 50 -37.26 -25.85 -12.64
N ILE E 51 -37.34 -27.04 -13.24
CA ILE E 51 -37.88 -28.24 -12.62
C ILE E 51 -36.79 -29.29 -12.58
N ASP E 52 -36.47 -29.76 -11.39
CA ASP E 52 -35.42 -30.76 -11.16
C ASP E 52 -34.10 -30.31 -11.73
N GLY E 53 -33.83 -29.00 -11.68
CA GLY E 53 -32.55 -28.46 -12.08
C GLY E 53 -32.48 -28.00 -13.52
N LYS E 54 -33.45 -28.37 -14.35
CA LYS E 54 -33.42 -28.11 -15.78
C LYS E 54 -34.56 -27.16 -16.15
N LEU E 55 -34.29 -26.22 -17.05
CA LEU E 55 -35.29 -25.26 -17.46
C LEU E 55 -36.28 -25.89 -18.43
N LEU E 56 -37.55 -25.50 -18.28
CA LEU E 56 -38.66 -25.94 -19.14
C LEU E 56 -39.53 -24.74 -19.47
N PRO E 57 -39.74 -24.44 -20.75
CA PRO E 57 -40.61 -23.31 -21.13
C PRO E 57 -42.09 -23.63 -20.95
N LEU E 58 -42.83 -22.62 -20.49
CA LEU E 58 -44.28 -22.73 -20.39
C LEU E 58 -44.93 -22.54 -21.76
N ASP E 59 -46.11 -23.13 -21.92
CA ASP E 59 -46.84 -23.13 -23.19
C ASP E 59 -47.55 -21.78 -23.40
N MET E 60 -46.74 -20.77 -23.69
CA MET E 60 -47.21 -19.40 -23.87
C MET E 60 -46.40 -18.72 -24.96
N PRO E 61 -46.93 -17.64 -25.55
CA PRO E 61 -46.15 -16.90 -26.53
C PRO E 61 -44.94 -16.25 -25.88
N PRO E 62 -43.88 -15.98 -26.63
CA PRO E 62 -42.72 -15.32 -26.05
C PRO E 62 -43.05 -13.90 -25.58
N LEU E 63 -42.37 -13.50 -24.51
CA LEU E 63 -42.57 -12.18 -23.92
C LEU E 63 -41.77 -11.12 -24.67
N ASN E 64 -42.24 -9.87 -24.63
CA ASN E 64 -41.46 -8.74 -25.11
C ASN E 64 -41.06 -7.86 -23.93
N ALA E 65 -40.39 -6.74 -24.25
CA ALA E 65 -39.88 -5.86 -23.21
C ALA E 65 -41.00 -5.23 -22.40
N VAL E 66 -42.14 -4.94 -23.05
CA VAL E 66 -43.30 -4.42 -22.32
C VAL E 66 -43.79 -5.43 -21.31
N ASP E 67 -43.80 -6.71 -21.68
CA ASP E 67 -44.30 -7.74 -20.78
C ASP E 67 -43.39 -7.89 -19.57
N THR E 68 -42.09 -8.03 -19.81
CA THR E 68 -41.15 -8.26 -18.72
C THR E 68 -41.14 -7.11 -17.72
N LYS E 69 -41.23 -5.88 -18.22
CA LYS E 69 -41.28 -4.74 -17.30
C LYS E 69 -42.59 -4.71 -16.54
N GLN E 70 -43.69 -5.11 -17.20
CA GLN E 70 -44.98 -5.11 -16.53
C GLN E 70 -45.04 -6.19 -15.47
N LEU E 71 -44.54 -7.39 -15.77
CA LEU E 71 -44.60 -8.49 -14.82
C LEU E 71 -43.73 -8.21 -13.60
N CYS E 72 -42.48 -7.79 -13.80
CA CYS E 72 -41.58 -7.55 -12.68
C CYS E 72 -42.00 -6.35 -11.84
N TYR E 73 -42.49 -5.30 -12.48
CA TYR E 73 -42.90 -4.14 -11.72
C TYR E 73 -44.13 -4.42 -10.88
N SER E 74 -44.93 -5.44 -11.24
CA SER E 74 -46.15 -5.72 -10.50
C SER E 74 -45.88 -6.14 -9.06
N ILE E 75 -44.65 -6.52 -8.73
CA ILE E 75 -44.33 -6.96 -7.39
C ILE E 75 -43.36 -6.02 -6.69
N LEU E 76 -43.18 -4.81 -7.20
CA LEU E 76 -42.26 -3.86 -6.59
C LEU E 76 -43.00 -2.70 -5.93
N THR E 77 -42.43 -2.22 -4.83
CA THR E 77 -42.84 -0.97 -4.22
C THR E 77 -42.24 0.21 -4.99
N GLU E 78 -42.74 1.41 -4.69
CA GLU E 78 -42.22 2.60 -5.36
C GLU E 78 -40.75 2.82 -5.05
N GLN E 79 -40.31 2.49 -3.83
CA GLN E 79 -38.91 2.64 -3.47
C GLN E 79 -38.04 1.63 -4.23
N GLN E 80 -38.55 0.42 -4.45
CA GLN E 80 -37.79 -0.58 -5.18
C GLN E 80 -37.66 -0.21 -6.66
N LYS E 81 -38.74 0.33 -7.24
CA LYS E 81 -38.67 0.75 -8.65
C LYS E 81 -37.65 1.86 -8.83
N HIS E 82 -37.53 2.77 -7.87
CA HIS E 82 -36.56 3.86 -8.00
C HIS E 82 -35.14 3.35 -7.85
N LYS E 83 -34.90 2.43 -6.91
CA LYS E 83 -33.55 1.92 -6.72
C LYS E 83 -33.11 1.06 -7.89
N PHE E 84 -34.04 0.26 -8.43
CA PHE E 84 -33.72 -0.55 -9.61
C PHE E 84 -33.36 0.33 -10.80
N GLU E 85 -34.09 1.43 -10.98
CA GLU E 85 -33.85 2.35 -12.09
C GLU E 85 -32.55 3.14 -11.94
N GLU E 86 -32.00 3.26 -10.74
CA GLU E 86 -30.74 3.98 -10.57
C GLU E 86 -29.55 3.13 -10.98
N ASN E 87 -29.64 1.82 -10.81
CA ASN E 87 -28.54 0.89 -11.02
C ASN E 87 -28.80 -0.17 -12.07
N ASN E 88 -30.04 -0.33 -12.54
CA ASN E 88 -30.42 -1.45 -13.41
C ASN E 88 -30.19 -2.80 -12.74
N GLU E 89 -30.10 -2.79 -11.41
CA GLU E 89 -29.96 -4.00 -10.60
C GLU E 89 -30.83 -3.86 -9.35
N LEU E 90 -31.38 -4.98 -8.90
CA LEU E 90 -32.17 -4.98 -7.66
C LEU E 90 -32.34 -6.39 -7.13
N ASP E 91 -31.97 -6.59 -5.87
CA ASP E 91 -32.32 -7.76 -5.08
C ASP E 91 -33.42 -7.42 -4.11
N LEU E 92 -34.35 -8.35 -3.93
CA LEU E 92 -35.47 -8.12 -3.03
C LEU E 92 -36.07 -9.45 -2.65
N SER E 93 -36.92 -9.40 -1.64
CA SER E 93 -37.76 -10.52 -1.25
C SER E 93 -39.16 -9.97 -1.03
N PHE E 94 -40.15 -10.83 -1.21
CA PHE E 94 -41.53 -10.42 -1.07
C PHE E 94 -42.37 -11.65 -0.79
N GLY E 95 -43.59 -11.42 -0.31
CA GLY E 95 -44.51 -12.51 -0.02
C GLY E 95 -45.76 -12.34 -0.83
N ILE E 96 -46.38 -13.46 -1.19
CA ILE E 96 -47.68 -13.51 -1.82
C ILE E 96 -48.63 -14.25 -0.88
N LYS E 97 -49.65 -13.55 -0.38
CA LYS E 97 -50.52 -14.11 0.64
C LYS E 97 -51.18 -15.39 0.14
N GLY E 98 -51.15 -16.44 0.97
CA GLY E 98 -51.72 -17.72 0.60
C GLY E 98 -50.88 -18.56 -0.34
N LEU E 99 -49.68 -18.13 -0.70
CA LEU E 99 -48.86 -18.89 -1.63
C LEU E 99 -47.50 -19.26 -1.03
N SER E 100 -46.59 -18.31 -0.98
CA SER E 100 -45.20 -18.56 -0.59
C SER E 100 -44.51 -17.21 -0.45
N ARG E 101 -43.33 -17.22 0.17
CA ARG E 101 -42.46 -16.07 0.02
C ARG E 101 -41.50 -16.35 -1.15
N PHE E 102 -40.89 -15.28 -1.65
CA PHE E 102 -40.03 -15.38 -2.81
C PHE E 102 -38.85 -14.44 -2.68
N ARG E 103 -37.71 -14.87 -3.17
CA ARG E 103 -36.54 -14.02 -3.37
C ARG E 103 -36.44 -13.66 -4.85
N GLY E 104 -36.37 -12.36 -5.13
CA GLY E 104 -36.35 -11.87 -6.50
C GLY E 104 -35.05 -11.17 -6.84
N ASN E 105 -34.63 -11.30 -8.10
CA ASN E 105 -33.58 -10.47 -8.67
C ASN E 105 -34.07 -9.90 -10.00
N VAL E 106 -33.96 -8.58 -10.16
CA VAL E 106 -34.35 -7.91 -11.39
C VAL E 106 -33.12 -7.25 -11.99
N PHE E 107 -32.96 -7.34 -13.30
CA PHE E 107 -31.82 -6.75 -13.99
C PHE E 107 -32.25 -6.33 -15.39
N VAL E 108 -31.30 -5.86 -16.18
CA VAL E 108 -31.54 -5.39 -17.54
C VAL E 108 -30.60 -6.11 -18.49
N GLN E 109 -31.14 -6.57 -19.62
CA GLN E 109 -30.32 -7.21 -20.65
C GLN E 109 -30.88 -6.88 -22.02
N ARG E 110 -29.98 -6.59 -22.96
CA ARG E 110 -30.35 -6.22 -24.32
C ARG E 110 -31.39 -5.10 -24.32
N GLY E 111 -31.24 -4.16 -23.38
CA GLY E 111 -32.11 -3.02 -23.32
C GLY E 111 -33.50 -3.27 -22.76
N ALA E 112 -33.74 -4.42 -22.14
CA ALA E 112 -35.06 -4.78 -21.64
C ALA E 112 -34.94 -5.34 -20.23
N VAL E 113 -36.06 -5.28 -19.51
CA VAL E 113 -36.09 -5.80 -18.15
C VAL E 113 -36.08 -7.32 -18.19
N ALA E 114 -35.38 -7.92 -17.23
CA ALA E 114 -35.42 -9.37 -17.06
C ALA E 114 -35.51 -9.67 -15.58
N GLY E 115 -36.01 -10.85 -15.24
CA GLY E 115 -36.21 -11.20 -13.85
C GLY E 115 -36.11 -12.69 -13.63
N VAL E 116 -35.59 -13.05 -12.45
CA VAL E 116 -35.54 -14.42 -11.97
C VAL E 116 -36.08 -14.45 -10.55
N PHE E 117 -36.88 -15.47 -10.23
CA PHE E 117 -37.53 -15.47 -8.93
C PHE E 117 -37.43 -16.85 -8.32
N ARG E 118 -36.90 -16.90 -7.10
CA ARG E 118 -36.66 -18.13 -6.37
C ARG E 118 -37.67 -18.23 -5.24
N VAL E 119 -38.25 -19.41 -5.04
CA VAL E 119 -39.25 -19.60 -3.98
C VAL E 119 -38.53 -19.98 -2.69
N ILE E 120 -39.04 -19.51 -1.56
CA ILE E 120 -38.49 -19.85 -0.26
C ILE E 120 -39.57 -20.59 0.52
N PRO E 121 -39.54 -21.92 0.56
CA PRO E 121 -40.64 -22.62 1.24
C PRO E 121 -40.64 -22.37 2.74
N TYR E 122 -41.85 -22.29 3.33
CA TYR E 122 -41.96 -22.24 4.79
C TYR E 122 -41.77 -23.60 5.46
N LYS E 123 -42.18 -24.71 4.79
CA LYS E 123 -42.12 -26.07 5.36
C LYS E 123 -40.93 -26.90 4.90
N ILE E 124 -40.17 -27.39 5.90
CA ILE E 124 -38.98 -28.21 5.75
C ILE E 124 -39.30 -29.70 5.62
N LEU E 125 -38.73 -30.37 4.61
CA LEU E 125 -38.97 -31.81 4.45
C LEU E 125 -38.12 -32.62 5.44
N SER E 126 -38.52 -33.86 5.68
CA SER E 126 -37.83 -34.68 6.67
C SER E 126 -36.56 -35.32 6.07
N PHE E 127 -35.78 -35.97 6.94
CA PHE E 127 -34.53 -36.60 6.51
C PHE E 127 -34.78 -37.72 5.50
N GLU E 128 -35.77 -38.57 5.76
CA GLU E 128 -36.01 -39.70 4.88
C GLU E 128 -36.55 -39.21 3.54
N GLU E 129 -37.32 -38.13 3.54
CA GLU E 129 -37.79 -37.55 2.29
C GLU E 129 -36.62 -37.01 1.49
N LEU E 130 -35.59 -36.53 2.17
CA LEU E 130 -34.43 -36.00 1.49
C LEU E 130 -33.42 -37.08 1.08
N GLY E 131 -33.61 -38.32 1.52
CA GLY E 131 -32.65 -39.36 1.21
C GLY E 131 -31.39 -39.36 2.05
N LEU E 132 -31.45 -38.77 3.26
CA LEU E 132 -30.30 -38.69 4.17
C LEU E 132 -30.26 -39.90 5.10
N PRO E 133 -29.10 -40.53 5.26
CA PRO E 133 -29.01 -41.76 6.08
C PRO E 133 -29.21 -41.47 7.56
N PRO E 134 -29.52 -42.49 8.37
CA PRO E 134 -29.75 -42.27 9.80
C PRO E 134 -28.56 -41.66 10.53
N VAL E 135 -27.35 -41.79 10.01
CA VAL E 135 -26.18 -41.24 10.66
C VAL E 135 -26.24 -39.72 10.70
N VAL E 136 -26.92 -39.11 9.74
CA VAL E 136 -27.05 -37.66 9.76
C VAL E 136 -27.86 -37.22 10.96
N ARG E 137 -28.88 -38.01 11.34
CA ARG E 137 -29.65 -37.68 12.52
C ARG E 137 -28.79 -37.76 13.78
N GLU E 138 -27.85 -38.71 13.83
CA GLU E 138 -27.00 -38.80 15.02
C GLU E 138 -26.03 -37.63 15.10
N LEU E 139 -25.64 -37.05 13.96
CA LEU E 139 -24.80 -35.86 13.98
C LEU E 139 -25.52 -34.67 14.60
N ALA E 140 -26.84 -34.60 14.44
CA ALA E 140 -27.66 -33.56 15.04
C ALA E 140 -27.72 -33.64 16.56
N GLU E 141 -27.27 -34.74 17.16
CA GLU E 141 -27.26 -34.88 18.59
C GLU E 141 -25.88 -34.58 19.20
N MLY E 142 -24.94 -34.11 18.39
CA MLY E 142 -23.62 -33.75 18.89
CB MLY E 142 -22.63 -33.53 17.74
CG MLY E 142 -22.35 -34.76 16.89
CD MLY E 142 -21.41 -35.72 17.59
CE MLY E 142 -21.09 -36.90 16.68
NZ MLY E 142 -20.18 -37.87 17.35
CH1 MLY E 142 -20.10 -39.06 16.50
CH2 MLY E 142 -18.85 -37.27 17.33
C MLY E 142 -23.73 -32.48 19.74
O MLY E 142 -24.36 -31.52 19.33
N PRO E 143 -23.10 -32.50 20.93
CA PRO E 143 -23.13 -31.32 21.81
C PRO E 143 -22.21 -30.20 21.32
N ARG E 144 -21.12 -30.56 20.64
CA ARG E 144 -20.14 -29.58 20.20
C ARG E 144 -19.35 -30.13 19.01
N GLY E 145 -18.68 -29.24 18.31
CA GLY E 145 -17.78 -29.59 17.23
C GLY E 145 -18.17 -28.90 15.95
N LEU E 146 -17.46 -29.25 14.89
CA LEU E 146 -17.65 -28.68 13.55
C LEU E 146 -18.21 -29.76 12.63
N VAL E 147 -19.35 -29.48 12.01
CA VAL E 147 -19.97 -30.37 11.04
C VAL E 147 -20.06 -29.60 9.72
N LEU E 148 -19.51 -30.16 8.66
CA LEU E 148 -19.43 -29.48 7.37
C LEU E 148 -20.32 -30.19 6.37
N VAL E 149 -21.16 -29.42 5.68
CA VAL E 149 -22.05 -29.93 4.63
C VAL E 149 -21.62 -29.30 3.31
N THR E 150 -21.11 -30.11 2.40
CA THR E 150 -20.51 -29.55 1.21
C THR E 150 -21.15 -30.09 -0.08
N GLY E 151 -20.82 -29.38 -1.16
CA GLY E 151 -21.27 -29.69 -2.51
C GLY E 151 -21.44 -28.44 -3.35
N PRO E 152 -21.66 -28.65 -4.66
CA PRO E 152 -21.88 -27.52 -5.57
C PRO E 152 -23.21 -26.84 -5.30
N THR E 153 -23.41 -25.72 -5.99
CA THR E 153 -24.64 -24.94 -5.87
C THR E 153 -25.83 -25.80 -6.28
N GLY E 154 -26.87 -25.75 -5.46
CA GLY E 154 -28.11 -26.46 -5.71
C GLY E 154 -27.98 -27.95 -5.52
N SER E 155 -27.08 -28.37 -4.64
CA SER E 155 -26.84 -29.78 -4.36
C SER E 155 -27.55 -30.22 -3.09
N GLY E 156 -28.44 -29.39 -2.55
CA GLY E 156 -29.22 -29.73 -1.39
C GLY E 156 -28.63 -29.30 -0.06
N LYS E 157 -27.58 -28.46 -0.05
CA LYS E 157 -26.88 -28.18 1.19
C LYS E 157 -27.76 -27.42 2.18
N SER E 158 -28.41 -26.36 1.72
CA SER E 158 -29.28 -25.60 2.61
C SER E 158 -30.44 -26.47 3.09
N THR E 159 -30.93 -27.36 2.22
CA THR E 159 -32.02 -28.24 2.62
C THR E 159 -31.57 -29.23 3.70
N THR E 160 -30.39 -29.82 3.53
CA THR E 160 -29.84 -30.69 4.57
C THR E 160 -29.62 -29.91 5.86
N LEU E 161 -29.04 -28.72 5.76
CA LEU E 161 -28.80 -27.90 6.94
C LEU E 161 -30.12 -27.53 7.62
N ALA E 162 -31.16 -27.23 6.83
CA ALA E 162 -32.44 -26.87 7.42
C ALA E 162 -33.06 -28.04 8.18
N ALA E 163 -32.89 -29.27 7.67
CA ALA E 163 -33.40 -30.44 8.38
C ALA E 163 -32.67 -30.64 9.70
N ILE E 164 -31.35 -30.47 9.70
CA ILE E 164 -30.58 -30.59 10.93
C ILE E 164 -30.98 -29.51 11.92
N ILE E 165 -31.07 -28.26 11.45
CA ILE E 165 -31.46 -27.16 12.33
C ILE E 165 -32.83 -27.41 12.93
N ASP E 166 -33.76 -27.92 12.13
CA ASP E 166 -35.11 -28.16 12.61
C ASP E 166 -35.14 -29.26 13.67
N LYS E 167 -34.30 -30.29 13.53
CA LYS E 167 -34.22 -31.33 14.55
C LYS E 167 -33.66 -30.79 15.85
N ILE E 168 -32.60 -29.99 15.76
CA ILE E 168 -32.03 -29.35 16.95
C ILE E 168 -33.06 -28.45 17.59
N ASN E 169 -33.74 -27.63 16.78
CA ASN E 169 -34.77 -26.75 17.30
C ASN E 169 -35.83 -27.54 18.05
N THR E 170 -36.16 -28.74 17.57
CA THR E 170 -37.18 -29.56 18.18
C THR E 170 -36.71 -30.20 19.48
N ASP E 171 -35.43 -30.59 19.55
CA ASP E 171 -34.96 -31.48 20.60
C ASP E 171 -34.24 -30.78 21.73
N ARG E 172 -33.70 -29.59 21.51
CA ARG E 172 -32.87 -28.91 22.48
C ARG E 172 -33.54 -27.65 23.00
N HIS E 173 -33.11 -27.22 24.19
CA HIS E 173 -33.50 -25.93 24.75
C HIS E 173 -32.26 -25.02 24.71
N GLU E 174 -31.86 -24.66 23.49
CA GLU E 174 -30.62 -23.92 23.22
C GLU E 174 -30.88 -22.78 22.25
N HIS E 175 -29.83 -22.00 22.00
CA HIS E 175 -29.88 -20.81 21.17
C HIS E 175 -29.18 -21.11 19.85
N ILE E 176 -29.93 -21.05 18.76
CA ILE E 176 -29.40 -21.27 17.41
C ILE E 176 -29.33 -19.91 16.73
N VAL E 177 -28.16 -19.56 16.22
CA VAL E 177 -28.00 -18.34 15.45
C VAL E 177 -27.49 -18.74 14.07
N THR E 178 -28.14 -18.24 13.04
CA THR E 178 -27.67 -18.46 11.68
C THR E 178 -27.30 -17.14 11.04
N VAL E 179 -26.23 -17.19 10.25
CA VAL E 179 -25.78 -16.10 9.40
C VAL E 179 -25.78 -16.64 7.98
N GLU E 180 -26.56 -16.02 7.10
CA GLU E 180 -26.83 -16.61 5.80
C GLU E 180 -26.79 -15.54 4.73
N ASP E 181 -26.38 -15.95 3.54
CA ASP E 181 -26.25 -15.07 2.38
C ASP E 181 -26.79 -15.78 1.17
N PRO E 182 -28.12 -15.78 0.97
CA PRO E 182 -29.20 -15.22 1.78
C PRO E 182 -29.83 -16.29 2.68
N ILE E 183 -30.86 -15.90 3.45
CA ILE E 183 -31.64 -16.86 4.22
C ILE E 183 -32.40 -17.77 3.26
N GLU E 184 -32.26 -19.09 3.45
CA GLU E 184 -32.95 -20.05 2.59
C GLU E 184 -34.18 -20.67 3.22
N TYR E 185 -34.11 -21.08 4.48
CA TYR E 185 -35.24 -21.64 5.19
C TYR E 185 -35.49 -20.80 6.43
N LEU E 186 -36.75 -20.50 6.68
CA LEU E 186 -37.15 -19.84 7.92
C LEU E 186 -37.53 -20.88 8.95
N HIS E 187 -37.10 -20.64 10.19
CA HIS E 187 -37.32 -21.54 11.31
C HIS E 187 -38.12 -20.85 12.41
N PRO E 188 -39.44 -21.01 12.41
CA PRO E 188 -40.22 -20.65 13.59
C PRO E 188 -39.67 -21.32 14.83
N HIS E 189 -39.73 -20.61 15.95
CA HIS E 189 -39.24 -21.14 17.23
C HIS E 189 -39.99 -22.41 17.65
N MLY E 190 -39.26 -23.33 18.26
CA MLY E 190 -39.85 -24.52 18.86
CB MLY E 190 -39.51 -25.77 18.06
CG MLY E 190 -40.08 -25.72 16.63
CD MLY E 190 -39.83 -26.99 15.84
CE MLY E 190 -40.66 -26.98 14.54
NZ MLY E 190 -40.50 -28.18 13.63
CH1 MLY E 190 -41.21 -27.91 12.37
CH2 MLY E 190 -41.18 -29.33 14.24
C MLY E 190 -39.35 -24.61 20.31
O MLY E 190 -39.76 -23.81 21.15
N SER E 191 -38.44 -25.54 20.62
CA SER E 191 -37.90 -25.55 21.97
C SER E 191 -36.68 -24.64 22.08
N CYS E 192 -36.06 -24.35 20.95
CA CYS E 192 -34.93 -23.44 20.87
C CYS E 192 -35.41 -22.01 20.59
N VAL E 193 -34.52 -21.05 20.82
CA VAL E 193 -34.66 -19.70 20.28
C VAL E 193 -33.80 -19.64 19.02
N VAL E 194 -34.40 -19.32 17.88
CA VAL E 194 -33.70 -19.33 16.60
C VAL E 194 -33.65 -17.91 16.05
N ASN E 195 -32.45 -17.38 15.88
CA ASN E 195 -32.21 -16.08 15.28
C ASN E 195 -31.45 -16.26 13.97
N GLN E 196 -31.97 -15.66 12.91
CA GLN E 196 -31.42 -15.81 11.58
C GLN E 196 -31.07 -14.43 11.04
N ARG E 197 -29.80 -14.21 10.73
CA ARG E 197 -29.30 -12.93 10.27
C ARG E 197 -28.97 -13.06 8.80
N GLU E 198 -29.55 -12.19 7.97
CA GLU E 198 -29.30 -12.22 6.54
C GLU E 198 -28.24 -11.19 6.23
N VAL E 199 -27.17 -11.62 5.56
CA VAL E 199 -26.11 -10.70 5.18
C VAL E 199 -26.63 -9.68 4.18
N GLY E 200 -26.27 -8.42 4.39
CA GLY E 200 -26.73 -7.36 3.52
C GLY E 200 -28.01 -6.69 3.94
N ALA E 201 -28.66 -7.19 4.99
CA ALA E 201 -29.88 -6.59 5.52
C ALA E 201 -29.86 -6.56 7.03
N ASP E 202 -29.82 -7.73 7.67
CA ASP E 202 -29.76 -7.79 9.13
C ASP E 202 -28.38 -7.41 9.65
N THR E 203 -27.33 -7.80 8.93
CA THR E 203 -25.96 -7.51 9.34
C THR E 203 -25.14 -7.15 8.10
N LYS E 204 -24.10 -6.35 8.32
CA LYS E 204 -23.34 -5.81 7.19
C LYS E 204 -22.58 -6.92 6.46
N SER E 205 -22.10 -7.92 7.18
CA SER E 205 -21.22 -8.93 6.60
C SER E 205 -21.09 -10.08 7.57
N PHE E 206 -20.54 -11.18 7.04
CA PHE E 206 -20.16 -12.31 7.87
C PHE E 206 -19.16 -11.89 8.94
N LYS E 207 -18.21 -11.01 8.59
CA LYS E 207 -17.22 -10.59 9.55
C LYS E 207 -17.85 -9.90 10.76
N ASN E 208 -18.85 -9.04 10.52
CA ASN E 208 -19.46 -8.34 11.64
C ASN E 208 -20.33 -9.27 12.48
N ALA E 209 -21.08 -10.17 11.83
CA ALA E 209 -21.88 -11.12 12.59
C ALA E 209 -21.01 -11.99 13.46
N LEU E 210 -19.93 -12.53 12.89
CA LEU E 210 -19.02 -13.38 13.65
C LEU E 210 -18.27 -12.59 14.71
N LYS E 211 -18.14 -11.27 14.54
CA LYS E 211 -17.45 -10.46 15.52
C LYS E 211 -18.24 -10.37 16.81
N TYR E 212 -19.55 -10.50 16.73
CA TYR E 212 -20.44 -10.37 17.87
C TYR E 212 -21.11 -11.67 18.27
N ILE E 213 -20.89 -12.76 17.53
CA ILE E 213 -21.68 -13.97 17.76
C ILE E 213 -21.38 -14.57 19.12
N LEU E 214 -20.16 -14.40 19.63
CA LEU E 214 -19.85 -14.94 20.95
C LEU E 214 -20.52 -14.13 22.05
N ARG E 215 -20.82 -12.87 21.79
CA ARG E 215 -21.50 -12.04 22.77
C ARG E 215 -23.01 -12.20 22.71
N GLN E 216 -23.49 -13.02 21.79
CA GLN E 216 -24.91 -13.28 21.61
C GLN E 216 -25.34 -14.59 22.25
N ASP E 217 -24.50 -15.14 23.14
CA ASP E 217 -24.84 -16.34 23.91
C ASP E 217 -25.33 -17.50 23.05
N PRO E 218 -24.59 -17.88 22.00
CA PRO E 218 -25.04 -19.00 21.17
C PRO E 218 -24.64 -20.36 21.73
N ASP E 219 -25.40 -21.35 21.29
CA ASP E 219 -25.11 -22.77 21.47
C ASP E 219 -24.83 -23.46 20.14
N VAL E 220 -25.58 -23.12 19.10
CA VAL E 220 -25.43 -23.68 17.77
C VAL E 220 -25.30 -22.53 16.79
N VAL E 221 -24.34 -22.61 15.87
CA VAL E 221 -24.07 -21.52 14.94
C VAL E 221 -23.91 -22.10 13.54
N LEU E 222 -24.60 -21.48 12.58
CA LEU E 222 -24.43 -21.75 11.15
C LEU E 222 -23.72 -20.54 10.57
N VAL E 223 -22.56 -20.77 9.95
CA VAL E 223 -21.72 -19.67 9.49
C VAL E 223 -21.66 -19.56 7.98
N GLY E 224 -22.36 -20.41 7.24
CA GLY E 224 -22.32 -20.29 5.80
C GLY E 224 -21.05 -20.85 5.16
N GLU E 225 -20.69 -20.27 4.03
CA GLU E 225 -19.57 -20.79 3.26
C GLU E 225 -18.25 -20.46 3.94
N LEU E 226 -17.32 -21.41 3.93
CA LEU E 226 -15.96 -21.17 4.36
C LEU E 226 -15.14 -20.47 3.28
N ARG E 227 -15.39 -19.18 3.11
CA ARG E 227 -14.83 -18.49 1.96
C ARG E 227 -13.39 -18.05 2.11
N ASP E 228 -12.93 -17.77 3.32
CA ASP E 228 -11.57 -17.28 3.52
C ASP E 228 -11.03 -17.77 4.85
N LEU E 229 -9.77 -17.41 5.12
CA LEU E 229 -9.13 -17.85 6.36
C LEU E 229 -9.88 -17.30 7.58
N GLU E 230 -10.35 -16.06 7.48
CA GLU E 230 -11.03 -15.43 8.61
C GLU E 230 -12.26 -16.23 9.00
N THR E 231 -13.03 -16.72 8.03
CA THR E 231 -14.22 -17.49 8.37
C THR E 231 -13.84 -18.88 8.89
N ILE E 232 -12.81 -19.50 8.30
CA ILE E 232 -12.35 -20.79 8.81
C ILE E 232 -11.86 -20.65 10.25
N GLU E 233 -11.09 -19.59 10.53
CA GLU E 233 -10.60 -19.39 11.89
C GLU E 233 -11.75 -19.16 12.87
N ALA E 234 -12.80 -18.45 12.43
CA ALA E 234 -13.97 -18.23 13.28
C ALA E 234 -14.68 -19.53 13.59
N ALA E 235 -14.84 -20.41 12.60
CA ALA E 235 -15.53 -21.68 12.83
C ALA E 235 -14.73 -22.58 13.75
N LEU E 236 -13.40 -22.60 13.60
CA LEU E 236 -12.55 -23.37 14.49
C LEU E 236 -12.64 -22.85 15.92
N THR E 237 -12.73 -21.54 16.09
CA THR E 237 -12.86 -20.99 17.43
C THR E 237 -14.20 -21.38 18.04
N LEU E 238 -15.27 -21.28 17.25
CA LEU E 238 -16.60 -21.69 17.72
C LEU E 238 -16.59 -23.15 18.11
N ALA E 239 -16.03 -24.01 17.27
CA ALA E 239 -16.02 -25.43 17.56
C ALA E 239 -15.14 -25.77 18.76
N GLU E 240 -14.16 -24.93 19.08
CA GLU E 240 -13.27 -25.23 20.21
C GLU E 240 -13.82 -24.76 21.54
N THR E 241 -14.70 -23.76 21.53
CA THR E 241 -15.22 -23.18 22.76
C THR E 241 -16.54 -23.81 23.21
N GLY E 242 -16.86 -25.02 22.76
CA GLY E 242 -18.05 -25.68 23.25
C GLY E 242 -19.31 -25.50 22.43
N HIS E 243 -19.21 -25.06 21.19
CA HIS E 243 -20.39 -24.84 20.35
C HIS E 243 -20.43 -25.86 19.22
N LEU E 244 -21.63 -26.08 18.71
CA LEU E 244 -21.84 -26.85 17.51
C LEU E 244 -21.91 -25.90 16.32
N CYS E 245 -20.93 -25.98 15.43
CA CYS E 245 -20.80 -25.06 14.32
C CYS E 245 -21.05 -25.80 13.00
N PHE E 246 -21.93 -25.24 12.18
CA PHE E 246 -22.22 -25.75 10.84
C PHE E 246 -21.66 -24.82 9.78
N ALA E 247 -21.05 -25.39 8.74
CA ALA E 247 -20.50 -24.60 7.66
C ALA E 247 -20.56 -25.40 6.37
N THR E 248 -20.42 -24.71 5.24
CA THR E 248 -20.48 -25.33 3.93
C THR E 248 -19.19 -25.11 3.15
N LEU E 249 -18.97 -26.02 2.20
CA LEU E 249 -17.95 -25.89 1.16
C LEU E 249 -18.58 -26.38 -0.13
N HIS E 250 -17.78 -26.35 -1.20
CA HIS E 250 -18.25 -26.83 -2.50
C HIS E 250 -17.44 -28.02 -2.97
N THR E 251 -16.67 -28.64 -2.09
CA THR E 251 -15.90 -29.83 -2.41
C THR E 251 -16.84 -31.02 -2.58
N ASN E 252 -16.30 -32.08 -3.18
CA ASN E 252 -17.09 -33.22 -3.62
C ASN E 252 -16.84 -34.50 -2.82
N SER E 253 -15.91 -34.47 -1.85
CA SER E 253 -15.63 -35.64 -1.04
C SER E 253 -15.06 -35.20 0.29
N ALA E 254 -15.05 -36.13 1.25
CA ALA E 254 -14.53 -35.82 2.58
C ALA E 254 -13.06 -35.45 2.53
N VAL E 255 -12.26 -36.25 1.82
CA VAL E 255 -10.83 -35.98 1.72
C VAL E 255 -10.59 -34.66 0.99
N GLN E 256 -11.29 -34.46 -0.12
CA GLN E 256 -11.17 -33.20 -0.86
C GLN E 256 -11.62 -32.01 0.01
N THR E 257 -12.59 -32.24 0.89
CA THR E 257 -13.08 -31.20 1.79
C THR E 257 -12.01 -30.80 2.82
N ILE E 258 -11.38 -31.77 3.46
CA ILE E 258 -10.38 -31.47 4.49
C ILE E 258 -9.18 -30.76 3.88
N ASN E 259 -8.71 -31.22 2.73
CA ASN E 259 -7.58 -30.60 2.05
C ASN E 259 -7.88 -29.18 1.64
N ARG E 260 -9.09 -28.92 1.16
CA ARG E 260 -9.44 -27.56 0.73
C ARG E 260 -9.29 -26.59 1.89
N ILE E 261 -9.73 -27.01 3.08
CA ILE E 261 -9.64 -26.14 4.24
C ILE E 261 -8.19 -25.86 4.61
N VAL E 262 -7.35 -26.90 4.59
CA VAL E 262 -5.96 -26.76 4.98
C VAL E 262 -5.18 -25.92 3.97
N ASP E 263 -5.43 -26.14 2.67
CA ASP E 263 -4.56 -25.55 1.64
C ASP E 263 -4.78 -24.05 1.50
N VAL E 264 -5.82 -23.52 2.13
CA VAL E 264 -6.06 -22.08 2.10
C VAL E 264 -5.09 -21.29 2.99
N PHE E 265 -4.43 -21.96 3.92
CA PHE E 265 -3.51 -21.32 4.84
C PHE E 265 -2.07 -21.33 4.32
N PRO E 266 -1.28 -20.35 4.76
CA PRO E 266 0.15 -20.37 4.43
C PRO E 266 0.81 -21.64 4.92
N SER E 267 1.89 -22.03 4.24
CA SER E 267 2.50 -23.34 4.48
C SER E 267 2.97 -23.47 5.92
N TYR E 268 3.42 -22.35 6.54
CA TYR E 268 3.94 -22.42 7.90
C TYR E 268 2.85 -22.62 8.93
N GLN E 269 1.62 -22.24 8.62
CA GLN E 269 0.51 -22.37 9.55
C GLN E 269 -0.36 -23.60 9.30
N GLN E 270 -0.12 -24.34 8.21
CA GLN E 270 -0.89 -25.55 7.98
C GLN E 270 -0.75 -26.62 9.06
N PRO E 271 0.40 -26.80 9.73
CA PRO E 271 0.42 -27.75 10.86
C PRO E 271 -0.63 -27.48 11.93
N GLN E 272 -0.79 -26.22 12.34
CA GLN E 272 -1.79 -25.90 13.36
C GLN E 272 -3.21 -26.14 12.87
N VAL E 273 -3.54 -25.71 11.63
CA VAL E 273 -4.90 -25.88 11.13
C VAL E 273 -5.29 -27.36 11.07
N ARG E 274 -4.36 -28.22 10.60
CA ARG E 274 -4.62 -29.66 10.59
C ARG E 274 -4.81 -30.19 12.00
N ALA E 275 -4.03 -29.69 12.96
CA ALA E 275 -4.20 -30.13 14.34
C ALA E 275 -5.56 -29.71 14.90
N GLN E 276 -5.97 -28.47 14.64
CA GLN E 276 -7.28 -28.00 15.07
C GLN E 276 -8.42 -28.82 14.49
N LEU E 277 -8.41 -29.03 13.16
CA LEU E 277 -9.45 -29.83 12.51
C LEU E 277 -9.57 -31.22 13.12
N SER E 278 -8.44 -31.85 13.42
CA SER E 278 -8.45 -33.19 14.00
C SER E 278 -9.16 -33.21 15.35
N PHE E 279 -9.15 -32.09 16.06
CA PHE E 279 -9.77 -32.06 17.37
C PHE E 279 -11.27 -31.81 17.27
N VAL E 280 -11.67 -30.83 16.45
CA VAL E 280 -13.03 -30.31 16.47
C VAL E 280 -13.95 -30.94 15.43
N LEU E 281 -13.40 -31.55 14.38
CA LEU E 281 -14.24 -32.06 13.30
C LEU E 281 -15.09 -33.21 13.83
N GLU E 282 -16.40 -33.11 13.60
CA GLU E 282 -17.34 -34.14 14.04
C GLU E 282 -18.13 -34.79 12.91
N GLY E 283 -18.09 -34.23 11.70
CA GLY E 283 -18.78 -34.83 10.57
C GLY E 283 -18.54 -34.06 9.30
N VAL E 284 -18.40 -34.76 8.19
CA VAL E 284 -18.31 -34.14 6.87
C VAL E 284 -19.31 -34.83 5.94
N LEU E 285 -20.23 -34.07 5.38
CA LEU E 285 -21.20 -34.59 4.42
C LEU E 285 -20.95 -33.92 3.08
N SER E 286 -20.80 -34.71 2.02
CA SER E 286 -20.64 -34.17 0.67
C SER E 286 -21.73 -34.76 -0.20
N GLN E 287 -22.48 -33.88 -0.86
CA GLN E 287 -23.71 -34.26 -1.54
C GLN E 287 -23.63 -33.95 -3.03
N THR E 288 -24.52 -34.62 -3.78
CA THR E 288 -24.76 -34.38 -5.19
C THR E 288 -26.16 -34.90 -5.50
N LEU E 289 -26.92 -34.13 -6.26
CA LEU E 289 -28.27 -34.53 -6.67
C LEU E 289 -28.21 -35.12 -8.07
N LEU E 290 -28.70 -36.36 -8.20
CA LEU E 290 -28.64 -37.07 -9.47
C LEU E 290 -30.03 -37.28 -10.06
N PRO E 291 -30.16 -37.27 -11.38
CA PRO E 291 -31.45 -37.58 -11.99
C PRO E 291 -31.86 -39.03 -11.74
N LYS E 292 -33.18 -39.20 -11.59
CA LYS E 292 -33.76 -40.52 -11.36
C LYS E 292 -33.85 -41.29 -12.67
N ALA E 293 -33.95 -42.60 -12.54
CA ALA E 293 -34.10 -43.40 -13.74
C ALA E 293 -35.47 -43.18 -14.39
N SER E 294 -36.50 -42.83 -13.61
CA SER E 294 -37.83 -42.61 -14.19
C SER E 294 -37.91 -41.36 -15.06
N GLY E 295 -36.99 -40.42 -14.88
CA GLY E 295 -37.04 -39.18 -15.61
C GLY E 295 -37.75 -38.09 -14.87
N THR E 296 -38.14 -38.34 -13.62
CA THR E 296 -38.82 -37.36 -12.79
C THR E 296 -38.22 -37.42 -11.40
N GLY E 297 -37.83 -36.25 -10.89
CA GLY E 297 -37.23 -36.13 -9.57
C GLY E 297 -35.74 -36.39 -9.57
N ARG E 298 -35.14 -36.09 -8.43
CA ARG E 298 -33.73 -36.27 -8.19
C ARG E 298 -33.50 -37.02 -6.89
N VAL E 299 -32.40 -37.78 -6.81
CA VAL E 299 -32.10 -38.59 -5.64
C VAL E 299 -30.76 -38.12 -5.10
N LEU E 300 -30.64 -38.11 -3.78
CA LEU E 300 -29.44 -37.60 -3.14
C LEU E 300 -28.37 -38.66 -3.08
N ALA E 301 -27.17 -38.32 -3.54
CA ALA E 301 -26.00 -39.14 -3.31
C ALA E 301 -25.09 -38.38 -2.36
N ILE E 302 -24.69 -39.02 -1.28
CA ILE E 302 -23.99 -38.34 -0.20
C ILE E 302 -22.87 -39.23 0.32
N GLU E 303 -21.70 -38.65 0.54
CA GLU E 303 -20.60 -39.31 1.22
C GLU E 303 -20.52 -38.80 2.66
N VAL E 304 -20.45 -39.71 3.63
CA VAL E 304 -20.50 -39.37 5.05
C VAL E 304 -19.20 -39.83 5.70
N MET E 305 -18.51 -38.91 6.35
CA MET E 305 -17.31 -39.17 7.13
C MET E 305 -17.55 -38.74 8.56
N VAL E 306 -17.49 -39.70 9.48
CA VAL E 306 -17.60 -39.43 10.92
C VAL E 306 -16.25 -39.76 11.54
N PRO E 307 -15.54 -38.79 12.11
CA PRO E 307 -14.19 -39.05 12.59
C PRO E 307 -14.18 -40.01 13.77
N ASN E 308 -13.33 -41.02 13.67
CA ASN E 308 -12.97 -41.89 14.78
C ASN E 308 -11.53 -41.57 15.21
N PRO E 309 -11.06 -42.13 16.34
CA PRO E 309 -9.67 -41.89 16.73
C PRO E 309 -8.64 -42.16 15.63
N ALA E 310 -8.88 -43.16 14.78
CA ALA E 310 -7.92 -43.45 13.72
C ALA E 310 -7.88 -42.34 12.68
N ILE E 311 -9.04 -41.84 12.27
CA ILE E 311 -9.10 -40.78 11.27
C ILE E 311 -8.51 -39.49 11.83
N ARG E 312 -8.79 -39.20 13.10
CA ARG E 312 -8.25 -37.99 13.71
C ARG E 312 -6.73 -38.01 13.74
N ASN E 313 -6.13 -39.19 13.94
CA ASN E 313 -4.67 -39.29 13.88
C ASN E 313 -4.16 -39.08 12.46
N LEU E 314 -4.83 -39.68 11.47
CA LEU E 314 -4.41 -39.50 10.08
C LEU E 314 -4.43 -38.03 9.67
N ILE E 315 -5.38 -37.26 10.20
CA ILE E 315 -5.44 -35.82 9.92
C ILE E 315 -4.23 -35.11 10.54
N ARG E 316 -3.89 -35.46 11.78
CA ARG E 316 -2.77 -34.83 12.48
C ARG E 316 -1.44 -35.17 11.83
N GLU E 317 -1.28 -36.39 11.36
CA GLU E 317 -0.08 -36.92 10.73
C GLU E 317 0.10 -36.54 9.26
N ASP E 318 -0.78 -35.71 8.69
CA ASP E 318 -0.70 -35.36 7.27
C ASP E 318 -0.78 -36.61 6.41
N LYS E 319 -1.68 -37.53 6.76
CA LYS E 319 -1.95 -38.71 5.97
C LYS E 319 -3.39 -38.67 5.51
N ILE E 320 -3.80 -37.58 4.89
CA ILE E 320 -5.22 -37.34 4.64
C ILE E 320 -5.77 -38.33 3.62
N HIS E 321 -5.02 -38.60 2.55
CA HIS E 321 -5.55 -39.49 1.53
CA HIS E 321 -5.52 -39.50 1.52
C HIS E 321 -5.79 -40.91 2.06
N GLN E 322 -5.13 -41.30 3.14
CA GLN E 322 -5.39 -42.61 3.73
C GLN E 322 -6.68 -42.66 4.53
N ILE E 323 -7.39 -41.53 4.68
CA ILE E 323 -8.66 -41.52 5.40
C ILE E 323 -9.73 -42.30 4.64
N TYR E 324 -9.67 -42.28 3.31
CA TYR E 324 -10.67 -42.98 2.51
C TYR E 324 -10.71 -44.48 2.80
N SER E 325 -9.55 -45.09 3.05
CA SER E 325 -9.54 -46.51 3.35
C SER E 325 -10.28 -46.81 4.66
N GLN E 326 -10.16 -45.92 5.65
CA GLN E 326 -10.91 -46.13 6.89
C GLN E 326 -12.41 -45.99 6.67
N MET E 327 -12.82 -45.12 5.74
CA MET E 327 -14.24 -44.91 5.43
C MET E 327 -14.84 -46.11 4.70
N GLN E 328 -14.03 -46.86 3.97
CA GLN E 328 -14.54 -48.00 3.21
C GLN E 328 -15.07 -49.10 4.12
N VAL E 329 -14.61 -49.17 5.37
CA VAL E 329 -14.98 -50.23 6.29
C VAL E 329 -15.74 -49.70 7.50
N GLY E 330 -16.17 -48.44 7.49
CA GLY E 330 -16.87 -47.90 8.64
C GLY E 330 -18.38 -47.73 8.64
N GLN E 331 -19.13 -48.49 7.83
CA GLN E 331 -20.57 -48.27 7.78
C GLN E 331 -21.24 -48.74 9.06
N GLU E 332 -20.98 -49.98 9.45
CA GLU E 332 -21.66 -50.56 10.59
C GLU E 332 -21.17 -49.94 11.90
N LYS E 333 -19.87 -49.69 12.00
CA LYS E 333 -19.34 -49.24 13.27
C LYS E 333 -19.63 -47.76 13.49
N PHE E 334 -19.30 -46.92 12.51
CA PHE E 334 -19.36 -45.48 12.70
C PHE E 334 -20.43 -44.78 11.86
N GLY E 335 -21.18 -45.52 11.05
CA GLY E 335 -22.21 -44.92 10.21
C GLY E 335 -21.66 -44.19 9.01
N MET E 336 -20.41 -44.46 8.66
CA MET E 336 -19.76 -43.85 7.51
C MET E 336 -20.27 -44.47 6.21
N MET E 337 -19.99 -43.78 5.11
CA MET E 337 -20.47 -44.18 3.80
C MET E 337 -19.72 -43.39 2.74
N THR E 338 -18.98 -44.12 1.91
CA THR E 338 -18.32 -43.51 0.77
C THR E 338 -19.33 -43.19 -0.31
N MET E 339 -18.91 -42.32 -1.24
CA MET E 339 -19.78 -41.96 -2.35
C MET E 339 -20.11 -43.20 -3.16
N ASN E 340 -19.13 -44.07 -3.38
CA ASN E 340 -19.36 -45.29 -4.13
C ASN E 340 -20.35 -46.22 -3.43
N GLN E 341 -20.27 -46.30 -2.09
CA GLN E 341 -21.22 -47.11 -1.35
C GLN E 341 -22.63 -46.57 -1.47
N CYS E 342 -22.77 -45.24 -1.53
CA CYS E 342 -24.08 -44.66 -1.72
C CYS E 342 -24.58 -44.89 -3.14
N LEU E 343 -23.67 -44.73 -4.13
CA LEU E 343 -24.03 -45.00 -5.52
C LEU E 343 -24.40 -46.47 -5.71
N TYR E 344 -23.72 -47.36 -4.98
CA TYR E 344 -24.08 -48.78 -5.04
C TYR E 344 -25.52 -48.97 -4.59
N GLY E 345 -25.90 -48.32 -3.48
CA GLY E 345 -27.26 -48.45 -2.99
C GLY E 345 -28.27 -47.84 -3.94
N LEU E 346 -27.91 -46.71 -4.54
CA LEU E 346 -28.80 -46.11 -5.52
C LEU E 346 -28.94 -47.02 -6.74
N LEU E 347 -27.90 -47.80 -7.05
CA LEU E 347 -27.97 -48.71 -8.20
C LEU E 347 -28.82 -49.94 -7.89
N GLN E 348 -28.69 -50.51 -6.69
CA GLN E 348 -29.50 -51.67 -6.34
C GLN E 348 -30.97 -51.32 -6.23
N LYS E 349 -31.28 -50.12 -5.76
CA LYS E 349 -32.67 -49.73 -5.75
C LYS E 349 -33.16 -49.21 -7.09
N ARG E 350 -32.32 -49.21 -8.12
CA ARG E 350 -32.73 -48.83 -9.47
C ARG E 350 -33.27 -47.40 -9.50
N HIS E 351 -32.72 -46.55 -8.63
CA HIS E 351 -33.06 -45.14 -8.57
C HIS E 351 -32.33 -44.32 -9.62
N ILE E 352 -31.15 -44.77 -10.03
CA ILE E 352 -30.34 -44.10 -11.03
C ILE E 352 -29.91 -45.12 -12.07
N THR E 353 -29.55 -44.60 -13.24
CA THR E 353 -29.06 -45.45 -14.31
C THR E 353 -27.58 -45.77 -14.08
N MET E 354 -27.09 -46.75 -14.84
CA MET E 354 -25.70 -47.16 -14.71
C MET E 354 -24.76 -46.04 -15.15
N ASP E 355 -25.14 -45.31 -16.20
CA ASP E 355 -24.30 -44.22 -16.68
C ASP E 355 -24.22 -43.09 -15.67
N VAL E 356 -25.33 -42.76 -15.00
CA VAL E 356 -25.32 -41.68 -14.02
C VAL E 356 -24.49 -42.06 -12.80
N GLY E 357 -24.64 -43.29 -12.31
CA GLY E 357 -23.85 -43.72 -11.17
C GLY E 357 -22.36 -43.74 -11.47
N MET E 358 -22.00 -44.21 -12.67
CA MET E 358 -20.61 -44.30 -13.07
C MET E 358 -20.03 -42.92 -13.36
N GLY E 359 -20.80 -42.04 -14.00
CA GLY E 359 -20.34 -40.69 -14.28
C GLY E 359 -20.05 -39.85 -13.05
N ARG E 360 -20.42 -40.32 -11.86
CA ARG E 360 -20.16 -39.56 -10.65
C ARG E 360 -19.16 -40.27 -9.76
N SER E 361 -18.92 -41.55 -9.98
CA SER E 361 -17.99 -42.27 -9.14
C SER E 361 -16.59 -41.68 -9.23
N PRO E 362 -15.97 -41.32 -8.10
CA PRO E 362 -14.56 -40.90 -8.12
C PRO E 362 -13.59 -42.01 -8.49
N ASP E 363 -14.02 -43.27 -8.35
CA ASP E 363 -13.23 -44.43 -8.75
C ASP E 363 -14.16 -45.47 -9.35
N PRO E 364 -14.35 -45.45 -10.67
CA PRO E 364 -15.31 -46.38 -11.28
C PRO E 364 -14.94 -47.84 -11.11
N ASP E 365 -13.65 -48.17 -10.96
CA ASP E 365 -13.26 -49.57 -10.82
C ASP E 365 -13.67 -50.14 -9.47
N GLU E 366 -13.62 -49.33 -8.41
CA GLU E 366 -14.07 -49.79 -7.10
C GLU E 366 -15.57 -50.08 -7.09
N LEU E 367 -16.37 -49.16 -7.66
CA LEU E 367 -17.82 -49.38 -7.74
C LEU E 367 -18.16 -50.60 -8.57
N LYS E 368 -17.38 -50.84 -9.63
CA LYS E 368 -17.54 -52.05 -10.42
C LYS E 368 -17.36 -53.29 -9.55
N GLN E 369 -16.30 -53.32 -8.73
CA GLN E 369 -16.06 -54.45 -7.85
C GLN E 369 -17.23 -54.68 -6.89
N MET E 370 -17.80 -53.60 -6.36
CA MET E 370 -18.95 -53.74 -5.47
C MET E 370 -20.14 -54.36 -6.18
N LEU E 371 -20.35 -54.00 -7.45
CA LEU E 371 -21.45 -54.55 -8.22
C LEU E 371 -21.23 -56.01 -8.56
N THR E 372 -19.98 -56.40 -8.81
CA THR E 372 -19.67 -57.79 -9.16
C THR E 372 -19.19 -58.53 -7.90
N SER E 373 -20.13 -58.75 -6.98
CA SER E 373 -19.84 -59.38 -5.71
C SER E 373 -20.57 -60.71 -5.59
N GLY E 374 -19.89 -61.70 -5.01
CA GLY E 374 -20.52 -62.96 -4.63
C GLY E 374 -21.35 -62.90 -3.36
N VAL E 375 -21.28 -61.77 -2.66
CA VAL E 375 -22.01 -61.54 -1.42
C VAL E 375 -22.98 -60.40 -1.76
N ARG E 376 -23.34 -60.29 -3.03
CA ARG E 376 -24.07 -59.10 -3.47
C ARG E 376 -25.48 -59.01 -2.88
N PRO E 377 -26.28 -60.09 -2.78
CA PRO E 377 -27.70 -60.15 -2.43
C PRO E 377 -28.62 -59.22 -3.19
N MET F 21 -41.62 1.34 29.29
CA MET F 21 -40.16 1.24 29.44
C MET F 21 -39.81 0.59 30.77
N ALA F 22 -40.80 0.48 31.65
CA ALA F 22 -40.64 -0.15 32.95
C ALA F 22 -40.81 -1.67 32.90
N ASN F 23 -41.23 -2.23 31.77
CA ASN F 23 -41.28 -3.68 31.65
C ASN F 23 -39.88 -4.27 31.60
N MET F 24 -38.94 -3.60 30.93
CA MET F 24 -37.59 -4.12 30.81
C MET F 24 -36.93 -4.21 32.17
N HIS F 25 -37.20 -3.24 33.03
CA HIS F 25 -36.65 -3.22 34.37
C HIS F 25 -37.14 -4.43 35.15
N GLN F 26 -38.41 -4.79 34.97
CA GLN F 26 -39.00 -5.93 35.67
C GLN F 26 -38.48 -7.26 35.13
N LEU F 27 -38.25 -7.35 33.81
CA LEU F 27 -37.69 -8.58 33.25
C LEU F 27 -36.30 -8.85 33.79
N LEU F 28 -35.46 -7.82 33.87
CA LEU F 28 -34.12 -7.99 34.39
C LEU F 28 -34.13 -8.30 35.89
N THR F 29 -35.11 -7.76 36.62
CA THR F 29 -35.25 -8.13 38.03
C THR F 29 -35.61 -9.60 38.16
N GLU F 30 -36.52 -10.08 37.30
CA GLU F 30 -36.89 -11.49 37.30
C GLU F 30 -35.71 -12.36 36.90
N LEU F 31 -34.91 -11.90 35.94
CA LEU F 31 -33.68 -12.60 35.55
C LEU F 31 -32.74 -12.80 36.72
N VAL F 32 -32.52 -11.74 37.52
CA VAL F 32 -31.63 -11.86 38.66
C VAL F 32 -32.23 -12.78 39.71
N ASN F 33 -33.50 -12.55 40.06
CA ASN F 33 -34.13 -13.30 41.15
C ASN F 33 -34.18 -14.80 40.87
N ARG F 34 -34.30 -15.20 39.60
CA ARG F 34 -34.41 -16.61 39.26
C ARG F 34 -33.05 -17.24 38.98
N GLY F 35 -31.96 -16.51 39.26
CA GLY F 35 -30.63 -17.07 39.05
C GLY F 35 -30.27 -17.35 37.61
N GLY F 36 -30.86 -16.62 36.67
CA GLY F 36 -30.51 -16.82 35.29
C GLY F 36 -29.16 -16.22 34.91
N SER F 37 -28.61 -16.76 33.82
CA SER F 37 -27.33 -16.29 33.29
C SER F 37 -27.53 -15.26 32.18
N ASP F 38 -28.53 -15.48 31.32
CA ASP F 38 -28.74 -14.67 30.13
C ASP F 38 -30.24 -14.48 29.91
N LEU F 39 -30.64 -13.28 29.51
CA LEU F 39 -32.00 -12.99 29.08
C LEU F 39 -32.03 -12.75 27.57
N HIS F 40 -32.96 -13.42 26.88
CA HIS F 40 -33.11 -13.33 25.44
C HIS F 40 -34.42 -12.67 25.04
N LEU F 41 -34.34 -11.68 24.15
CA LEU F 41 -35.51 -10.98 23.62
C LEU F 41 -35.44 -11.05 22.11
N THR F 42 -36.41 -11.71 21.48
CA THR F 42 -36.47 -11.82 20.02
C THR F 42 -37.91 -12.00 19.58
N THR F 43 -38.14 -11.75 18.29
CA THR F 43 -39.50 -11.75 17.78
C THR F 43 -40.05 -13.18 17.75
N ASN F 44 -41.36 -13.29 17.92
CA ASN F 44 -42.14 -14.53 17.85
C ASN F 44 -41.82 -15.50 18.97
N SER F 45 -41.09 -15.08 20.00
CA SER F 45 -40.86 -15.88 21.19
C SER F 45 -41.07 -15.03 22.43
N PRO F 46 -41.57 -15.62 23.51
CA PRO F 46 -41.57 -14.92 24.80
C PRO F 46 -40.15 -14.69 25.29
N PRO F 47 -39.96 -13.80 26.25
CA PRO F 47 -38.64 -13.68 26.88
C PRO F 47 -38.22 -15.03 27.43
N GLN F 48 -36.96 -15.37 27.22
CA GLN F 48 -36.41 -16.63 27.67
C GLN F 48 -35.18 -16.37 28.51
N ILE F 49 -35.01 -17.17 29.54
CA ILE F 49 -33.90 -17.06 30.48
C ILE F 49 -33.15 -18.38 30.50
N ARG F 50 -31.82 -18.30 30.53
CA ARG F 50 -31.00 -19.50 30.60
C ARG F 50 -30.76 -19.82 32.07
N ILE F 51 -31.24 -20.97 32.52
CA ILE F 51 -31.06 -21.42 33.89
C ILE F 51 -30.28 -22.72 33.83
N ASP F 52 -29.10 -22.74 34.46
CA ASP F 52 -28.24 -23.91 34.47
C ASP F 52 -27.94 -24.39 33.05
N GLY F 53 -27.83 -23.44 32.11
CA GLY F 53 -27.45 -23.75 30.75
C GLY F 53 -28.62 -23.92 29.80
N LYS F 54 -29.84 -24.07 30.30
CA LYS F 54 -31.00 -24.37 29.47
C LYS F 54 -31.99 -23.20 29.49
N LEU F 55 -32.56 -22.91 28.32
CA LEU F 55 -33.50 -21.82 28.17
C LEU F 55 -34.89 -22.20 28.68
N LEU F 56 -35.57 -21.26 29.32
CA LEU F 56 -36.92 -21.46 29.79
C LEU F 56 -37.76 -20.23 29.48
N PRO F 57 -38.87 -20.35 28.76
CA PRO F 57 -39.71 -19.18 28.49
C PRO F 57 -40.54 -18.76 29.70
N LEU F 58 -40.67 -17.46 29.88
CA LEU F 58 -41.55 -16.93 30.92
C LEU F 58 -42.99 -16.98 30.44
N ASP F 59 -43.93 -17.06 31.39
CA ASP F 59 -45.34 -17.18 31.06
C ASP F 59 -45.95 -15.82 30.70
N MET F 60 -45.60 -15.33 29.52
CA MET F 60 -46.03 -14.03 29.03
C MET F 60 -46.24 -14.15 27.53
N PRO F 61 -47.00 -13.23 26.91
CA PRO F 61 -47.20 -13.30 25.46
C PRO F 61 -45.92 -13.07 24.67
N PRO F 62 -45.84 -13.60 23.46
CA PRO F 62 -44.69 -13.37 22.58
C PRO F 62 -44.55 -11.92 22.12
N LEU F 63 -43.30 -11.50 21.93
CA LEU F 63 -42.99 -10.15 21.47
C LEU F 63 -43.13 -10.04 19.95
N ASN F 64 -43.39 -8.83 19.49
CA ASN F 64 -43.33 -8.49 18.07
C ASN F 64 -42.13 -7.57 17.81
N ALA F 65 -41.98 -7.14 16.56
CA ALA F 65 -40.82 -6.33 16.21
C ALA F 65 -40.84 -4.99 16.93
N VAL F 66 -42.03 -4.42 17.13
CA VAL F 66 -42.15 -3.19 17.90
C VAL F 66 -41.69 -3.41 19.34
N ASP F 67 -42.04 -4.56 19.93
CA ASP F 67 -41.67 -4.82 21.32
C ASP F 67 -40.17 -4.93 21.49
N THR F 68 -39.52 -5.77 20.68
CA THR F 68 -38.09 -5.98 20.88
C THR F 68 -37.31 -4.67 20.68
N LYS F 69 -37.76 -3.82 19.76
CA LYS F 69 -37.14 -2.52 19.65
C LYS F 69 -37.44 -1.67 20.87
N GLN F 70 -38.70 -1.65 21.32
CA GLN F 70 -39.07 -0.77 22.44
C GLN F 70 -38.36 -1.16 23.72
N LEU F 71 -38.29 -2.46 24.02
CA LEU F 71 -37.62 -2.90 25.25
C LEU F 71 -36.12 -2.60 25.22
N CYS F 72 -35.46 -2.94 24.11
CA CYS F 72 -34.00 -2.75 24.03
C CYS F 72 -33.64 -1.27 23.98
N TYR F 73 -34.44 -0.47 23.27
CA TYR F 73 -34.16 0.96 23.18
C TYR F 73 -34.36 1.65 24.52
N SER F 74 -35.16 1.08 25.42
CA SER F 74 -35.41 1.71 26.70
C SER F 74 -34.15 1.81 27.56
N ILE F 75 -33.10 1.05 27.24
CA ILE F 75 -31.87 1.03 28.01
C ILE F 75 -30.71 1.59 27.19
N LEU F 76 -30.99 2.28 26.11
CA LEU F 76 -29.95 2.86 25.27
C LEU F 76 -29.95 4.37 25.42
N THR F 77 -28.77 4.95 25.31
CA THR F 77 -28.68 6.40 25.18
C THR F 77 -29.00 6.79 23.74
N GLU F 78 -29.21 8.09 23.51
CA GLU F 78 -29.51 8.53 22.15
C GLU F 78 -28.37 8.25 21.20
N GLN F 79 -27.13 8.48 21.63
CA GLN F 79 -25.99 8.13 20.79
C GLN F 79 -25.97 6.62 20.53
N GLN F 80 -26.18 5.81 21.57
CA GLN F 80 -26.14 4.37 21.39
C GLN F 80 -27.20 3.90 20.40
N LYS F 81 -28.36 4.57 20.39
CA LYS F 81 -29.39 4.20 19.41
C LYS F 81 -29.00 4.59 18.00
N HIS F 82 -28.20 5.64 17.85
CA HIS F 82 -27.77 6.07 16.53
C HIS F 82 -26.56 5.26 16.07
N MLY F 83 -25.80 4.76 17.04
CA MLY F 83 -24.67 3.90 16.75
CB MLY F 83 -23.73 3.79 17.96
CG MLY F 83 -22.34 3.24 17.65
CD MLY F 83 -21.59 2.87 18.92
CE MLY F 83 -20.15 2.46 18.63
NZ MLY F 83 -19.52 1.75 19.80
CH1 MLY F 83 -18.12 1.48 19.47
CH2 MLY F 83 -19.55 2.67 20.95
C MLY F 83 -25.15 2.52 16.33
O MLY F 83 -24.58 1.89 15.44
N PHE F 84 -26.22 2.06 16.98
CA PHE F 84 -26.80 0.76 16.68
C PHE F 84 -27.48 0.78 15.32
N GLU F 85 -28.17 1.88 15.02
CA GLU F 85 -28.87 2.02 13.75
C GLU F 85 -27.90 2.20 12.58
N GLU F 86 -26.67 2.63 12.87
CA GLU F 86 -25.67 2.79 11.82
C GLU F 86 -25.01 1.48 11.45
N ASN F 87 -24.92 0.54 12.38
CA ASN F 87 -24.16 -0.69 12.17
C ASN F 87 -24.99 -1.96 12.27
N ASN F 88 -26.23 -1.87 12.76
CA ASN F 88 -27.08 -3.03 13.07
C ASN F 88 -26.44 -3.96 14.11
N GLU F 89 -25.44 -3.47 14.83
CA GLU F 89 -24.78 -4.18 15.91
C GLU F 89 -24.46 -3.22 17.05
N LEU F 90 -24.51 -3.70 18.29
CA LEU F 90 -24.15 -2.85 19.42
C LEU F 90 -23.85 -3.67 20.66
N ASP F 91 -22.66 -3.44 21.23
CA ASP F 91 -22.28 -3.88 22.57
C ASP F 91 -22.36 -2.71 23.53
N LEU F 92 -22.83 -2.99 24.73
CA LEU F 92 -22.96 -1.93 25.72
C LEU F 92 -23.06 -2.56 27.10
N SER F 93 -22.87 -1.71 28.11
CA SER F 93 -23.11 -2.05 29.50
C SER F 93 -23.86 -0.93 30.20
N PHE F 94 -24.59 -1.31 31.24
CA PHE F 94 -25.40 -0.38 32.02
C PHE F 94 -25.62 -0.98 33.39
N GLY F 95 -26.04 -0.14 34.34
CA GLY F 95 -26.31 -0.59 35.69
C GLY F 95 -27.73 -0.25 36.07
N ILE F 96 -28.32 -1.11 36.89
CA ILE F 96 -29.63 -0.87 37.50
C ILE F 96 -29.47 -0.78 39.02
N LYS F 97 -29.74 0.40 39.58
CA LYS F 97 -29.49 0.63 41.00
C LYS F 97 -30.27 -0.37 41.84
N GLY F 98 -29.60 -0.99 42.80
CA GLY F 98 -30.21 -1.97 43.68
C GLY F 98 -30.43 -3.33 43.08
N LEU F 99 -30.00 -3.56 41.83
CA LEU F 99 -30.21 -4.86 41.21
C LEU F 99 -28.88 -5.45 40.77
N SER F 100 -28.33 -4.95 39.67
CA SER F 100 -27.13 -5.51 39.05
C SER F 100 -26.70 -4.57 37.93
N ARG F 101 -25.47 -4.76 37.46
CA ARG F 101 -25.06 -4.21 36.18
C ARG F 101 -25.25 -5.29 35.14
N PHE F 102 -25.29 -4.89 33.87
CA PHE F 102 -25.54 -5.86 32.81
C PHE F 102 -24.72 -5.48 31.59
N ARG F 103 -24.24 -6.50 30.87
CA ARG F 103 -23.66 -6.31 29.54
C ARG F 103 -24.66 -6.76 28.49
N GLY F 104 -24.93 -5.87 27.53
CA GLY F 104 -25.93 -6.13 26.52
C GLY F 104 -25.32 -6.21 25.14
N ASN F 105 -25.93 -7.05 24.30
CA ASN F 105 -25.68 -7.04 22.88
C ASN F 105 -27.04 -6.97 22.20
N VAL F 106 -27.17 -6.02 21.29
CA VAL F 106 -28.37 -5.79 20.52
C VAL F 106 -27.99 -6.02 19.06
N PHE F 107 -28.86 -6.71 18.33
CA PHE F 107 -28.58 -6.98 16.93
C PHE F 107 -29.91 -7.00 16.17
N VAL F 108 -29.84 -7.36 14.91
CA VAL F 108 -30.99 -7.39 14.02
C VAL F 108 -31.08 -8.77 13.40
N GLN F 109 -32.28 -9.30 13.37
CA GLN F 109 -32.59 -10.59 12.75
C GLN F 109 -33.97 -10.55 12.15
N ARG F 110 -34.04 -11.03 10.90
CA ARG F 110 -35.30 -11.08 10.15
C ARG F 110 -36.04 -9.75 10.22
N GLY F 111 -35.27 -8.66 10.09
CA GLY F 111 -35.80 -7.32 10.06
C GLY F 111 -36.25 -6.76 11.39
N ALA F 112 -35.92 -7.41 12.51
CA ALA F 112 -36.39 -6.97 13.80
C ALA F 112 -35.24 -6.97 14.80
N VAL F 113 -35.42 -6.18 15.85
CA VAL F 113 -34.41 -6.09 16.89
C VAL F 113 -34.41 -7.35 17.74
N ALA F 114 -33.23 -7.78 18.16
CA ALA F 114 -33.07 -8.87 19.11
C ALA F 114 -32.00 -8.47 20.11
N GLY F 115 -32.05 -9.07 21.29
CA GLY F 115 -31.12 -8.70 22.34
C GLY F 115 -30.83 -9.85 23.28
N VAL F 116 -29.60 -9.86 23.80
CA VAL F 116 -29.17 -10.79 24.83
C VAL F 116 -28.50 -9.98 25.94
N PHE F 117 -28.77 -10.34 27.19
CA PHE F 117 -28.26 -9.55 28.31
C PHE F 117 -27.73 -10.47 29.39
N ARG F 118 -26.47 -10.26 29.77
CA ARG F 118 -25.76 -11.09 30.74
C ARG F 118 -25.61 -10.30 32.04
N VAL F 119 -25.31 -11.00 33.13
CA VAL F 119 -25.26 -10.41 34.47
C VAL F 119 -23.82 -10.07 34.85
N ILE F 120 -23.62 -8.84 35.32
CA ILE F 120 -22.32 -8.34 35.76
C ILE F 120 -22.39 -8.01 37.25
N PRO F 121 -21.87 -8.87 38.12
CA PRO F 121 -22.02 -8.60 39.55
C PRO F 121 -21.31 -7.31 39.92
N TYR F 122 -21.87 -6.65 40.94
CA TYR F 122 -21.29 -5.44 41.53
C TYR F 122 -20.03 -5.73 42.32
N LYS F 123 -19.93 -6.91 42.90
CA LYS F 123 -18.79 -7.28 43.73
C LYS F 123 -17.82 -8.08 42.87
N ILE F 124 -16.58 -7.60 42.85
CA ILE F 124 -15.53 -8.22 42.05
C ILE F 124 -14.99 -9.39 42.85
N LEU F 125 -14.90 -10.55 42.19
CA LEU F 125 -14.43 -11.74 42.87
C LEU F 125 -12.91 -11.73 43.05
N SER F 126 -12.47 -12.51 44.03
CA SER F 126 -11.07 -12.61 44.41
C SER F 126 -10.32 -13.56 43.49
N PHE F 127 -9.00 -13.61 43.67
CA PHE F 127 -8.18 -14.48 42.83
C PHE F 127 -8.58 -15.94 43.07
N GLU F 128 -8.74 -16.31 44.35
CA GLU F 128 -9.07 -17.68 44.71
C GLU F 128 -10.50 -18.03 44.31
N GLU F 129 -11.42 -17.07 44.37
CA GLU F 129 -12.79 -17.31 43.91
C GLU F 129 -12.83 -17.58 42.42
N LEU F 130 -11.96 -16.92 41.66
CA LEU F 130 -11.91 -17.11 40.22
C LEU F 130 -11.08 -18.32 39.81
N GLY F 131 -10.40 -18.96 40.76
CA GLY F 131 -9.56 -20.09 40.40
C GLY F 131 -8.24 -19.70 39.80
N LEU F 132 -7.75 -18.47 40.10
CA LEU F 132 -6.49 -17.98 39.55
C LEU F 132 -5.32 -18.36 40.46
N PRO F 133 -4.23 -18.88 39.90
CA PRO F 133 -3.10 -19.34 40.70
C PRO F 133 -2.38 -18.18 41.36
N PRO F 134 -1.58 -18.45 42.39
CA PRO F 134 -0.87 -17.35 43.08
C PRO F 134 0.03 -16.53 42.18
N VAL F 135 0.48 -17.09 41.03
CA VAL F 135 1.36 -16.36 40.13
C VAL F 135 0.67 -15.15 39.53
N VAL F 136 -0.65 -15.19 39.38
CA VAL F 136 -1.37 -14.03 38.88
C VAL F 136 -1.28 -12.88 39.88
N ARG F 137 -1.29 -13.20 41.18
CA ARG F 137 -1.13 -12.15 42.18
C ARG F 137 0.25 -11.50 42.09
N GLU F 138 1.29 -12.28 41.79
CA GLU F 138 2.60 -11.65 41.68
C GLU F 138 2.68 -10.79 40.44
N LEU F 139 1.95 -11.16 39.37
CA LEU F 139 1.92 -10.30 38.19
C LEU F 139 1.25 -8.97 38.49
N ALA F 140 0.27 -8.98 39.40
CA ALA F 140 -0.40 -7.76 39.83
C ALA F 140 0.51 -6.85 40.61
N GLU F 141 1.69 -7.34 41.00
CA GLU F 141 2.65 -6.55 41.75
C GLU F 141 3.75 -5.96 40.88
N LYS F 142 3.77 -6.26 39.58
CA LYS F 142 4.81 -5.73 38.70
C LYS F 142 4.73 -4.21 38.63
N PRO F 143 5.89 -3.49 38.65
CA PRO F 143 5.85 -2.02 38.59
C PRO F 143 5.62 -1.47 37.19
N ARG F 144 6.07 -2.18 36.15
CA ARG F 144 5.97 -1.73 34.77
C ARG F 144 6.03 -2.95 33.89
N GLY F 145 5.65 -2.75 32.63
CA GLY F 145 5.75 -3.77 31.61
C GLY F 145 4.41 -4.04 30.97
N LEU F 146 4.41 -5.04 30.09
CA LEU F 146 3.21 -5.43 29.35
C LEU F 146 2.75 -6.81 29.84
N VAL F 147 1.50 -6.89 30.30
CA VAL F 147 0.88 -8.13 30.75
C VAL F 147 -0.34 -8.38 29.87
N LEU F 148 -0.40 -9.54 29.23
CA LEU F 148 -1.46 -9.85 28.28
C LEU F 148 -2.33 -10.95 28.85
N VAL F 149 -3.65 -10.74 28.81
CA VAL F 149 -4.63 -11.73 29.22
C VAL F 149 -5.40 -12.09 27.97
N THR F 150 -5.23 -13.32 27.48
CA THR F 150 -5.79 -13.60 26.17
C THR F 150 -6.77 -14.77 26.18
N GLY F 151 -7.51 -14.85 25.09
CA GLY F 151 -8.47 -15.90 24.86
C GLY F 151 -9.65 -15.40 24.06
N PRO F 152 -10.52 -16.33 23.64
CA PRO F 152 -11.73 -15.96 22.92
C PRO F 152 -12.68 -15.24 23.87
N THR F 153 -13.77 -14.76 23.29
CA THR F 153 -14.79 -14.05 24.05
C THR F 153 -15.36 -14.94 25.15
N GLY F 154 -15.49 -14.36 26.34
CA GLY F 154 -16.05 -15.02 27.51
C GLY F 154 -15.16 -16.06 28.15
N SER F 155 -13.85 -15.87 28.07
CA SER F 155 -12.89 -16.82 28.63
C SER F 155 -12.42 -16.35 30.00
N GLY F 156 -13.10 -15.36 30.58
CA GLY F 156 -12.79 -14.88 31.91
C GLY F 156 -11.85 -13.70 31.89
N LYS F 157 -11.63 -13.07 30.74
CA LYS F 157 -10.60 -12.05 30.66
C LYS F 157 -10.94 -10.83 31.49
N SER F 158 -12.15 -10.29 31.35
CA SER F 158 -12.52 -9.13 32.15
C SER F 158 -12.52 -9.43 33.65
N THR F 159 -12.95 -10.63 34.04
CA THR F 159 -12.95 -10.95 35.46
C THR F 159 -11.54 -11.04 36.01
N THR F 160 -10.63 -11.68 35.27
CA THR F 160 -9.23 -11.71 35.66
C THR F 160 -8.63 -10.32 35.70
N LEU F 161 -8.90 -9.51 34.67
CA LEU F 161 -8.36 -8.15 34.64
C LEU F 161 -8.87 -7.32 35.80
N ALA F 162 -10.16 -7.49 36.14
CA ALA F 162 -10.72 -6.73 37.26
C ALA F 162 -10.07 -7.12 38.57
N ALA F 163 -9.74 -8.41 38.73
CA ALA F 163 -9.07 -8.85 39.95
C ALA F 163 -7.68 -8.24 40.02
N ILE F 164 -6.98 -8.22 38.88
CA ILE F 164 -5.65 -7.62 38.85
C ILE F 164 -5.76 -6.13 39.14
N ILE F 165 -6.73 -5.46 38.50
CA ILE F 165 -6.91 -4.03 38.69
C ILE F 165 -7.39 -3.74 40.11
N ASP F 166 -8.12 -4.66 40.74
CA ASP F 166 -8.56 -4.42 42.10
C ASP F 166 -7.42 -4.56 43.09
N LYS F 167 -6.50 -5.50 42.85
CA LYS F 167 -5.35 -5.63 43.74
C LYS F 167 -4.43 -4.42 43.67
N ILE F 168 -4.13 -3.93 42.46
CA ILE F 168 -3.32 -2.71 42.35
C ILE F 168 -4.05 -1.54 42.99
N ASN F 169 -5.34 -1.39 42.71
CA ASN F 169 -6.11 -0.31 43.33
C ASN F 169 -6.02 -0.39 44.85
N THR F 170 -6.00 -1.60 45.40
CA THR F 170 -5.97 -1.79 46.84
C THR F 170 -4.58 -1.50 47.40
N ASP F 171 -3.53 -1.86 46.64
CA ASP F 171 -2.18 -1.92 47.17
C ASP F 171 -1.31 -0.71 46.83
N ARG F 172 -1.63 0.00 45.75
CA ARG F 172 -0.78 1.07 45.24
C ARG F 172 -1.42 2.44 45.39
N HIS F 173 -0.57 3.47 45.42
CA HIS F 173 -1.01 4.87 45.35
C HIS F 173 -0.62 5.44 43.99
N GLU F 174 -1.26 4.94 42.94
CA GLU F 174 -0.91 5.27 41.57
C GLU F 174 -2.17 5.61 40.78
N HIS F 175 -1.97 6.00 39.53
CA HIS F 175 -3.07 6.44 38.67
C HIS F 175 -3.35 5.35 37.66
N ILE F 176 -4.56 4.79 37.72
CA ILE F 176 -5.00 3.74 36.82
C ILE F 176 -5.99 4.34 35.83
N VAL F 177 -5.74 4.15 34.54
CA VAL F 177 -6.65 4.58 33.49
C VAL F 177 -7.03 3.35 32.68
N THR F 178 -8.31 3.15 32.47
CA THR F 178 -8.81 2.09 31.61
C THR F 178 -9.58 2.68 30.44
N VAL F 179 -9.44 2.04 29.29
CA VAL F 179 -10.19 2.35 28.09
C VAL F 179 -10.94 1.09 27.69
N GLU F 180 -12.27 1.17 27.63
CA GLU F 180 -13.08 -0.04 27.55
C GLU F 180 -14.22 0.20 26.58
N ASP F 181 -14.63 -0.87 25.89
CA ASP F 181 -15.70 -0.80 24.89
C ASP F 181 -16.59 -2.02 25.06
N PRO F 182 -17.54 -1.99 26.01
CA PRO F 182 -17.82 -0.90 26.96
C PRO F 182 -17.16 -1.16 28.30
N ILE F 183 -17.36 -0.24 29.25
CA ILE F 183 -16.88 -0.49 30.61
C ILE F 183 -17.66 -1.68 31.16
N GLU F 184 -16.94 -2.68 31.67
CA GLU F 184 -17.66 -3.82 32.22
C GLU F 184 -17.64 -3.69 33.73
N TYR F 185 -16.59 -4.21 34.37
CA TYR F 185 -16.47 -4.07 35.81
C TYR F 185 -16.15 -2.62 36.18
N LEU F 186 -16.85 -2.11 37.19
CA LEU F 186 -16.56 -0.79 37.76
C LEU F 186 -15.60 -0.93 38.93
N HIS F 187 -14.63 -0.02 39.00
CA HIS F 187 -13.60 -0.03 40.04
C HIS F 187 -13.70 1.26 40.85
N PRO F 188 -14.49 1.27 41.92
CA PRO F 188 -14.46 2.43 42.82
C PRO F 188 -13.04 2.71 43.29
N HIS F 189 -12.75 3.99 43.55
CA HIS F 189 -11.44 4.35 44.08
C HIS F 189 -11.20 3.63 45.40
N LYS F 190 -9.96 3.16 45.58
CA LYS F 190 -9.55 2.65 46.88
C LYS F 190 -8.36 3.48 47.34
N SER F 191 -7.15 3.00 47.08
CA SER F 191 -5.97 3.81 47.31
C SER F 191 -5.44 4.46 46.03
N CYS F 192 -5.82 3.93 44.86
CA CYS F 192 -5.44 4.50 43.58
C CYS F 192 -6.51 5.51 43.13
N VAL F 193 -6.14 6.32 42.15
CA VAL F 193 -7.09 7.08 41.38
C VAL F 193 -7.36 6.26 40.13
N VAL F 194 -8.61 5.88 39.92
CA VAL F 194 -9.01 5.01 38.83
C VAL F 194 -9.95 5.79 37.92
N ASN F 195 -9.55 5.98 36.68
CA ASN F 195 -10.39 6.61 35.68
C ASN F 195 -10.71 5.60 34.60
N GLN F 196 -12.00 5.45 34.29
CA GLN F 196 -12.45 4.45 33.35
C GLN F 196 -13.21 5.16 32.24
N ARG F 197 -12.71 5.02 31.02
CA ARG F 197 -13.24 5.70 29.85
C ARG F 197 -13.93 4.69 28.95
N GLU F 198 -15.19 4.95 28.61
CA GLU F 198 -15.98 4.07 27.77
C GLU F 198 -15.91 4.59 26.34
N VAL F 199 -15.51 3.71 25.42
CA VAL F 199 -15.47 4.10 24.02
C VAL F 199 -16.88 4.38 23.52
N GLY F 200 -17.03 5.48 22.77
CA GLY F 200 -18.30 5.89 22.24
C GLY F 200 -19.10 6.83 23.12
N ALA F 201 -18.64 7.13 24.32
CA ALA F 201 -19.33 8.06 25.19
C ALA F 201 -18.32 8.97 25.87
N ASP F 202 -17.45 8.39 26.69
CA ASP F 202 -16.44 9.20 27.36
C ASP F 202 -15.36 9.61 26.36
N THR F 203 -15.03 8.74 25.41
CA THR F 203 -14.01 9.03 24.41
C THR F 203 -14.48 8.46 23.07
N LYS F 204 -14.04 9.07 21.97
CA LYS F 204 -14.55 8.69 20.65
C LYS F 204 -14.10 7.31 20.23
N SER F 205 -12.88 6.90 20.58
CA SER F 205 -12.30 5.67 20.08
C SER F 205 -11.07 5.32 20.91
N PHE F 206 -10.59 4.08 20.75
CA PHE F 206 -9.32 3.70 21.32
C PHE F 206 -8.18 4.57 20.81
N LYS F 207 -8.19 4.87 19.52
CA LYS F 207 -7.12 5.68 18.95
C LYS F 207 -7.08 7.05 19.60
N ASN F 208 -8.26 7.65 19.80
CA ASN F 208 -8.35 9.00 20.34
C ASN F 208 -7.99 9.04 21.82
N ALA F 209 -8.44 8.04 22.59
CA ALA F 209 -8.07 7.96 24.00
C ALA F 209 -6.57 7.82 24.19
N LEU F 210 -5.93 6.92 23.42
CA LEU F 210 -4.49 6.69 23.50
C LEU F 210 -3.67 7.90 23.05
N LYS F 211 -4.25 8.78 22.25
CA LYS F 211 -3.54 9.96 21.77
C LYS F 211 -3.23 10.92 22.92
N TYR F 212 -4.05 10.89 23.96
CA TYR F 212 -3.93 11.80 25.07
C TYR F 212 -3.48 11.11 26.35
N ILE F 213 -3.30 9.79 26.34
CA ILE F 213 -3.06 9.07 27.59
C ILE F 213 -1.72 9.44 28.20
N LEU F 214 -0.75 9.82 27.38
CA LEU F 214 0.56 10.21 27.84
C LEU F 214 0.56 11.57 28.55
N ARG F 215 -0.46 12.38 28.34
CA ARG F 215 -0.59 13.65 29.03
C ARG F 215 -1.39 13.56 30.32
N GLN F 216 -1.91 12.37 30.65
CA GLN F 216 -2.79 12.18 31.80
C GLN F 216 -2.09 11.57 32.99
N ASP F 217 -0.75 11.57 33.00
CA ASP F 217 0.05 11.11 34.12
C ASP F 217 -0.38 9.71 34.61
N PRO F 218 -0.47 8.72 33.72
CA PRO F 218 -0.86 7.39 34.18
C PRO F 218 0.32 6.61 34.71
N ASP F 219 -0.01 5.61 35.54
CA ASP F 219 0.93 4.59 35.99
C ASP F 219 0.56 3.21 35.47
N VAL F 220 -0.73 2.91 35.44
CA VAL F 220 -1.24 1.64 34.95
C VAL F 220 -2.32 1.96 33.92
N VAL F 221 -2.27 1.29 32.78
CA VAL F 221 -3.18 1.57 31.68
C VAL F 221 -3.74 0.26 31.14
N LEU F 222 -5.05 0.23 30.96
CA LEU F 222 -5.75 -0.85 30.29
C LEU F 222 -6.21 -0.35 28.93
N VAL F 223 -5.77 -1.01 27.86
CA VAL F 223 -5.99 -0.55 26.50
C VAL F 223 -6.96 -1.45 25.75
N GLY F 224 -7.45 -2.51 26.39
CA GLY F 224 -8.39 -3.42 25.76
C GLY F 224 -7.69 -4.38 24.82
N GLU F 225 -8.44 -4.83 23.82
CA GLU F 225 -7.92 -5.82 22.91
C GLU F 225 -6.92 -5.14 21.97
N LEU F 226 -5.85 -5.85 21.65
CA LEU F 226 -4.89 -5.42 20.64
C LEU F 226 -5.50 -5.67 19.26
N ARG F 227 -6.41 -4.78 18.89
CA ARG F 227 -7.29 -5.01 17.75
C ARG F 227 -6.59 -4.68 16.43
N ASP F 228 -5.64 -3.77 16.42
CA ASP F 228 -5.01 -3.41 15.15
C ASP F 228 -3.55 -3.09 15.36
N LEU F 229 -2.87 -2.81 14.25
CA LEU F 229 -1.44 -2.54 14.27
C LEU F 229 -1.14 -1.29 15.09
N GLU F 230 -1.99 -0.26 14.99
CA GLU F 230 -1.70 1.03 15.61
C GLU F 230 -1.76 0.96 17.13
N THR F 231 -2.74 0.22 17.67
CA THR F 231 -2.87 0.11 19.12
C THR F 231 -1.75 -0.73 19.72
N ILE F 232 -1.32 -1.78 19.02
CA ILE F 232 -0.19 -2.59 19.51
C ILE F 232 1.05 -1.72 19.66
N GLU F 233 1.33 -0.86 18.68
CA GLU F 233 2.50 0.01 18.79
C GLU F 233 2.35 0.96 19.96
N ALA F 234 1.12 1.43 20.20
CA ALA F 234 0.83 2.28 21.34
C ALA F 234 1.04 1.53 22.64
N ALA F 235 0.60 0.26 22.69
CA ALA F 235 0.74 -0.53 23.91
C ALA F 235 2.21 -0.81 24.19
N LEU F 236 2.98 -1.10 23.15
CA LEU F 236 4.42 -1.31 23.32
C LEU F 236 5.09 -0.03 23.80
N THR F 237 4.63 1.13 23.30
CA THR F 237 5.21 2.40 23.74
C THR F 237 4.89 2.69 25.20
N LEU F 238 3.64 2.46 25.63
CA LEU F 238 3.31 2.65 27.04
C LEU F 238 4.18 1.79 27.92
N ALA F 239 4.28 0.50 27.59
CA ALA F 239 5.06 -0.45 28.38
C ALA F 239 6.55 -0.17 28.33
N GLU F 240 7.02 0.50 27.28
CA GLU F 240 8.44 0.78 27.12
C GLU F 240 8.85 2.03 27.84
N THR F 241 7.91 2.94 28.09
CA THR F 241 8.20 4.20 28.71
C THR F 241 7.99 4.16 30.22
N GLY F 242 8.03 2.97 30.82
CA GLY F 242 7.96 2.85 32.26
C GLY F 242 6.60 2.65 32.88
N HIS F 243 5.58 2.25 32.12
CA HIS F 243 4.24 2.06 32.62
C HIS F 243 3.88 0.58 32.61
N LEU F 244 2.91 0.22 33.44
CA LEU F 244 2.32 -1.11 33.42
C LEU F 244 1.06 -1.13 32.56
N CYS F 245 1.12 -1.88 31.47
CA CYS F 245 0.06 -1.92 30.45
C CYS F 245 -0.61 -3.29 30.42
N PHE F 246 -1.93 -3.30 30.50
CA PHE F 246 -2.73 -4.51 30.38
C PHE F 246 -3.48 -4.48 29.07
N ALA F 247 -3.49 -5.61 28.36
CA ALA F 247 -4.20 -5.69 27.09
C ALA F 247 -4.66 -7.12 26.91
N THR F 248 -5.59 -7.31 25.98
CA THR F 248 -6.12 -8.64 25.70
C THR F 248 -5.86 -8.99 24.25
N LEU F 249 -5.81 -10.30 23.99
CA LEU F 249 -5.80 -10.82 22.63
C LEU F 249 -6.72 -12.04 22.56
N HIS F 250 -7.03 -12.45 21.33
N HIS F 250 -7.04 -12.45 21.34
CA HIS F 250 -7.94 -13.56 21.09
CA HIS F 250 -7.95 -13.56 21.12
C HIS F 250 -7.27 -14.93 21.17
C HIS F 250 -7.26 -14.93 21.12
N THR F 251 -5.94 -14.98 21.22
CA THR F 251 -5.22 -16.25 21.15
C THR F 251 -5.40 -17.11 22.41
N ASN F 252 -5.06 -18.40 22.29
CA ASN F 252 -5.34 -19.44 23.28
C ASN F 252 -4.08 -19.96 23.97
N SER F 253 -2.91 -19.44 23.62
CA SER F 253 -1.72 -19.93 24.31
C SER F 253 -0.67 -18.84 24.28
N ALA F 254 0.33 -19.00 25.14
CA ALA F 254 1.40 -17.99 25.23
C ALA F 254 2.17 -17.89 23.93
N VAL F 255 2.55 -19.04 23.38
CA VAL F 255 3.31 -19.06 22.14
C VAL F 255 2.47 -18.51 20.99
N GLN F 256 1.22 -18.95 20.89
CA GLN F 256 0.32 -18.43 19.88
C GLN F 256 0.11 -16.93 20.04
N THR F 257 0.11 -16.44 21.28
CA THR F 257 -0.05 -15.00 21.52
C THR F 257 1.15 -14.22 21.00
N ILE F 258 2.37 -14.66 21.31
CA ILE F 258 3.57 -13.95 20.88
C ILE F 258 3.69 -13.95 19.37
N ASN F 259 3.43 -15.10 18.74
CA ASN F 259 3.50 -15.17 17.28
C ASN F 259 2.49 -14.24 16.63
N ARG F 260 1.28 -14.19 17.18
CA ARG F 260 0.24 -13.35 16.59
C ARG F 260 0.65 -11.87 16.60
N ILE F 261 1.25 -11.40 17.69
CA ILE F 261 1.65 -10.00 17.81
C ILE F 261 2.73 -9.63 16.80
N VAL F 262 3.76 -10.48 16.65
CA VAL F 262 4.84 -10.14 15.75
C VAL F 262 4.39 -10.19 14.29
N ASP F 263 3.60 -11.21 13.92
CA ASP F 263 3.31 -11.48 12.52
C ASP F 263 2.35 -10.47 11.88
N VAL F 264 1.69 -9.61 12.67
CA VAL F 264 0.82 -8.59 12.08
C VAL F 264 1.59 -7.44 11.45
N PHE F 265 2.91 -7.29 11.78
CA PHE F 265 3.73 -6.21 11.27
C PHE F 265 4.42 -6.58 9.97
N PRO F 266 4.73 -5.57 9.16
CA PRO F 266 5.52 -5.81 7.95
C PRO F 266 6.87 -6.43 8.29
N SER F 267 7.41 -7.16 7.33
CA SER F 267 8.58 -7.99 7.58
C SER F 267 9.77 -7.16 8.02
N TYR F 268 9.89 -5.92 7.55
CA TYR F 268 11.05 -5.11 7.89
C TYR F 268 11.04 -4.61 9.34
N GLN F 269 9.87 -4.51 9.96
CA GLN F 269 9.81 -4.02 11.33
C GLN F 269 9.70 -5.12 12.37
N GLN F 270 9.52 -6.39 11.96
CA GLN F 270 9.47 -7.48 12.93
C GLN F 270 10.72 -7.68 13.78
N PRO F 271 11.94 -7.48 13.29
CA PRO F 271 13.09 -7.57 14.21
C PRO F 271 13.01 -6.67 15.44
N GLN F 272 12.61 -5.40 15.26
CA GLN F 272 12.47 -4.49 16.40
C GLN F 272 11.36 -4.93 17.34
N VAL F 273 10.21 -5.35 16.79
CA VAL F 273 9.08 -5.75 17.64
C VAL F 273 9.45 -6.91 18.55
N ARG F 274 10.18 -7.90 18.01
CA ARG F 274 10.67 -9.00 18.85
C ARG F 274 11.64 -8.49 19.92
N ALA F 275 12.49 -7.53 19.55
CA ALA F 275 13.42 -6.94 20.51
C ALA F 275 12.66 -6.17 21.59
N GLN F 276 11.66 -5.39 21.19
CA GLN F 276 10.85 -4.67 22.16
C GLN F 276 10.17 -5.65 23.12
N LEU F 277 9.49 -6.65 22.56
CA LEU F 277 8.80 -7.65 23.37
C LEU F 277 9.73 -8.37 24.35
N SER F 278 10.96 -8.70 23.95
CA SER F 278 11.85 -9.39 24.88
C SER F 278 12.14 -8.53 26.10
N PHE F 279 12.14 -7.21 25.94
CA PHE F 279 12.40 -6.30 27.03
C PHE F 279 11.13 -6.03 27.84
N VAL F 280 9.99 -5.79 27.19
CA VAL F 280 8.82 -5.26 27.87
C VAL F 280 7.81 -6.32 28.35
N LEU F 281 7.84 -7.53 27.80
CA LEU F 281 6.85 -8.54 28.18
C LEU F 281 7.03 -8.99 29.62
N GLU F 282 5.96 -8.94 30.41
CA GLU F 282 6.03 -9.38 31.80
C GLU F 282 5.10 -10.52 32.15
N GLY F 283 4.15 -10.87 31.29
CA GLY F 283 3.26 -11.98 31.58
C GLY F 283 2.28 -12.23 30.46
N VAL F 284 1.98 -13.50 30.19
CA VAL F 284 0.94 -13.88 29.23
C VAL F 284 0.03 -14.89 29.91
N LEU F 285 -1.25 -14.57 30.00
CA LEU F 285 -2.26 -15.46 30.56
C LEU F 285 -3.23 -15.82 29.44
N SER F 286 -3.39 -17.12 29.19
CA SER F 286 -4.34 -17.61 28.20
C SER F 286 -5.39 -18.44 28.92
N GLN F 287 -6.62 -17.96 28.95
CA GLN F 287 -7.66 -18.61 29.74
C GLN F 287 -8.71 -19.28 28.85
N THR F 288 -9.56 -20.05 29.52
CA THR F 288 -10.69 -20.77 28.94
C THR F 288 -11.54 -21.29 30.10
N LEU F 289 -12.86 -21.16 29.98
CA LEU F 289 -13.78 -21.63 31.01
C LEU F 289 -14.44 -22.92 30.55
N LEU F 290 -14.32 -23.97 31.37
CA LEU F 290 -14.84 -25.32 31.14
C LEU F 290 -15.92 -25.64 32.17
N PRO F 291 -16.93 -26.41 31.81
CA PRO F 291 -17.93 -26.83 32.80
C PRO F 291 -17.33 -27.74 33.86
N LYS F 292 -17.79 -27.53 35.10
CA LYS F 292 -17.29 -28.29 36.24
C LYS F 292 -17.82 -29.71 36.24
N ALA F 293 -17.04 -30.62 36.82
CA ALA F 293 -17.43 -32.02 36.89
C ALA F 293 -18.69 -32.23 37.71
N SER F 294 -18.95 -31.37 38.71
CA SER F 294 -20.15 -31.50 39.52
C SER F 294 -21.43 -31.21 38.75
N GLY F 295 -21.32 -30.50 37.62
CA GLY F 295 -22.47 -30.09 36.84
C GLY F 295 -23.04 -28.70 37.12
N THR F 296 -22.39 -27.90 37.95
CA THR F 296 -22.86 -26.55 38.24
C THR F 296 -21.64 -25.63 38.25
N GLY F 297 -21.71 -24.53 37.51
CA GLY F 297 -20.60 -23.60 37.47
C GLY F 297 -19.54 -23.99 36.46
N ARG F 298 -18.58 -23.10 36.29
CA ARG F 298 -17.45 -23.31 35.40
C ARG F 298 -16.19 -23.02 36.19
N VAL F 299 -15.12 -23.72 35.83
CA VAL F 299 -13.83 -23.63 36.52
C VAL F 299 -12.79 -23.17 35.53
N LEU F 300 -11.87 -22.33 36.01
CA LEU F 300 -10.88 -21.72 35.13
C LEU F 300 -9.70 -22.64 34.88
N ALA F 301 -9.37 -22.83 33.61
CA ALA F 301 -8.14 -23.45 33.16
C ALA F 301 -7.31 -22.36 32.51
N ILE F 302 -6.07 -22.22 32.94
CA ILE F 302 -5.26 -21.07 32.59
C ILE F 302 -3.84 -21.52 32.29
N GLU F 303 -3.27 -21.00 31.20
CA GLU F 303 -1.86 -21.17 30.90
C GLU F 303 -1.16 -19.87 31.26
N VAL F 304 -0.09 -19.97 32.06
CA VAL F 304 0.60 -18.80 32.59
C VAL F 304 2.03 -18.86 32.07
N MET F 305 2.46 -17.81 31.38
CA MET F 305 3.85 -17.64 30.95
C MET F 305 4.39 -16.33 31.50
N VAL F 306 5.40 -16.43 32.35
CA VAL F 306 6.10 -15.26 32.87
C VAL F 306 7.52 -15.29 32.32
N PRO F 307 7.92 -14.32 31.52
CA PRO F 307 9.24 -14.40 30.86
C PRO F 307 10.36 -14.32 31.89
N ASN F 308 11.27 -15.26 31.80
CA ASN F 308 12.55 -15.23 32.51
C ASN F 308 13.65 -14.89 31.52
N PRO F 309 14.88 -14.66 31.99
CA PRO F 309 15.98 -14.37 31.05
C PRO F 309 16.11 -15.37 29.91
N ALA F 310 15.81 -16.64 30.15
CA ALA F 310 15.91 -17.64 29.09
C ALA F 310 14.86 -17.40 28.01
N ILE F 311 13.64 -17.10 28.41
CA ILE F 311 12.57 -16.87 27.45
C ILE F 311 12.85 -15.59 26.65
N ARG F 312 13.39 -14.57 27.32
CA ARG F 312 13.70 -13.32 26.62
C ARG F 312 14.74 -13.54 25.53
N ASN F 313 15.72 -14.42 25.74
CA ASN F 313 16.64 -14.71 24.65
C ASN F 313 15.93 -15.45 23.52
N LEU F 314 15.09 -16.43 23.87
CA LEU F 314 14.35 -17.16 22.84
C LEU F 314 13.50 -16.22 22.00
N ILE F 315 12.94 -15.18 22.64
CA ILE F 315 12.17 -14.19 21.88
C ILE F 315 13.09 -13.41 20.95
N ARG F 316 14.24 -12.97 21.46
CA ARG F 316 15.18 -12.23 20.63
C ARG F 316 15.77 -13.09 19.53
N GLU F 317 16.01 -14.37 19.83
CA GLU F 317 16.60 -15.29 18.86
C GLU F 317 15.59 -15.84 17.86
N ASP F 318 14.33 -15.41 17.93
CA ASP F 318 13.27 -15.90 17.05
C ASP F 318 13.09 -17.43 17.14
N LYS F 319 13.14 -17.96 18.35
CA LYS F 319 12.86 -19.38 18.58
C LYS F 319 11.63 -19.46 19.47
N ILE F 320 10.54 -18.88 18.99
CA ILE F 320 9.35 -18.65 19.82
C ILE F 320 8.72 -19.97 20.27
N HIS F 321 8.81 -21.02 19.44
CA HIS F 321 8.16 -22.28 19.78
C HIS F 321 8.88 -22.99 20.92
N GLN F 322 10.19 -22.77 21.07
CA GLN F 322 10.93 -23.38 22.16
C GLN F 322 10.55 -22.78 23.52
N ILE F 323 9.68 -21.77 23.55
CA ILE F 323 9.24 -21.19 24.82
C ILE F 323 8.38 -22.18 25.60
N TYR F 324 7.62 -23.02 24.88
CA TYR F 324 6.75 -23.99 25.55
C TYR F 324 7.55 -24.94 26.42
N SER F 325 8.74 -25.33 25.98
CA SER F 325 9.59 -26.21 26.78
C SER F 325 10.05 -25.52 28.07
N GLN F 326 10.32 -24.22 27.99
CA GLN F 326 10.72 -23.47 29.17
C GLN F 326 9.60 -23.37 30.21
N MET F 327 8.34 -23.33 29.74
CA MET F 327 7.24 -23.24 30.68
C MET F 327 7.05 -24.54 31.46
N GLN F 328 7.43 -25.66 30.85
CA GLN F 328 7.26 -26.95 31.52
C GLN F 328 8.16 -27.10 32.74
N VAL F 329 9.27 -26.35 32.83
CA VAL F 329 10.17 -26.54 33.95
C VAL F 329 10.28 -25.29 34.82
N GLY F 330 9.44 -24.29 34.59
CA GLY F 330 9.51 -23.08 35.40
C GLY F 330 8.45 -22.91 36.47
N GLN F 331 7.84 -24.01 36.94
CA GLN F 331 6.73 -23.87 37.91
C GLN F 331 7.21 -23.43 39.28
N GLU F 332 8.21 -24.12 39.85
CA GLU F 332 8.60 -23.81 41.23
C GLU F 332 9.32 -22.47 41.29
N LYS F 333 10.14 -22.18 40.28
CA LYS F 333 10.96 -20.97 40.34
C LYS F 333 10.11 -19.75 39.97
N PHE F 334 9.40 -19.81 38.84
CA PHE F 334 8.71 -18.64 38.31
C PHE F 334 7.19 -18.77 38.32
N GLY F 335 6.64 -19.88 38.80
CA GLY F 335 5.20 -20.01 38.79
C GLY F 335 4.59 -20.27 37.43
N MET F 336 5.41 -20.72 36.47
CA MET F 336 4.93 -21.00 35.13
C MET F 336 4.10 -22.29 35.08
N MET F 337 3.33 -22.42 34.00
CA MET F 337 2.40 -23.54 33.84
C MET F 337 1.86 -23.60 32.41
N THR F 338 2.10 -24.71 31.71
CA THR F 338 1.48 -24.89 30.41
C THR F 338 0.00 -25.21 30.57
N MET F 339 -0.75 -25.04 29.47
CA MET F 339 -2.17 -25.35 29.51
C MET F 339 -2.41 -26.82 29.85
N ASN F 340 -1.60 -27.72 29.27
CA ASN F 340 -1.77 -29.14 29.57
C ASN F 340 -1.49 -29.44 31.04
N GLN F 341 -0.48 -28.78 31.62
CA GLN F 341 -0.21 -28.98 33.04
C GLN F 341 -1.36 -28.50 33.92
N CYS F 342 -2.05 -27.44 33.51
CA CYS F 342 -3.19 -26.97 34.27
C CYS F 342 -4.39 -27.90 34.14
N LEU F 343 -4.67 -28.38 32.92
CA LEU F 343 -5.76 -29.33 32.72
C LEU F 343 -5.51 -30.64 33.45
N TYR F 344 -4.27 -31.09 33.49
CA TYR F 344 -3.94 -32.31 34.24
C TYR F 344 -4.30 -32.18 35.72
N GLY F 345 -3.93 -31.06 36.33
CA GLY F 345 -4.24 -30.88 37.74
C GLY F 345 -5.73 -30.73 38.04
N LEU F 346 -6.46 -30.02 37.17
CA LEU F 346 -7.91 -29.89 37.35
C LEU F 346 -8.63 -31.22 37.19
N LEU F 347 -8.08 -32.11 36.36
CA LEU F 347 -8.68 -33.41 36.12
C LEU F 347 -8.42 -34.37 37.28
N GLN F 348 -7.20 -34.34 37.82
CA GLN F 348 -6.82 -35.20 38.93
C GLN F 348 -7.58 -34.85 40.22
N LYS F 349 -7.85 -33.57 40.44
CA LYS F 349 -8.64 -33.01 41.55
C LYS F 349 -10.16 -33.08 41.33
N ARG F 350 -10.63 -33.70 40.25
CA ARG F 350 -12.07 -33.88 39.94
C ARG F 350 -12.82 -32.57 39.75
N HIS F 351 -12.14 -31.54 39.26
CA HIS F 351 -12.84 -30.29 38.98
C HIS F 351 -13.51 -30.32 37.61
N ILE F 352 -12.97 -31.11 36.67
CA ILE F 352 -13.48 -31.27 35.31
C ILE F 352 -13.58 -32.75 34.95
N THR F 353 -14.41 -33.02 33.94
CA THR F 353 -14.59 -34.35 33.39
C THR F 353 -13.44 -34.67 32.42
N MET F 354 -13.32 -35.96 32.08
CA MET F 354 -12.27 -36.39 31.15
C MET F 354 -12.48 -35.82 29.74
N ASP F 355 -13.74 -35.75 29.29
CA ASP F 355 -14.00 -35.24 27.95
C ASP F 355 -13.65 -33.76 27.81
N VAL F 356 -13.96 -32.94 28.82
CA VAL F 356 -13.63 -31.52 28.75
C VAL F 356 -12.12 -31.30 28.80
N GLY F 357 -11.42 -32.03 29.68
CA GLY F 357 -9.98 -31.90 29.77
C GLY F 357 -9.30 -32.32 28.48
N MET F 358 -9.77 -33.42 27.88
CA MET F 358 -9.18 -33.91 26.64
C MET F 358 -9.58 -33.01 25.46
N GLY F 359 -10.83 -32.57 25.43
CA GLY F 359 -11.32 -31.68 24.40
C GLY F 359 -10.66 -30.32 24.34
N ARG F 360 -9.83 -29.97 25.33
CA ARG F 360 -9.16 -28.67 25.34
C ARG F 360 -7.65 -28.79 25.20
N SER F 361 -7.07 -29.96 25.44
CA SER F 361 -5.62 -30.05 25.33
C SER F 361 -5.16 -29.68 23.93
N PRO F 362 -4.25 -28.72 23.79
CA PRO F 362 -3.66 -28.44 22.46
C PRO F 362 -2.85 -29.58 21.92
N ASP F 363 -2.42 -30.48 22.79
CA ASP F 363 -1.70 -31.70 22.40
C ASP F 363 -2.19 -32.82 23.31
N PRO F 364 -3.22 -33.55 22.87
CA PRO F 364 -3.79 -34.60 23.73
C PRO F 364 -2.81 -35.70 24.07
N ASP F 365 -1.82 -35.96 23.20
CA ASP F 365 -0.85 -37.03 23.43
C ASP F 365 0.11 -36.68 24.56
N GLU F 366 0.46 -35.40 24.70
CA GLU F 366 1.31 -34.96 25.81
C GLU F 366 0.62 -35.19 27.15
N LEU F 367 -0.66 -34.84 27.25
CA LEU F 367 -1.43 -35.05 28.48
C LEU F 367 -1.51 -36.54 28.84
N LYS F 368 -1.57 -37.42 27.84
CA LYS F 368 -1.52 -38.85 28.11
C LYS F 368 -0.24 -39.23 28.84
N GLN F 369 0.92 -38.76 28.36
CA GLN F 369 2.18 -39.10 29.03
C GLN F 369 2.18 -38.61 30.48
N MET F 370 1.67 -37.41 30.74
CA MET F 370 1.60 -36.92 32.11
C MET F 370 0.64 -37.76 32.96
N LEU F 371 -0.44 -38.27 32.35
CA LEU F 371 -1.37 -39.14 33.06
C LEU F 371 -0.69 -40.40 33.58
N THR F 372 0.32 -40.89 32.88
CA THR F 372 1.06 -42.08 33.29
C THR F 372 2.23 -41.69 34.19
S SO4 G . 11.42 12.30 33.18
O1 SO4 G . 11.78 12.94 31.91
O2 SO4 G . 11.97 10.94 33.22
O3 SO4 G . 11.95 13.08 34.32
O4 SO4 G . 9.95 12.21 33.22
S SO4 H . 24.22 25.33 1.95
O1 SO4 H . 23.51 25.44 0.67
O2 SO4 H . 25.67 25.27 1.74
O3 SO4 H . 23.79 24.10 2.60
O4 SO4 H . 23.86 26.50 2.75
S SO4 I . 14.06 15.30 -31.21
O1 SO4 I . 14.14 15.52 -32.66
O2 SO4 I . 15.28 14.60 -30.80
O3 SO4 I . 12.86 14.51 -30.86
O4 SO4 I . 13.93 16.60 -30.54
S SO4 J . -10.92 -11.16 -30.61
O1 SO4 J . -11.08 -10.91 -32.04
O2 SO4 J . -9.90 -10.27 -30.01
O3 SO4 J . -12.21 -10.90 -29.96
O4 SO4 J . -10.45 -12.54 -30.47
S SO4 K . -27.45 -25.60 -2.02
O1 SO4 K . -28.34 -25.44 -3.15
O2 SO4 K . -26.28 -26.40 -2.38
O3 SO4 K . -28.18 -26.28 -0.95
O4 SO4 K . -27.08 -24.25 -1.52
S SO4 L . -14.29 -12.13 28.41
O1 SO4 L . -14.94 -12.33 27.12
O2 SO4 L . -13.69 -10.79 28.34
O3 SO4 L . -15.25 -12.23 29.52
O4 SO4 L . -13.27 -13.16 28.64
#